data_9HLA
#
_entry.id   9HLA
#
_cell.length_a   1.00
_cell.length_b   1.00
_cell.length_c   1.00
_cell.angle_alpha   90.00
_cell.angle_beta   90.00
_cell.angle_gamma   90.00
#
loop_
_entity.id
_entity.type
_entity.pdbx_description
1 polymer Mucolipin-1
2 branched 2-acetamido-2-deoxy-beta-D-glucopyranose-(1-4)-2-acetamido-2-deoxy-beta-D-glucopyranose
3 non-polymer '(2R)-3-{[(S)-hydroxy{[(1S,2R,3R,4S,5S,6R)-2,4,6-trihydroxy-3,5-bis(phosphonooxy)cyclohexyl]oxy}phosphoryl]oxy}propane-1,2-diyl dioctanoate'
4 non-polymer HEXANE
5 non-polymer DODECANE
6 non-polymer DECANE
7 non-polymer N-OCTANE
8 non-polymer 'DIUNDECYL PHOSPHATIDYL CHOLINE'
9 non-polymer N-[(1R,2R)-2-[4-(2-methoxyphenyl)piperazin-1-yl]cyclohexyl]benzenesulfonamide
10 non-polymer Octadecane
11 water water
#
_entity_poly.entity_id   1
_entity_poly.type   'polypeptide(L)'
_entity_poly.pdbx_seq_one_letter_code
;MHHHHHHHHGGSDYKDHDGDYKDHDIDYKDDDDKGGSGGSENLYFQGPGTAPAGPRGSETERLLTPNPGYGTQAGPSPAP
PTPPEEEDLRRRLKYFFMSPCDKFRAKGRKPCKLMLQVVKILVVTVQLILFGLSNQLAVTFREENTIAFRHLFLLGYSDG
ADDTFAAYTREQLYQAIFHAVDQYLALPDVSLGRYAYVRGGGDPWTNGSGLALCQRYYHRGHVDPANDTFDIDPMVVTDC
IQVDPPERPPPPPSDDLTLLESSSSYKNLTLKFHKLVNVTIHFRLKTINLQSLINNEIPDCYTFSVLITFDNKAHSGRIP
ISLETQAHIQECKHPSVFQHGDNSFRLLFDVVVILTCSLSFLLCARSLLRGFLLQNEFVGFMWRQRGRVISLWERLEFVN
GWYILLVTSDVLTISGTIMKIGIEAKNLASYDVCSILLGTSTLLVWVGVIRYLTFFHNYNILIATLRVALPSVMRFCCCV
AVIYLGYCFCGWIVLGPYHVKFRSLSMVSECLFSLINGDDMFVTFAAMQAQQGRSSLVWLFSQLYLYSFISLFIYMVLSL
FIALITGAYDTIKHPGGAGAEESELQAYIAQCQDSPTSGKFRRGSGSACSLLCCCGRDPSEEHSLLVN
;
_entity_poly.pdbx_strand_id   A,B,C,D
#
# COMPACT_ATOMS: atom_id res chain seq x y z
N LEU A 89 13.48 -58.17 25.30
CA LEU A 89 13.40 -57.24 24.18
C LEU A 89 12.35 -56.17 24.45
N ARG A 90 11.27 -56.56 25.13
CA ARG A 90 10.19 -55.61 25.40
C ARG A 90 10.70 -54.45 26.26
N ARG A 91 11.51 -54.75 27.29
CA ARG A 91 12.02 -53.70 28.15
C ARG A 91 12.91 -52.73 27.38
N ARG A 92 13.81 -53.26 26.55
CA ARG A 92 14.69 -52.39 25.78
C ARG A 92 13.90 -51.54 24.80
N LEU A 93 12.89 -52.12 24.15
CA LEU A 93 12.05 -51.35 23.25
C LEU A 93 11.30 -50.25 23.99
N LYS A 94 10.77 -50.57 25.18
CA LYS A 94 10.06 -49.57 25.95
C LYS A 94 10.99 -48.43 26.36
N TYR A 95 12.22 -48.76 26.77
CA TYR A 95 13.18 -47.73 27.16
C TYR A 95 13.61 -46.89 25.96
N PHE A 96 13.69 -47.49 24.77
CA PHE A 96 14.10 -46.75 23.59
C PHE A 96 13.13 -45.61 23.29
N PHE A 97 11.84 -45.84 23.51
CA PHE A 97 10.81 -44.85 23.26
C PHE A 97 10.48 -44.01 24.48
N MET A 98 11.19 -44.20 25.59
CA MET A 98 10.95 -43.40 26.78
C MET A 98 11.32 -41.94 26.53
N SER A 99 10.62 -41.05 27.24
CA SER A 99 10.95 -39.64 27.18
C SER A 99 12.24 -39.38 27.94
N PRO A 100 12.90 -38.24 27.71
CA PRO A 100 14.15 -37.97 28.43
C PRO A 100 14.01 -38.05 29.93
N CYS A 101 12.90 -37.55 30.48
CA CYS A 101 12.69 -37.64 31.93
C CYS A 101 12.58 -39.09 32.37
N ASP A 102 11.82 -39.90 31.63
CA ASP A 102 11.68 -41.32 31.98
C ASP A 102 13.01 -42.04 31.84
N LYS A 103 13.79 -41.72 30.80
CA LYS A 103 15.09 -42.34 30.64
C LYS A 103 16.01 -42.00 31.80
N PHE A 104 16.01 -40.73 32.23
CA PHE A 104 16.82 -40.34 33.37
C PHE A 104 16.37 -41.05 34.63
N ARG A 105 15.05 -41.17 34.84
CA ARG A 105 14.55 -41.88 36.01
C ARG A 105 14.97 -43.34 35.98
N ALA A 106 14.94 -43.97 34.81
CA ALA A 106 15.21 -45.40 34.72
C ALA A 106 16.70 -45.68 34.87
N LYS A 107 17.54 -45.15 33.97
CA LYS A 107 18.95 -45.48 33.95
C LYS A 107 19.84 -44.42 34.56
N GLY A 108 19.35 -43.20 34.75
CA GLY A 108 20.11 -42.17 35.41
C GLY A 108 21.23 -41.56 34.58
N ARG A 109 21.32 -41.90 33.30
CA ARG A 109 22.36 -41.33 32.46
C ARG A 109 22.14 -39.83 32.27
N LYS A 110 23.20 -39.07 32.37
CA LYS A 110 23.10 -37.62 32.25
C LYS A 110 22.68 -37.24 30.84
N PRO A 111 21.67 -36.38 30.66
CA PRO A 111 21.26 -36.02 29.30
C PRO A 111 22.23 -35.06 28.64
N CYS A 112 23.37 -35.60 28.19
CA CYS A 112 24.39 -34.76 27.57
C CYS A 112 23.87 -34.10 26.29
N LYS A 113 23.08 -34.84 25.51
CA LYS A 113 22.66 -34.34 24.21
C LYS A 113 21.78 -33.11 24.34
N LEU A 114 20.91 -33.06 25.35
CA LEU A 114 20.04 -31.90 25.51
C LEU A 114 20.85 -30.64 25.79
N MET A 115 21.78 -30.73 26.75
CA MET A 115 22.63 -29.60 27.06
C MET A 115 23.46 -29.19 25.84
N LEU A 116 23.96 -30.18 25.11
CA LEU A 116 24.73 -29.88 23.90
C LEU A 116 23.88 -29.13 22.89
N GLN A 117 22.62 -29.54 22.72
CA GLN A 117 21.74 -28.85 21.78
C GLN A 117 21.47 -27.41 22.22
N VAL A 118 21.29 -27.19 23.52
CA VAL A 118 21.08 -25.82 23.99
C VAL A 118 22.30 -24.96 23.72
N VAL A 119 23.48 -25.49 24.03
CA VAL A 119 24.71 -24.76 23.77
C VAL A 119 24.88 -24.50 22.28
N LYS A 120 24.49 -25.48 21.45
CA LYS A 120 24.58 -25.32 20.01
C LYS A 120 23.69 -24.20 19.53
N ILE A 121 22.45 -24.15 20.03
CA ILE A 121 21.55 -23.06 19.66
C ILE A 121 22.19 -21.72 19.99
N LEU A 122 22.72 -21.61 21.22
CA LEU A 122 23.30 -20.34 21.64
C LEU A 122 24.46 -19.93 20.75
N VAL A 123 25.42 -20.83 20.54
CA VAL A 123 26.63 -20.46 19.81
C VAL A 123 26.32 -20.21 18.34
N VAL A 124 25.43 -21.01 17.75
CA VAL A 124 25.08 -20.82 16.35
C VAL A 124 24.40 -19.46 16.15
N THR A 125 23.49 -19.09 17.06
CA THR A 125 22.83 -17.80 16.94
C THR A 125 23.84 -16.65 17.09
N VAL A 126 24.75 -16.76 18.05
CA VAL A 126 25.74 -15.70 18.23
C VAL A 126 26.62 -15.57 17.00
N GLN A 127 27.05 -16.70 16.45
CA GLN A 127 27.89 -16.67 15.26
C GLN A 127 27.16 -16.03 14.09
N LEU A 128 25.88 -16.39 13.89
CA LEU A 128 25.12 -15.79 12.81
C LEU A 128 24.99 -14.28 12.98
N ILE A 129 24.73 -13.84 14.21
CA ILE A 129 24.58 -12.40 14.46
C ILE A 129 25.88 -11.68 14.14
N LEU A 130 27.01 -12.22 14.59
CA LEU A 130 28.29 -11.58 14.33
C LEU A 130 28.58 -11.53 12.83
N PHE A 131 28.32 -12.62 12.12
CA PHE A 131 28.58 -12.65 10.68
C PHE A 131 27.72 -11.62 9.95
N GLY A 132 26.44 -11.54 10.29
CA GLY A 132 25.58 -10.55 9.65
C GLY A 132 26.02 -9.12 9.93
N LEU A 133 26.39 -8.85 11.19
CA LEU A 133 26.89 -7.53 11.53
C LEU A 133 28.12 -7.18 10.71
N SER A 134 29.04 -8.13 10.54
CA SER A 134 30.24 -7.87 9.77
C SER A 134 29.92 -7.64 8.29
N ASN A 135 29.01 -8.43 7.73
CA ASN A 135 28.75 -8.37 6.29
CA ASN A 135 28.75 -8.36 6.29
C ASN A 135 27.97 -7.11 5.89
N GLN A 136 27.05 -6.65 6.73
CA GLN A 136 26.28 -5.48 6.37
C GLN A 136 27.17 -4.25 6.18
N LEU A 137 28.29 -4.16 6.90
CA LEU A 137 29.19 -3.04 6.73
C LEU A 137 29.79 -3.01 5.33
N ALA A 138 30.26 -4.16 4.85
CA ALA A 138 30.81 -4.23 3.50
C ALA A 138 29.74 -3.96 2.46
N VAL A 139 28.53 -4.47 2.69
CA VAL A 139 27.43 -4.21 1.76
C VAL A 139 27.18 -2.71 1.66
N THR A 140 27.14 -2.03 2.81
CA THR A 140 26.93 -0.59 2.82
C THR A 140 28.06 0.13 2.09
N PHE A 141 29.30 -0.28 2.31
CA PHE A 141 30.43 0.35 1.64
C PHE A 141 30.29 0.25 0.13
N ARG A 142 30.00 -0.95 -0.37
CA ARG A 142 29.87 -1.13 -1.81
C ARG A 142 28.70 -0.33 -2.37
N GLU A 143 27.56 -0.33 -1.67
CA GLU A 143 26.39 0.38 -2.17
C GLU A 143 26.65 1.89 -2.22
N GLU A 144 27.28 2.44 -1.17
CA GLU A 144 27.58 3.86 -1.17
C GLU A 144 28.56 4.24 -2.27
N ASN A 145 29.59 3.42 -2.49
CA ASN A 145 30.52 3.71 -3.56
C ASN A 145 29.82 3.67 -4.91
N THR A 146 28.90 2.71 -5.11
CA THR A 146 28.18 2.64 -6.39
C THR A 146 27.29 3.86 -6.59
N ILE A 147 26.62 4.33 -5.54
CA ILE A 147 25.80 5.53 -5.65
C ILE A 147 26.67 6.73 -6.00
N ALA A 148 27.83 6.85 -5.35
CA ALA A 148 28.75 7.94 -5.67
C ALA A 148 29.19 7.87 -7.13
N PHE A 149 29.49 6.65 -7.62
CA PHE A 149 29.89 6.50 -9.01
C PHE A 149 28.77 6.92 -9.96
N ARG A 150 27.53 6.56 -9.64
CA ARG A 150 26.41 6.97 -10.48
C ARG A 150 26.28 8.49 -10.51
N HIS A 151 26.44 9.14 -9.37
CA HIS A 151 26.36 10.60 -9.35
C HIS A 151 27.54 11.25 -10.03
N LEU A 152 28.69 10.56 -10.09
CA LEU A 152 29.88 11.15 -10.69
C LEU A 152 29.90 11.00 -12.21
N PHE A 153 29.52 9.83 -12.71
CA PHE A 153 29.79 9.49 -14.12
C PHE A 153 28.56 9.56 -15.02
N LEU A 154 27.35 9.60 -14.46
CA LEU A 154 26.13 9.65 -15.27
C LEU A 154 25.65 11.09 -15.33
N LEU A 155 25.50 11.61 -16.55
CA LEU A 155 25.16 13.01 -16.76
C LEU A 155 23.67 13.22 -16.50
N GLY A 156 23.36 14.16 -15.61
CA GLY A 156 21.98 14.45 -15.28
C GLY A 156 21.30 13.40 -14.45
N TYR A 157 22.05 12.56 -13.76
CA TYR A 157 21.46 11.51 -12.95
C TYR A 157 20.90 12.06 -11.65
N SER A 158 19.77 11.51 -11.21
CA SER A 158 19.18 11.86 -9.93
C SER A 158 18.71 10.59 -9.25
N ASP A 159 18.66 10.63 -7.92
CA ASP A 159 18.28 9.46 -7.15
C ASP A 159 16.87 9.01 -7.50
N GLY A 160 16.68 7.69 -7.56
CA GLY A 160 15.38 7.14 -7.87
C GLY A 160 15.03 7.07 -9.33
N ALA A 161 15.99 7.31 -10.23
CA ALA A 161 15.76 7.34 -11.67
C ALA A 161 16.49 6.21 -12.38
N ASP A 162 16.89 5.16 -11.66
CA ASP A 162 17.68 4.11 -12.28
C ASP A 162 16.92 3.40 -13.38
N ASP A 163 15.62 3.17 -13.17
CA ASP A 163 14.86 2.36 -14.12
C ASP A 163 14.57 3.12 -15.41
N THR A 164 14.31 4.42 -15.32
CA THR A 164 13.91 5.21 -16.48
C THR A 164 15.04 6.02 -17.08
N PHE A 165 16.27 5.90 -16.56
CA PHE A 165 17.39 6.67 -17.09
C PHE A 165 17.72 6.19 -18.50
N ALA A 166 17.57 7.08 -19.48
CA ALA A 166 17.80 6.70 -20.87
C ALA A 166 18.11 7.94 -21.69
N ALA A 167 18.67 7.71 -22.87
CA ALA A 167 18.92 8.75 -23.86
C ALA A 167 17.95 8.59 -25.01
N TYR A 168 17.63 9.72 -25.66
CA TYR A 168 16.65 9.73 -26.74
C TYR A 168 17.12 10.45 -27.99
N THR A 169 18.25 11.15 -27.95
CA THR A 169 18.80 11.80 -29.13
C THR A 169 20.28 11.47 -29.22
N ARG A 170 20.82 11.57 -30.43
CA ARG A 170 22.25 11.32 -30.64
C ARG A 170 23.09 12.28 -29.83
N GLU A 171 22.63 13.53 -29.71
CA GLU A 171 23.35 14.52 -28.93
C GLU A 171 23.42 14.11 -27.46
N GLN A 172 22.30 13.62 -26.91
CA GLN A 172 22.30 13.18 -25.52
C GLN A 172 23.28 12.02 -25.31
N LEU A 173 23.30 11.06 -26.23
CA LEU A 173 24.18 9.91 -26.08
C LEU A 173 25.65 10.34 -26.13
N TYR A 174 26.00 11.17 -27.10
CA TYR A 174 27.37 11.66 -27.18
C TYR A 174 27.75 12.42 -25.92
N GLN A 175 26.85 13.28 -25.44
CA GLN A 175 27.14 14.07 -24.24
C GLN A 175 27.35 13.16 -23.04
N ALA A 176 26.51 12.14 -22.87
CA ALA A 176 26.66 11.23 -21.75
C ALA A 176 27.99 10.49 -21.80
N ILE A 177 28.35 9.97 -22.99
CA ILE A 177 29.60 9.23 -23.11
C ILE A 177 30.78 10.12 -22.79
N PHE A 178 30.81 11.31 -23.38
CA PHE A 178 31.94 12.21 -23.17
C PHE A 178 32.00 12.69 -21.72
N HIS A 179 30.84 12.91 -21.09
CA HIS A 179 30.82 13.29 -19.69
C HIS A 179 31.40 12.18 -18.82
N ALA A 180 31.04 10.93 -19.09
CA ALA A 180 31.59 9.83 -18.31
C ALA A 180 33.10 9.76 -18.44
N VAL A 181 33.61 9.87 -19.68
CA VAL A 181 35.06 9.78 -19.86
C VAL A 181 35.77 10.96 -19.21
N ASP A 182 35.23 12.17 -19.36
CA ASP A 182 35.85 13.35 -18.77
C ASP A 182 35.86 13.26 -17.25
N GLN A 183 34.77 12.78 -16.65
CA GLN A 183 34.73 12.62 -15.21
C GLN A 183 35.70 11.55 -14.75
N TYR A 184 35.91 10.50 -15.54
CA TYR A 184 36.94 9.53 -15.22
C TYR A 184 38.31 10.19 -15.20
N LEU A 185 38.58 11.06 -16.18
CA LEU A 185 39.89 11.71 -16.24
C LEU A 185 40.08 12.77 -15.17
N ALA A 186 39.01 13.34 -14.62
CA ALA A 186 39.10 14.39 -13.63
C ALA A 186 38.88 13.89 -12.20
N LEU A 187 38.77 12.57 -12.02
CA LEU A 187 38.38 12.04 -10.72
C LEU A 187 39.27 12.49 -9.57
N PRO A 188 40.60 12.52 -9.70
CA PRO A 188 41.43 12.90 -8.54
C PRO A 188 41.14 14.27 -7.99
N ASP A 189 40.72 15.22 -8.83
CA ASP A 189 40.54 16.60 -8.40
C ASP A 189 39.12 16.90 -7.91
N VAL A 190 38.15 16.04 -8.17
CA VAL A 190 36.75 16.37 -7.91
C VAL A 190 36.13 15.42 -6.89
N SER A 191 36.65 14.20 -6.82
CA SER A 191 36.00 13.18 -6.02
C SER A 191 36.24 13.39 -4.53
N LEU A 192 35.21 13.14 -3.72
CA LEU A 192 35.36 13.15 -2.28
C LEU A 192 36.06 11.89 -1.78
N GLY A 193 35.95 10.78 -2.52
CA GLY A 193 36.69 9.59 -2.18
C GLY A 193 38.11 9.60 -2.73
N ARG A 194 38.90 8.65 -2.24
CA ARG A 194 40.29 8.49 -2.66
C ARG A 194 40.37 7.22 -3.49
N TYR A 195 40.64 7.38 -4.78
CA TYR A 195 40.66 6.26 -5.71
C TYR A 195 41.99 6.25 -6.46
N ALA A 196 42.40 5.04 -6.85
CA ALA A 196 43.62 4.84 -7.62
C ALA A 196 43.26 4.19 -8.95
N TYR A 197 44.00 4.55 -9.99
CA TYR A 197 43.77 4.01 -11.32
C TYR A 197 44.41 2.63 -11.45
N VAL A 198 43.76 1.76 -12.20
CA VAL A 198 44.26 0.43 -12.54
C VAL A 198 44.48 0.38 -14.04
N ARG A 199 45.67 -0.03 -14.46
CA ARG A 199 46.08 0.01 -15.85
C ARG A 199 46.27 -1.40 -16.40
N GLY A 200 45.81 -1.61 -17.63
CA GLY A 200 46.05 -2.87 -18.31
C GLY A 200 45.50 -4.05 -17.54
N GLY A 201 46.32 -5.09 -17.41
CA GLY A 201 45.95 -6.25 -16.64
C GLY A 201 44.80 -7.07 -17.22
N GLY A 202 44.80 -7.30 -18.53
CA GLY A 202 43.84 -8.20 -19.12
C GLY A 202 43.08 -7.63 -20.30
N ASP A 203 41.80 -7.94 -20.37
CA ASP A 203 40.90 -7.50 -21.42
C ASP A 203 39.62 -6.97 -20.77
N PRO A 204 38.99 -5.93 -21.34
CA PRO A 204 39.26 -5.24 -22.62
C PRO A 204 40.31 -4.15 -22.56
N TRP A 205 41.17 -4.11 -21.56
CA TRP A 205 42.17 -3.05 -21.41
C TRP A 205 43.49 -3.51 -21.99
N THR A 206 44.01 -2.76 -22.96
CA THR A 206 45.36 -3.00 -23.43
C THR A 206 46.37 -2.55 -22.37
N ASN A 207 47.61 -2.97 -22.54
CA ASN A 207 48.65 -2.60 -21.58
C ASN A 207 48.75 -1.08 -21.48
N GLY A 208 48.76 -0.57 -20.25
CA GLY A 208 48.85 0.84 -20.00
C GLY A 208 47.55 1.61 -20.13
N SER A 209 46.44 0.93 -20.39
CA SER A 209 45.14 1.59 -20.57
C SER A 209 44.29 1.39 -19.33
N GLY A 210 43.65 2.48 -18.89
CA GLY A 210 42.80 2.42 -17.71
C GLY A 210 41.33 2.31 -18.05
N LEU A 211 40.89 2.98 -19.12
CA LEU A 211 39.49 3.00 -19.52
C LEU A 211 39.34 2.44 -20.93
N ALA A 212 38.34 1.60 -21.12
CA ALA A 212 38.03 1.00 -22.42
C ALA A 212 36.64 1.43 -22.83
N LEU A 213 36.53 2.09 -23.98
CA LEU A 213 35.25 2.58 -24.51
C LEU A 213 34.95 1.78 -25.78
N CYS A 214 34.09 0.78 -25.66
CA CYS A 214 33.79 -0.14 -26.75
C CYS A 214 32.42 0.17 -27.33
N GLN A 215 32.30 0.05 -28.65
CA GLN A 215 31.01 0.10 -29.33
C GLN A 215 30.86 -1.18 -30.13
N ARG A 216 29.70 -1.83 -29.99
CA ARG A 216 29.40 -3.09 -30.65
C ARG A 216 28.25 -2.87 -31.61
N TYR A 217 28.46 -3.22 -32.88
CA TYR A 217 27.47 -3.07 -33.94
C TYR A 217 27.46 -4.33 -34.78
N TYR A 218 26.73 -4.31 -35.89
CA TYR A 218 26.63 -5.46 -36.78
C TYR A 218 27.67 -5.38 -37.88
N HIS A 219 28.11 -6.56 -38.35
CA HIS A 219 29.12 -6.61 -39.41
C HIS A 219 28.61 -5.93 -40.67
N ARG A 220 27.42 -6.30 -41.12
CA ARG A 220 26.72 -5.64 -42.22
C ARG A 220 25.34 -5.27 -41.74
N GLY A 221 24.93 -4.02 -41.95
CA GLY A 221 23.73 -3.51 -41.33
C GLY A 221 22.84 -2.65 -42.21
N HIS A 222 22.68 -2.96 -43.49
CA HIS A 222 21.88 -2.11 -44.36
C HIS A 222 20.42 -2.17 -43.93
N VAL A 223 19.82 -1.01 -43.64
CA VAL A 223 18.43 -0.93 -43.21
C VAL A 223 17.76 0.20 -43.97
N ASP A 224 16.66 -0.10 -44.65
CA ASP A 224 15.91 0.87 -45.46
C ASP A 224 14.43 0.70 -45.16
N PRO A 225 13.93 1.31 -44.08
CA PRO A 225 12.49 1.20 -43.78
C PRO A 225 11.61 1.83 -44.83
N ALA A 226 12.13 2.77 -45.62
CA ALA A 226 11.32 3.38 -46.68
C ALA A 226 10.91 2.34 -47.71
N ASN A 227 11.82 1.44 -48.07
CA ASN A 227 11.55 0.37 -49.03
C ASN A 227 11.26 -0.95 -48.34
N ASP A 228 11.07 -0.96 -47.02
CA ASP A 228 10.79 -2.18 -46.28
C ASP A 228 11.87 -3.24 -46.52
N THR A 229 13.12 -2.80 -46.62
CA THR A 229 14.22 -3.67 -46.99
C THR A 229 15.30 -3.67 -45.92
N PHE A 230 16.00 -4.79 -45.79
CA PHE A 230 17.13 -4.85 -44.88
C PHE A 230 18.04 -6.00 -45.26
N ASP A 231 19.33 -5.79 -45.04
CA ASP A 231 20.37 -6.81 -45.26
C ASP A 231 21.31 -6.75 -44.07
N ILE A 232 21.20 -7.74 -43.19
CA ILE A 232 21.93 -7.77 -41.93
C ILE A 232 22.74 -9.04 -41.84
N ASP A 233 23.98 -8.90 -41.39
CA ASP A 233 24.79 -10.04 -40.96
C ASP A 233 24.84 -10.00 -39.44
N PRO A 234 24.14 -10.90 -38.74
CA PRO A 234 24.01 -10.75 -37.28
C PRO A 234 25.33 -10.81 -36.51
N MET A 235 26.44 -11.13 -37.18
CA MET A 235 27.73 -11.13 -36.49
C MET A 235 28.03 -9.77 -35.91
N VAL A 236 28.49 -9.74 -34.67
CA VAL A 236 28.72 -8.51 -33.93
C VAL A 236 30.19 -8.15 -34.00
N VAL A 237 30.48 -6.90 -34.38
CA VAL A 237 31.83 -6.36 -34.44
C VAL A 237 31.99 -5.38 -33.29
N THR A 238 33.13 -5.46 -32.60
CA THR A 238 33.44 -4.61 -31.46
C THR A 238 34.63 -3.73 -31.80
N ASP A 239 34.51 -2.44 -31.49
CA ASP A 239 35.58 -1.46 -31.70
C ASP A 239 35.74 -0.64 -30.43
N CYS A 240 36.92 -0.72 -29.81
CA CYS A 240 37.18 -0.01 -28.57
C CYS A 240 38.31 0.99 -28.71
N ILE A 241 38.10 2.14 -28.08
CA ILE A 241 39.13 3.15 -27.86
C ILE A 241 39.69 2.94 -26.46
N GLN A 242 40.99 3.15 -26.30
CA GLN A 242 41.66 2.97 -25.02
C GLN A 242 42.12 4.34 -24.51
N VAL A 243 41.74 4.67 -23.28
CA VAL A 243 42.09 5.93 -22.65
C VAL A 243 43.00 5.61 -21.47
N ASP A 244 44.22 6.16 -21.51
CA ASP A 244 45.15 6.04 -20.40
C ASP A 244 44.83 7.10 -19.35
N PRO A 245 44.85 6.75 -18.06
CA PRO A 245 44.60 7.76 -17.04
C PRO A 245 45.71 8.80 -17.05
N PRO A 246 45.40 10.03 -16.65
CA PRO A 246 46.37 11.14 -16.76
C PRO A 246 47.56 10.99 -15.83
N SER A 264 43.02 13.69 -26.76
CA SER A 264 41.70 13.13 -26.47
C SER A 264 41.11 12.47 -27.71
N SER A 265 41.68 11.33 -28.11
CA SER A 265 41.20 10.64 -29.29
C SER A 265 39.78 10.13 -29.11
N TYR A 266 39.37 9.87 -27.86
CA TYR A 266 38.01 9.39 -27.62
C TYR A 266 36.97 10.41 -28.04
N LYS A 267 37.35 11.68 -28.14
CA LYS A 267 36.43 12.71 -28.61
C LYS A 267 36.11 12.58 -30.09
N ASN A 268 36.86 11.76 -30.83
CA ASN A 268 36.59 11.50 -32.24
C ASN A 268 35.67 10.30 -32.44
N LEU A 269 35.04 9.81 -31.38
CA LEU A 269 34.15 8.66 -31.50
C LEU A 269 33.03 8.95 -32.48
N THR A 270 32.76 7.99 -33.36
CA THR A 270 31.68 8.08 -34.33
C THR A 270 30.83 6.82 -34.21
N LEU A 271 29.57 6.99 -33.82
CA LEU A 271 28.69 5.86 -33.56
C LEU A 271 27.93 5.49 -34.83
N LYS A 272 27.82 4.18 -35.07
CA LYS A 272 27.05 3.65 -36.20
C LYS A 272 25.64 3.36 -35.71
N PHE A 273 24.83 4.43 -35.67
CA PHE A 273 23.55 4.37 -34.97
C PHE A 273 22.63 3.32 -35.58
N HIS A 274 22.57 3.23 -36.91
CA HIS A 274 21.60 2.36 -37.55
C HIS A 274 21.87 0.88 -37.28
N LYS A 275 23.11 0.50 -36.96
CA LYS A 275 23.45 -0.89 -36.67
C LYS A 275 24.09 -1.07 -35.31
N LEU A 276 24.01 -0.07 -34.43
CA LEU A 276 24.64 -0.14 -33.12
C LEU A 276 23.93 -1.16 -32.24
N VAL A 277 24.69 -2.05 -31.62
CA VAL A 277 24.14 -2.99 -30.65
C VAL A 277 24.22 -2.42 -29.24
N ASN A 278 25.39 -1.94 -28.83
CA ASN A 278 25.48 -1.23 -27.55
C ASN A 278 26.80 -0.48 -27.47
N VAL A 279 26.94 0.31 -26.42
CA VAL A 279 28.19 0.97 -26.06
C VAL A 279 28.48 0.65 -24.61
N THR A 280 29.75 0.39 -24.31
CA THR A 280 30.16 0.09 -22.94
C THR A 280 31.41 0.87 -22.59
N ILE A 281 31.51 1.25 -21.33
CA ILE A 281 32.70 1.87 -20.75
C ILE A 281 33.12 1.03 -19.56
N HIS A 282 34.36 0.54 -19.59
CA HIS A 282 34.89 -0.32 -18.55
C HIS A 282 36.10 0.36 -17.93
N PHE A 283 36.15 0.41 -16.60
CA PHE A 283 37.37 0.82 -15.92
C PHE A 283 37.36 0.24 -14.51
N ARG A 284 38.48 0.42 -13.81
CA ARG A 284 38.63 -0.09 -12.45
C ARG A 284 39.22 0.99 -11.56
N LEU A 285 38.77 1.00 -10.31
CA LEU A 285 39.24 1.95 -9.31
C LEU A 285 39.63 1.21 -8.04
N LYS A 286 40.75 1.59 -7.45
CA LYS A 286 41.24 0.99 -6.22
C LYS A 286 41.01 1.94 -5.06
N THR A 287 40.46 1.42 -3.96
CA THR A 287 40.22 2.21 -2.78
C THR A 287 40.51 1.37 -1.55
N ILE A 288 40.56 2.03 -0.39
CA ILE A 288 40.79 1.39 0.89
C ILE A 288 39.58 1.66 1.78
N ASN A 289 39.06 0.60 2.39
CA ASN A 289 37.87 0.70 3.24
C ASN A 289 38.30 1.12 4.64
N LEU A 290 38.38 2.44 4.86
CA LEU A 290 38.72 2.96 6.17
C LEU A 290 37.58 2.83 7.16
N GLN A 291 36.36 2.60 6.69
CA GLN A 291 35.23 2.42 7.60
C GLN A 291 35.41 1.22 8.51
N SER A 292 36.31 0.30 8.16
CA SER A 292 36.56 -0.86 8.99
C SER A 292 37.18 -0.49 10.34
N LEU A 293 37.80 0.68 10.46
CA LEU A 293 38.45 1.05 11.70
C LEU A 293 37.49 0.97 12.88
N ILE A 294 36.32 1.60 12.75
CA ILE A 294 35.25 1.32 13.69
C ILE A 294 34.77 -0.11 13.47
N ASN A 295 34.35 -0.76 14.55
CA ASN A 295 34.08 -2.19 14.62
C ASN A 295 35.40 -2.95 14.79
N ASN A 296 36.53 -2.25 14.87
CA ASN A 296 37.82 -2.85 15.21
C ASN A 296 38.21 -3.95 14.20
N GLU A 297 38.40 -3.52 12.96
CA GLU A 297 38.92 -4.39 11.91
C GLU A 297 40.00 -3.63 11.14
N ILE A 298 40.92 -4.39 10.57
CA ILE A 298 41.97 -3.79 9.74
C ILE A 298 41.37 -3.44 8.38
N PRO A 299 41.58 -2.22 7.87
CA PRO A 299 41.04 -1.88 6.56
C PRO A 299 41.54 -2.83 5.48
N ASP A 300 40.65 -3.14 4.54
CA ASP A 300 40.96 -3.99 3.41
C ASP A 300 40.91 -3.18 2.12
N CYS A 301 41.45 -3.75 1.06
CA CYS A 301 41.62 -3.06 -0.21
C CYS A 301 40.56 -3.52 -1.20
N TYR A 302 39.78 -2.57 -1.72
CA TYR A 302 38.74 -2.86 -2.69
C TYR A 302 39.19 -2.45 -4.09
N THR A 303 38.85 -3.28 -5.07
CA THR A 303 38.94 -2.92 -6.47
C THR A 303 37.53 -2.98 -7.04
N PHE A 304 37.03 -1.83 -7.49
CA PHE A 304 35.72 -1.72 -8.11
C PHE A 304 35.91 -1.77 -9.62
N SER A 305 35.29 -2.75 -10.25
CA SER A 305 35.21 -2.83 -11.71
C SER A 305 33.89 -2.19 -12.11
N VAL A 306 33.97 -1.03 -12.76
CA VAL A 306 32.82 -0.24 -13.14
C VAL A 306 32.54 -0.46 -14.61
N LEU A 307 31.29 -0.80 -14.91
CA LEU A 307 30.79 -0.97 -16.27
C LEU A 307 29.59 -0.05 -16.47
N ILE A 308 29.69 0.83 -17.45
CA ILE A 308 28.59 1.71 -17.85
C ILE A 308 28.08 1.21 -19.20
N THR A 309 26.80 0.91 -19.29
CA THR A 309 26.19 0.35 -20.48
C THR A 309 25.16 1.30 -21.05
N PHE A 310 25.29 1.60 -22.34
CA PHE A 310 24.27 2.26 -23.14
C PHE A 310 23.72 1.20 -24.08
N ASP A 311 22.48 0.76 -23.81
CA ASP A 311 21.93 -0.44 -24.42
C ASP A 311 20.99 -0.09 -25.56
N ASN A 312 21.25 -0.66 -26.74
CA ASN A 312 20.44 -0.42 -27.93
C ASN A 312 19.99 -1.74 -28.56
N LYS A 313 19.76 -2.76 -27.75
CA LYS A 313 19.37 -4.06 -28.30
C LYS A 313 17.93 -4.08 -28.79
N ALA A 314 17.08 -3.17 -28.31
CA ALA A 314 15.71 -3.09 -28.78
C ALA A 314 15.57 -2.32 -30.08
N HIS A 315 16.51 -1.41 -30.38
CA HIS A 315 16.43 -0.57 -31.57
C HIS A 315 15.10 0.18 -31.63
N SER A 316 14.66 0.67 -30.48
CA SER A 316 13.36 1.32 -30.35
C SER A 316 13.44 2.83 -30.27
N GLY A 317 14.61 3.42 -30.53
CA GLY A 317 14.80 4.84 -30.35
C GLY A 317 15.05 5.27 -28.93
N ARG A 318 15.07 4.35 -27.98
CA ARG A 318 15.33 4.63 -26.58
C ARG A 318 16.49 3.75 -26.13
N ILE A 319 17.54 4.37 -25.62
CA ILE A 319 18.75 3.68 -25.22
C ILE A 319 18.93 3.83 -23.72
N PRO A 320 18.57 2.81 -22.94
CA PRO A 320 18.77 2.88 -21.48
C PRO A 320 20.24 2.94 -21.10
N ILE A 321 20.51 3.64 -20.01
CA ILE A 321 21.86 3.84 -19.49
C ILE A 321 21.91 3.28 -18.07
N SER A 322 22.90 2.44 -17.81
CA SER A 322 23.04 1.84 -16.48
C SER A 322 24.50 1.81 -16.08
N LEU A 323 24.73 1.78 -14.76
CA LEU A 323 26.06 1.66 -14.19
C LEU A 323 26.05 0.50 -13.19
N GLU A 324 27.04 -0.39 -13.30
CA GLU A 324 27.16 -1.52 -12.40
C GLU A 324 28.61 -1.63 -11.93
N THR A 325 28.78 -2.20 -10.74
CA THR A 325 30.10 -2.37 -10.15
C THR A 325 30.27 -3.80 -9.63
N GLN A 326 31.48 -4.30 -9.73
CA GLN A 326 31.89 -5.55 -9.09
C GLN A 326 33.02 -5.24 -8.12
N ALA A 327 32.92 -5.75 -6.90
CA ALA A 327 33.90 -5.49 -5.86
C ALA A 327 34.78 -6.73 -5.68
N HIS A 328 36.09 -6.55 -5.80
CA HIS A 328 37.07 -7.58 -5.48
C HIS A 328 37.85 -7.10 -4.26
N ILE A 329 37.80 -7.89 -3.19
CA ILE A 329 38.34 -7.49 -1.90
C ILE A 329 39.59 -8.29 -1.61
N GLN A 330 40.66 -7.58 -1.22
CA GLN A 330 41.93 -8.20 -0.89
C GLN A 330 42.42 -7.66 0.45
N GLU A 331 43.36 -8.37 1.04
CA GLU A 331 44.06 -7.85 2.21
C GLU A 331 45.11 -6.84 1.75
N CYS A 332 45.08 -5.64 2.33
CA CYS A 332 46.01 -4.61 1.91
C CYS A 332 47.43 -5.01 2.28
N LYS A 333 48.35 -4.81 1.34
CA LYS A 333 49.75 -5.13 1.58
C LYS A 333 50.42 -3.98 2.32
N HIS A 334 51.19 -4.32 3.35
CA HIS A 334 51.78 -3.34 4.26
C HIS A 334 50.70 -2.55 5.00
N PRO A 335 49.86 -3.20 5.80
CA PRO A 335 48.94 -2.45 6.66
C PRO A 335 49.68 -1.82 7.83
N SER A 336 49.07 -0.77 8.38
CA SER A 336 49.65 -0.09 9.54
C SER A 336 48.54 0.69 10.24
N VAL A 337 48.16 0.25 11.43
CA VAL A 337 47.19 0.94 12.27
C VAL A 337 47.80 1.11 13.66
N PHE A 338 47.78 2.34 14.16
CA PHE A 338 48.34 2.62 15.47
C PHE A 338 47.48 1.99 16.57
N SER A 344 41.58 -11.84 17.66
CA SER A 344 41.70 -13.28 17.53
C SER A 344 40.40 -13.98 17.92
N PHE A 345 39.47 -13.24 18.51
CA PHE A 345 38.18 -13.80 18.90
C PHE A 345 37.20 -13.84 17.74
N ARG A 346 37.64 -14.41 16.61
CA ARG A 346 36.75 -14.67 15.50
C ARG A 346 36.98 -16.08 14.97
N LEU A 347 38.21 -16.58 15.12
CA LEU A 347 38.53 -17.93 14.68
C LEU A 347 38.37 -18.95 15.82
N LEU A 348 38.67 -18.54 17.05
CA LEU A 348 38.44 -19.43 18.19
C LEU A 348 36.95 -19.75 18.33
N PHE A 349 36.09 -18.74 18.14
CA PHE A 349 34.65 -18.99 18.20
C PHE A 349 34.21 -19.92 17.09
N ASP A 350 34.78 -19.75 15.89
CA ASP A 350 34.43 -20.64 14.78
C ASP A 350 34.85 -22.08 15.09
N VAL A 351 36.03 -22.26 15.67
CA VAL A 351 36.48 -23.60 16.04
C VAL A 351 35.57 -24.19 17.11
N VAL A 352 35.14 -23.36 18.06
CA VAL A 352 34.21 -23.82 19.09
C VAL A 352 32.91 -24.29 18.46
N VAL A 353 32.39 -23.51 17.51
CA VAL A 353 31.15 -23.89 16.83
C VAL A 353 31.32 -25.20 16.10
N ILE A 354 32.44 -25.35 15.39
CA ILE A 354 32.68 -26.59 14.64
C ILE A 354 32.76 -27.79 15.57
N LEU A 355 33.44 -27.62 16.70
CA LEU A 355 33.56 -28.72 17.67
C LEU A 355 32.20 -29.10 18.23
N THR A 356 31.39 -28.10 18.60
CA THR A 356 30.05 -28.38 19.13
C THR A 356 29.21 -29.12 18.11
N CYS A 357 29.24 -28.66 16.85
CA CYS A 357 28.45 -29.32 15.81
C CYS A 357 28.93 -30.74 15.57
N SER A 358 30.25 -30.96 15.59
CA SER A 358 30.78 -32.30 15.38
C SER A 358 30.35 -33.24 16.50
N LEU A 359 30.41 -32.78 17.75
CA LEU A 359 29.96 -33.62 18.86
C LEU A 359 28.49 -33.94 18.75
N SER A 360 27.66 -32.94 18.41
CA SER A 360 26.24 -33.19 18.24
C SER A 360 26.00 -34.21 17.13
N PHE A 361 26.74 -34.08 16.02
CA PHE A 361 26.60 -35.03 14.93
C PHE A 361 26.95 -36.44 15.37
N LEU A 362 28.04 -36.58 16.13
CA LEU A 362 28.45 -37.92 16.58
C LEU A 362 27.37 -38.54 17.48
N LEU A 363 26.86 -37.77 18.42
CA LEU A 363 25.85 -38.31 19.33
C LEU A 363 24.57 -38.68 18.59
N CYS A 364 24.13 -37.82 17.66
CA CYS A 364 22.92 -38.12 16.91
C CYS A 364 23.10 -39.33 16.00
N ALA A 365 24.29 -39.48 15.41
CA ALA A 365 24.57 -40.67 14.61
C ALA A 365 24.54 -41.93 15.47
N ARG A 366 25.08 -41.85 16.68
CA ARG A 366 25.02 -42.99 17.59
C ARG A 366 23.57 -43.35 17.89
N SER A 367 22.74 -42.35 18.17
CA SER A 367 21.33 -42.60 18.47
C SER A 367 20.62 -43.23 17.27
N LEU A 368 20.88 -42.72 16.07
CA LEU A 368 20.25 -43.28 14.87
C LEU A 368 20.70 -44.72 14.64
N LEU A 369 21.98 -45.02 14.86
CA LEU A 369 22.44 -46.39 14.71
C LEU A 369 21.78 -47.31 15.72
N ARG A 370 21.62 -46.85 16.97
CA ARG A 370 20.93 -47.65 17.97
C ARG A 370 19.49 -47.92 17.53
N GLY A 371 18.82 -46.90 17.01
CA GLY A 371 17.46 -47.10 16.52
C GLY A 371 17.41 -48.11 15.39
N PHE A 372 18.36 -48.04 14.47
CA PHE A 372 18.39 -49.00 13.36
C PHE A 372 18.59 -50.42 13.86
N LEU A 373 19.52 -50.61 14.80
CA LEU A 373 19.76 -51.95 15.33
C LEU A 373 18.54 -52.48 16.06
N LEU A 374 17.89 -51.64 16.86
CA LEU A 374 16.69 -52.09 17.57
C LEU A 374 15.57 -52.42 16.60
N GLN A 375 15.44 -51.64 15.52
CA GLN A 375 14.45 -51.95 14.50
C GLN A 375 14.73 -53.30 13.87
N ASN A 376 15.99 -53.58 13.54
CA ASN A 376 16.33 -54.88 12.97
C ASN A 376 16.00 -56.01 13.93
N GLU A 377 16.32 -55.82 15.21
CA GLU A 377 16.01 -56.86 16.21
C GLU A 377 14.51 -57.10 16.29
N PHE A 378 13.72 -56.03 16.31
CA PHE A 378 12.27 -56.18 16.41
C PHE A 378 11.71 -56.87 15.18
N VAL A 379 12.20 -56.51 13.99
CA VAL A 379 11.73 -57.16 12.77
C VAL A 379 12.05 -58.65 12.80
N GLY A 380 13.28 -58.99 13.20
CA GLY A 380 13.64 -60.40 13.31
C GLY A 380 12.77 -61.15 14.29
N PHE A 381 12.49 -60.52 15.45
CA PHE A 381 11.64 -61.16 16.45
C PHE A 381 10.23 -61.39 15.91
N MET A 382 9.67 -60.39 15.24
CA MET A 382 8.30 -60.53 14.73
C MET A 382 8.23 -61.58 13.63
N TRP A 383 9.22 -61.61 12.74
CA TRP A 383 9.21 -62.62 11.68
C TRP A 383 9.27 -64.02 12.26
N ARG A 384 10.12 -64.23 13.26
CA ARG A 384 10.22 -65.51 13.94
C ARG A 384 8.91 -65.81 14.68
N LEU A 392 6.58 -51.00 5.93
CA LEU A 392 7.63 -50.00 6.04
C LEU A 392 7.20 -48.86 6.96
N TRP A 393 5.92 -48.51 6.92
CA TRP A 393 5.42 -47.43 7.76
C TRP A 393 5.65 -47.71 9.22
N GLU A 394 5.48 -48.97 9.65
CA GLU A 394 5.76 -49.33 11.02
C GLU A 394 7.25 -49.41 11.30
N ARG A 395 8.06 -49.71 10.28
CA ARG A 395 9.50 -49.77 10.47
C ARG A 395 10.06 -48.38 10.78
N LEU A 396 9.72 -47.39 9.94
CA LEU A 396 10.25 -46.04 10.14
C LEU A 396 9.81 -45.42 11.45
N GLU A 397 8.93 -46.09 12.21
CA GLU A 397 8.62 -45.64 13.56
C GLU A 397 9.86 -45.61 14.44
N PHE A 398 10.91 -46.37 14.09
CA PHE A 398 12.14 -46.34 14.84
C PHE A 398 13.05 -45.19 14.44
N VAL A 399 12.67 -44.40 13.44
CA VAL A 399 13.48 -43.27 12.99
C VAL A 399 13.05 -42.03 13.75
N ASN A 400 14.03 -41.31 14.30
CA ASN A 400 13.80 -40.08 15.05
C ASN A 400 14.06 -38.91 14.10
N GLY A 401 13.01 -38.39 13.48
CA GLY A 401 13.17 -37.31 12.52
C GLY A 401 13.81 -36.07 13.11
N TRP A 402 13.64 -35.86 14.42
CA TRP A 402 14.31 -34.73 15.07
C TRP A 402 15.82 -34.86 14.98
N TYR A 403 16.33 -36.09 15.13
CA TYR A 403 17.76 -36.29 15.01
C TYR A 403 18.25 -36.18 13.57
N ILE A 404 17.40 -36.53 12.60
CA ILE A 404 17.74 -36.25 11.21
C ILE A 404 17.88 -34.75 11.00
N LEU A 405 16.93 -33.98 11.56
CA LEU A 405 17.02 -32.53 11.47
C LEU A 405 18.30 -32.02 12.12
N LEU A 406 18.64 -32.56 13.29
CA LEU A 406 19.85 -32.12 14.00
C LEU A 406 21.10 -32.43 13.18
N VAL A 407 21.16 -33.62 12.59
CA VAL A 407 22.32 -33.99 11.78
C VAL A 407 22.43 -33.06 10.57
N THR A 408 21.31 -32.78 9.91
CA THR A 408 21.34 -31.85 8.78
C THR A 408 21.83 -30.48 9.20
N SER A 409 21.33 -29.98 10.33
CA SER A 409 21.77 -28.67 10.82
C SER A 409 23.25 -28.67 11.14
N ASP A 410 23.75 -29.75 11.74
CA ASP A 410 25.18 -29.83 12.06
C ASP A 410 26.03 -29.79 10.80
N VAL A 411 25.63 -30.56 9.78
CA VAL A 411 26.39 -30.57 8.53
C VAL A 411 26.37 -29.19 7.89
N LEU A 412 25.19 -28.57 7.82
CA LEU A 412 25.10 -27.24 7.22
C LEU A 412 25.94 -26.23 7.99
N THR A 413 25.91 -26.29 9.32
CA THR A 413 26.66 -25.33 10.10
C THR A 413 28.17 -25.52 9.92
N ILE A 414 28.63 -26.78 9.89
CA ILE A 414 30.06 -27.01 9.71
C ILE A 414 30.51 -26.50 8.35
N SER A 415 29.74 -26.80 7.30
CA SER A 415 30.10 -26.32 5.97
C SER A 415 30.12 -24.80 5.93
N GLY A 416 29.09 -24.17 6.49
CA GLY A 416 29.03 -22.71 6.47
C GLY A 416 30.15 -22.09 7.28
N THR A 417 30.54 -22.73 8.38
CA THR A 417 31.63 -22.21 9.20
C THR A 417 32.96 -22.30 8.47
N ILE A 418 33.20 -23.41 7.77
CA ILE A 418 34.43 -23.50 6.98
C ILE A 418 34.44 -22.44 5.89
N MET A 419 33.31 -22.27 5.20
CA MET A 419 33.25 -21.24 4.16
C MET A 419 33.45 -19.85 4.74
N LYS A 420 32.90 -19.59 5.92
CA LYS A 420 33.07 -18.30 6.58
C LYS A 420 34.51 -18.06 6.97
N ILE A 421 35.19 -19.08 7.49
CA ILE A 421 36.61 -18.94 7.82
C ILE A 421 37.39 -18.61 6.56
N GLY A 422 37.10 -19.30 5.46
CA GLY A 422 37.77 -18.97 4.21
C GLY A 422 37.50 -17.54 3.76
N ILE A 423 36.25 -17.10 3.87
CA ILE A 423 35.87 -15.78 3.40
C ILE A 423 36.58 -14.69 4.22
N GLU A 424 36.58 -14.84 5.55
CA GLU A 424 37.12 -13.81 6.40
C GLU A 424 38.64 -13.70 6.32
N ALA A 425 39.31 -14.67 5.73
CA ALA A 425 40.72 -14.57 5.42
C ALA A 425 40.97 -14.05 4.01
N LYS A 426 39.92 -13.71 3.27
CA LYS A 426 39.98 -13.21 1.90
C LYS A 426 40.35 -14.27 0.89
N ASN A 427 40.31 -15.55 1.27
CA ASN A 427 40.57 -16.64 0.35
C ASN A 427 39.33 -17.09 -0.41
N LEU A 428 38.15 -16.63 -0.03
CA LEU A 428 36.91 -16.99 -0.69
C LEU A 428 36.05 -15.75 -0.85
N ALA A 429 35.12 -15.82 -1.81
CA ALA A 429 34.21 -14.71 -2.07
C ALA A 429 32.77 -15.17 -2.27
N SER A 430 32.41 -16.36 -1.79
CA SER A 430 31.07 -16.91 -1.96
C SER A 430 30.24 -16.58 -0.73
N TYR A 431 29.83 -15.31 -0.65
CA TYR A 431 29.07 -14.84 0.51
C TYR A 431 27.65 -15.39 0.48
N ASP A 432 27.06 -15.51 -0.72
CA ASP A 432 25.67 -15.96 -0.81
C ASP A 432 25.52 -17.39 -0.31
N VAL A 433 26.41 -18.29 -0.74
CA VAL A 433 26.29 -19.70 -0.35
C VAL A 433 26.52 -19.84 1.16
N CYS A 434 27.54 -19.16 1.69
CA CYS A 434 27.80 -19.25 3.12
C CYS A 434 26.63 -18.72 3.93
N SER A 435 26.08 -17.57 3.51
CA SER A 435 24.95 -16.99 4.22
C SER A 435 23.75 -17.91 4.18
N ILE A 436 23.48 -18.52 3.02
CA ILE A 436 22.35 -19.42 2.90
C ILE A 436 22.54 -20.63 3.82
N LEU A 437 23.73 -21.20 3.83
CA LEU A 437 24.00 -22.36 4.68
C LEU A 437 23.79 -22.01 6.15
N LEU A 438 24.40 -20.91 6.59
CA LEU A 438 24.31 -20.56 8.01
C LEU A 438 22.88 -20.19 8.40
N GLY A 439 22.17 -19.46 7.56
CA GLY A 439 20.79 -19.10 7.88
C GLY A 439 19.88 -20.30 7.93
N THR A 440 20.03 -21.23 6.98
CA THR A 440 19.22 -22.44 7.00
C THR A 440 19.51 -23.27 8.24
N SER A 441 20.78 -23.40 8.62
CA SER A 441 21.12 -24.17 9.82
C SER A 441 20.55 -23.50 11.07
N THR A 442 20.61 -22.18 11.15
CA THR A 442 20.05 -21.48 12.30
C THR A 442 18.54 -21.67 12.37
N LEU A 443 17.86 -21.57 11.23
CA LEU A 443 16.43 -21.82 11.21
C LEU A 443 16.12 -23.24 11.68
N LEU A 444 16.91 -24.22 11.23
CA LEU A 444 16.65 -25.60 11.62
C LEU A 444 16.86 -25.81 13.12
N VAL A 445 17.93 -25.25 13.68
CA VAL A 445 18.18 -25.45 15.10
C VAL A 445 17.11 -24.76 15.94
N TRP A 446 16.62 -23.61 15.48
CA TRP A 446 15.55 -22.94 16.22
C TRP A 446 14.23 -23.68 16.09
N VAL A 447 13.97 -24.31 14.93
CA VAL A 447 12.76 -25.11 14.79
C VAL A 447 12.84 -26.37 15.63
N GLY A 448 14.06 -26.88 15.87
CA GLY A 448 14.21 -28.09 16.66
C GLY A 448 13.76 -27.96 18.10
N VAL A 449 13.55 -26.74 18.59
CA VAL A 449 13.12 -26.55 19.98
C VAL A 449 11.72 -27.10 20.22
N ILE A 450 10.92 -27.29 19.16
CA ILE A 450 9.56 -27.80 19.32
C ILE A 450 9.58 -29.21 19.92
N ARG A 451 10.68 -29.95 19.72
CA ARG A 451 10.77 -31.28 20.30
C ARG A 451 10.62 -31.24 21.81
N TYR A 452 11.26 -30.27 22.46
CA TYR A 452 11.17 -30.16 23.91
C TYR A 452 9.76 -29.80 24.36
N LEU A 453 9.07 -28.98 23.58
CA LEU A 453 7.69 -28.62 23.91
C LEU A 453 6.74 -29.80 23.75
N THR A 454 7.06 -30.71 22.83
CA THR A 454 6.18 -31.87 22.65
C THR A 454 6.14 -32.78 23.87
N PHE A 455 7.06 -32.63 24.82
CA PHE A 455 7.07 -33.45 26.02
C PHE A 455 6.07 -32.97 27.07
N PHE A 456 5.39 -31.85 26.84
CA PHE A 456 4.40 -31.32 27.77
C PHE A 456 3.04 -31.37 27.12
N HIS A 457 2.05 -31.86 27.87
CA HIS A 457 0.75 -32.21 27.28
C HIS A 457 0.06 -31.00 26.66
N ASN A 458 0.08 -29.86 27.35
CA ASN A 458 -0.67 -28.70 26.87
C ASN A 458 -0.12 -28.18 25.55
N TYR A 459 1.21 -28.15 25.41
CA TYR A 459 1.81 -27.71 24.15
C TYR A 459 1.74 -28.80 23.09
N ASN A 460 1.88 -30.06 23.52
CA ASN A 460 1.77 -31.18 22.58
C ASN A 460 0.38 -31.22 21.95
N ILE A 461 -0.64 -30.74 22.65
CA ILE A 461 -1.97 -30.70 22.05
C ILE A 461 -1.95 -29.87 20.77
N LEU A 462 -1.38 -28.67 20.84
CA LEU A 462 -1.34 -27.78 19.67
C LEU A 462 -0.42 -28.33 18.59
N ILE A 463 0.74 -28.86 19.00
CA ILE A 463 1.67 -29.40 18.01
C ILE A 463 1.04 -30.57 17.27
N ALA A 464 0.36 -31.46 18.00
CA ALA A 464 -0.31 -32.59 17.37
C ALA A 464 -1.48 -32.13 16.52
N THR A 465 -2.17 -31.06 16.90
CA THR A 465 -3.19 -30.51 16.03
C THR A 465 -2.61 -30.15 14.67
N LEU A 466 -1.50 -29.42 14.66
CA LEU A 466 -0.87 -29.06 13.39
C LEU A 466 -0.42 -30.31 12.63
N ARG A 467 0.16 -31.27 13.34
CA ARG A 467 0.66 -32.48 12.69
C ARG A 467 -0.46 -33.26 12.02
N VAL A 468 -1.60 -33.42 12.69
N VAL A 468 -1.59 -33.40 12.70
CA VAL A 468 -2.70 -34.17 12.09
CA VAL A 468 -2.73 -34.13 12.16
C VAL A 468 -3.43 -33.35 11.04
C VAL A 468 -3.38 -33.35 11.03
N ALA A 469 -3.33 -32.02 11.08
CA ALA A 469 -3.93 -31.21 10.02
C ALA A 469 -3.12 -31.26 8.73
N LEU A 470 -1.80 -31.39 8.84
CA LEU A 470 -0.93 -31.22 7.68
C LEU A 470 -1.31 -32.07 6.46
N PRO A 471 -1.62 -33.36 6.58
CA PRO A 471 -1.86 -34.16 5.36
C PRO A 471 -3.03 -33.68 4.52
N SER A 472 -4.18 -33.41 5.15
CA SER A 472 -5.33 -32.91 4.39
C SER A 472 -5.05 -31.52 3.84
N VAL A 473 -4.27 -30.71 4.55
CA VAL A 473 -3.88 -29.41 4.03
C VAL A 473 -3.08 -29.56 2.75
N MET A 474 -2.13 -30.50 2.74
CA MET A 474 -1.33 -30.71 1.53
C MET A 474 -2.17 -31.27 0.38
N ARG A 475 -3.10 -32.16 0.69
CA ARG A 475 -3.99 -32.67 -0.36
C ARG A 475 -4.85 -31.56 -0.95
N PHE A 476 -5.37 -30.66 -0.11
CA PHE A 476 -6.13 -29.54 -0.62
C PHE A 476 -5.24 -28.59 -1.42
N CYS A 477 -3.96 -28.46 -1.03
CA CYS A 477 -3.03 -27.68 -1.84
C CYS A 477 -2.88 -28.30 -3.22
N CYS A 478 -2.79 -29.62 -3.29
CA CYS A 478 -2.75 -30.31 -4.58
C CYS A 478 -3.99 -29.99 -5.40
N CYS A 479 -5.16 -30.02 -4.77
CA CYS A 479 -6.40 -29.69 -5.48
C CYS A 479 -6.39 -28.25 -5.99
N VAL A 480 -5.87 -27.32 -5.19
CA VAL A 480 -5.94 -25.89 -5.53
C VAL A 480 -4.87 -25.48 -6.53
N ALA A 481 -3.78 -26.25 -6.63
CA ALA A 481 -2.66 -25.83 -7.48
C ALA A 481 -3.05 -25.77 -8.95
N VAL A 482 -3.90 -26.69 -9.40
CA VAL A 482 -4.27 -26.71 -10.82
C VAL A 482 -5.08 -25.46 -11.18
N ILE A 483 -6.04 -25.09 -10.33
CA ILE A 483 -6.80 -23.87 -10.57
C ILE A 483 -5.87 -22.66 -10.54
N TYR A 484 -4.96 -22.63 -9.56
CA TYR A 484 -4.03 -21.50 -9.47
C TYR A 484 -3.18 -21.39 -10.72
N LEU A 485 -2.68 -22.51 -11.23
CA LEU A 485 -1.83 -22.49 -12.42
C LEU A 485 -2.61 -22.07 -13.66
N GLY A 486 -3.84 -22.57 -13.80
CA GLY A 486 -4.67 -22.13 -14.91
C GLY A 486 -4.89 -20.63 -14.90
N TYR A 487 -5.21 -20.09 -13.72
CA TYR A 487 -5.37 -18.64 -13.60
C TYR A 487 -4.08 -17.91 -13.91
N CYS A 488 -2.94 -18.45 -13.47
CA CYS A 488 -1.66 -17.82 -13.74
C CYS A 488 -1.42 -17.71 -15.25
N PHE A 489 -1.58 -18.83 -15.97
CA PHE A 489 -1.35 -18.82 -17.40
C PHE A 489 -2.32 -17.88 -18.11
N CYS A 490 -3.61 -17.93 -17.75
CA CYS A 490 -4.58 -17.07 -18.40
C CYS A 490 -4.26 -15.60 -18.17
N GLY A 491 -3.94 -15.22 -16.93
CA GLY A 491 -3.61 -13.84 -16.65
C GLY A 491 -2.36 -13.38 -17.36
N TRP A 492 -1.34 -14.23 -17.40
CA TRP A 492 -0.12 -13.87 -18.11
C TRP A 492 -0.38 -13.63 -19.58
N ILE A 493 -1.16 -14.51 -20.22
CA ILE A 493 -1.34 -14.39 -21.67
C ILE A 493 -2.24 -13.21 -22.01
N VAL A 494 -3.28 -12.96 -21.20
CA VAL A 494 -4.25 -11.92 -21.54
C VAL A 494 -3.83 -10.56 -21.04
N LEU A 495 -3.49 -10.43 -19.76
CA LEU A 495 -3.20 -9.14 -19.17
C LEU A 495 -1.73 -8.73 -19.25
N GLY A 496 -0.86 -9.63 -19.69
CA GLY A 496 0.55 -9.34 -19.76
C GLY A 496 0.87 -8.13 -20.60
N PRO A 497 0.27 -8.04 -21.78
CA PRO A 497 0.52 -6.86 -22.64
C PRO A 497 0.11 -5.54 -22.01
N TYR A 498 -0.89 -5.54 -21.12
CA TYR A 498 -1.47 -4.30 -20.63
C TYR A 498 -1.14 -3.98 -19.18
N HIS A 499 -0.76 -4.97 -18.37
CA HIS A 499 -0.56 -4.78 -16.94
C HIS A 499 0.91 -4.99 -16.60
N VAL A 500 1.49 -4.03 -15.88
CA VAL A 500 2.90 -4.12 -15.52
C VAL A 500 3.14 -5.28 -14.56
N LYS A 501 2.13 -5.66 -13.78
CA LYS A 501 2.27 -6.73 -12.80
C LYS A 501 2.06 -8.11 -13.40
N PHE A 502 1.76 -8.21 -14.69
CA PHE A 502 1.52 -9.50 -15.35
C PHE A 502 2.53 -9.75 -16.47
N ARG A 503 3.72 -9.15 -16.39
CA ARG A 503 4.68 -9.26 -17.48
C ARG A 503 5.38 -10.60 -17.51
N SER A 504 5.55 -11.24 -16.35
CA SER A 504 6.23 -12.52 -16.27
C SER A 504 5.41 -13.46 -15.40
N LEU A 505 5.56 -14.77 -15.66
CA LEU A 505 4.77 -15.76 -14.94
C LEU A 505 5.09 -15.74 -13.44
N SER A 506 6.37 -15.57 -13.08
CA SER A 506 6.70 -15.43 -11.67
C SER A 506 6.07 -14.17 -11.08
N MET A 507 6.08 -13.07 -11.83
CA MET A 507 5.41 -11.86 -11.38
C MET A 507 3.91 -12.06 -11.28
N VAL A 508 3.32 -12.79 -12.22
CA VAL A 508 1.90 -13.08 -12.16
C VAL A 508 1.57 -13.88 -10.91
N SER A 509 2.40 -14.89 -10.60
CA SER A 509 2.17 -15.70 -9.41
C SER A 509 2.29 -14.85 -8.15
N GLU A 510 3.29 -13.97 -8.09
CA GLU A 510 3.43 -13.11 -6.92
C GLU A 510 2.23 -12.19 -6.77
N CYS A 511 1.75 -11.62 -7.88
CA CYS A 511 0.59 -10.74 -7.81
C CYS A 511 -0.65 -11.49 -7.34
N LEU A 512 -0.88 -12.70 -7.89
CA LEU A 512 -2.05 -13.47 -7.49
C LEU A 512 -1.96 -13.90 -6.03
N PHE A 513 -0.77 -14.31 -5.57
CA PHE A 513 -0.60 -14.70 -4.18
C PHE A 513 -0.85 -13.53 -3.25
N SER A 514 -0.37 -12.34 -3.61
CA SER A 514 -0.64 -11.16 -2.78
C SER A 514 -2.13 -10.82 -2.80
N LEU A 515 -2.79 -10.97 -3.95
CA LEU A 515 -4.22 -10.71 -4.01
C LEU A 515 -5.00 -11.67 -3.11
N ILE A 516 -4.60 -12.94 -3.09
CA ILE A 516 -5.30 -13.90 -2.25
C ILE A 516 -5.28 -13.47 -0.79
N ASN A 517 -4.22 -12.76 -0.37
CA ASN A 517 -4.05 -12.34 1.01
C ASN A 517 -4.44 -10.89 1.22
N GLY A 518 -5.15 -10.29 0.27
CA GLY A 518 -5.66 -8.94 0.42
C GLY A 518 -4.61 -7.85 0.42
N ASP A 519 -3.70 -7.87 -0.56
CA ASP A 519 -2.66 -6.86 -0.69
C ASP A 519 -2.62 -6.37 -2.13
N ASP A 520 -2.57 -5.05 -2.30
CA ASP A 520 -2.38 -4.41 -3.61
C ASP A 520 -3.55 -4.69 -4.56
N MET A 521 -4.76 -4.85 -4.00
CA MET A 521 -5.92 -5.15 -4.83
C MET A 521 -6.35 -3.93 -5.65
N PHE A 522 -6.45 -2.77 -5.00
CA PHE A 522 -7.00 -1.61 -5.70
C PHE A 522 -6.06 -1.10 -6.79
N VAL A 523 -4.75 -1.16 -6.55
CA VAL A 523 -3.81 -0.73 -7.60
C VAL A 523 -3.92 -1.67 -8.79
N THR A 524 -4.10 -2.96 -8.54
CA THR A 524 -4.29 -3.92 -9.63
C THR A 524 -5.53 -3.58 -10.44
N PHE A 525 -6.63 -3.25 -9.76
CA PHE A 525 -7.83 -2.85 -10.49
C PHE A 525 -7.63 -1.54 -11.25
N ALA A 526 -6.95 -0.58 -10.63
CA ALA A 526 -6.81 0.74 -11.22
C ALA A 526 -5.89 0.75 -12.43
N ALA A 527 -4.89 -0.14 -12.44
CA ALA A 527 -4.02 -0.23 -13.61
C ALA A 527 -4.84 -0.59 -14.85
N MET A 528 -5.79 -1.52 -14.71
CA MET A 528 -6.67 -1.85 -15.82
C MET A 528 -7.68 -0.74 -16.08
N GLN A 529 -8.17 -0.10 -15.02
CA GLN A 529 -9.08 1.02 -15.19
C GLN A 529 -8.46 2.11 -16.05
N ALA A 530 -7.16 2.31 -15.93
CA ALA A 530 -6.47 3.35 -16.68
C ALA A 530 -6.51 3.14 -18.19
N GLN A 531 -7.06 2.00 -18.67
CA GLN A 531 -7.14 1.73 -20.10
C GLN A 531 -8.48 1.10 -20.46
N GLN A 532 -9.55 1.48 -19.75
CA GLN A 532 -10.87 0.95 -20.07
C GLN A 532 -11.31 1.36 -21.47
N GLY A 533 -11.11 2.62 -21.83
CA GLY A 533 -11.60 3.10 -23.11
C GLY A 533 -10.89 2.45 -24.30
N ARG A 534 -9.60 2.18 -24.15
CA ARG A 534 -8.83 1.62 -25.26
C ARG A 534 -9.44 0.31 -25.75
N SER A 535 -9.48 -0.70 -24.90
CA SER A 535 -10.04 -2.01 -25.24
C SER A 535 -11.10 -2.37 -24.22
N SER A 536 -12.37 -2.32 -24.64
CA SER A 536 -13.46 -2.67 -23.73
C SER A 536 -13.51 -4.16 -23.46
N LEU A 537 -13.21 -4.98 -24.48
CA LEU A 537 -13.22 -6.43 -24.28
C LEU A 537 -12.19 -6.85 -23.26
N VAL A 538 -10.98 -6.30 -23.35
CA VAL A 538 -9.93 -6.65 -22.41
C VAL A 538 -10.29 -6.18 -21.01
N TRP A 539 -10.90 -5.00 -20.90
CA TRP A 539 -11.29 -4.49 -19.58
C TRP A 539 -12.36 -5.37 -18.95
N LEU A 540 -13.37 -5.77 -19.73
CA LEU A 540 -14.40 -6.65 -19.20
C LEU A 540 -13.82 -8.00 -18.78
N PHE A 541 -12.91 -8.54 -19.60
CA PHE A 541 -12.27 -9.80 -19.24
C PHE A 541 -11.47 -9.66 -17.95
N SER A 542 -10.75 -8.54 -17.80
CA SER A 542 -9.99 -8.33 -16.58
C SER A 542 -10.90 -8.22 -15.37
N GLN A 543 -12.03 -7.53 -15.52
CA GLN A 543 -12.99 -7.45 -14.42
C GLN A 543 -13.45 -8.84 -14.00
N LEU A 544 -13.91 -9.65 -14.96
CA LEU A 544 -14.38 -10.98 -14.63
C LEU A 544 -13.28 -11.82 -14.01
N TYR A 545 -12.09 -11.77 -14.61
CA TYR A 545 -10.96 -12.57 -14.13
C TYR A 545 -10.60 -12.23 -12.69
N LEU A 546 -10.38 -10.94 -12.41
CA LEU A 546 -9.95 -10.55 -11.08
C LEU A 546 -11.04 -10.84 -10.04
N TYR A 547 -12.29 -10.46 -10.34
CA TYR A 547 -13.35 -10.67 -9.38
C TYR A 547 -13.52 -12.15 -9.06
N SER A 548 -13.58 -12.99 -10.10
CA SER A 548 -13.80 -14.41 -9.87
C SER A 548 -12.64 -15.02 -9.09
N PHE A 549 -11.40 -14.69 -9.47
CA PHE A 549 -10.26 -15.28 -8.78
C PHE A 549 -10.25 -14.89 -7.31
N ILE A 550 -10.39 -13.59 -7.03
CA ILE A 550 -10.31 -13.13 -5.64
C ILE A 550 -11.44 -13.74 -4.82
N SER A 551 -12.66 -13.72 -5.34
CA SER A 551 -13.79 -14.26 -4.59
C SER A 551 -13.59 -15.74 -4.31
N LEU A 552 -13.25 -16.52 -5.34
CA LEU A 552 -13.09 -17.95 -5.17
C LEU A 552 -12.01 -18.27 -4.15
N PHE A 553 -10.86 -17.59 -4.22
CA PHE A 553 -9.76 -17.98 -3.35
C PHE A 553 -9.88 -17.42 -1.94
N ILE A 554 -10.57 -16.31 -1.74
CA ILE A 554 -10.70 -15.77 -0.39
C ILE A 554 -11.90 -16.37 0.34
N TYR A 555 -13.05 -16.48 -0.32
CA TYR A 555 -14.27 -16.88 0.37
C TYR A 555 -14.51 -18.38 0.39
N MET A 556 -13.70 -19.17 -0.32
CA MET A 556 -13.91 -20.61 -0.34
C MET A 556 -12.67 -21.42 -0.02
N VAL A 557 -11.49 -20.97 -0.45
CA VAL A 557 -10.27 -21.75 -0.25
C VAL A 557 -9.70 -21.54 1.15
N LEU A 558 -9.53 -20.27 1.53
CA LEU A 558 -9.04 -19.97 2.88
C LEU A 558 -10.03 -20.44 3.93
N SER A 559 -11.33 -20.34 3.63
CA SER A 559 -12.34 -20.86 4.54
C SER A 559 -12.16 -22.36 4.74
N LEU A 560 -11.85 -23.09 3.67
CA LEU A 560 -11.65 -24.53 3.81
C LEU A 560 -10.37 -24.85 4.57
N PHE A 561 -9.32 -24.04 4.41
CA PHE A 561 -8.14 -24.21 5.25
C PHE A 561 -8.50 -24.06 6.72
N ILE A 562 -9.27 -23.02 7.03
CA ILE A 562 -9.70 -22.79 8.41
C ILE A 562 -10.51 -23.97 8.91
N ALA A 563 -11.42 -24.49 8.07
CA ALA A 563 -12.25 -25.62 8.47
C ALA A 563 -11.42 -26.87 8.72
N LEU A 564 -10.40 -27.11 7.89
CA LEU A 564 -9.54 -28.26 8.09
C LEU A 564 -8.80 -28.16 9.41
N ILE A 565 -8.25 -26.98 9.71
CA ILE A 565 -7.54 -26.81 10.98
C ILE A 565 -8.49 -26.98 12.16
N THR A 566 -9.70 -26.43 12.05
CA THR A 566 -10.67 -26.55 13.14
C THR A 566 -11.07 -28.00 13.36
N GLY A 567 -11.27 -28.76 12.27
CA GLY A 567 -11.59 -30.16 12.43
C GLY A 567 -10.47 -30.96 13.06
N ALA A 568 -9.22 -30.67 12.66
CA ALA A 568 -8.09 -31.33 13.29
C ALA A 568 -8.03 -31.04 14.78
N TYR A 569 -8.22 -29.77 15.16
CA TYR A 569 -8.21 -29.41 16.56
C TYR A 569 -9.32 -30.11 17.32
N ASP A 570 -10.52 -30.18 16.73
CA ASP A 570 -11.64 -30.84 17.39
C ASP A 570 -11.35 -32.32 17.60
N THR A 571 -10.77 -32.98 16.60
CA THR A 571 -10.43 -34.39 16.75
C THR A 571 -9.38 -34.60 17.83
N ILE A 572 -8.38 -33.71 17.90
CA ILE A 572 -7.33 -33.88 18.90
C ILE A 572 -7.89 -33.73 20.31
N LYS A 573 -8.87 -32.86 20.51
CA LYS A 573 -9.45 -32.62 21.83
C LYS A 573 -10.42 -33.71 22.26
N HIS A 574 -10.44 -34.85 21.57
CA HIS A 574 -11.32 -35.95 21.93
C HIS A 574 -10.60 -37.29 21.78
N LEU B 89 -30.19 -54.19 -18.93
CA LEU B 89 -30.06 -52.73 -18.88
C LEU B 89 -29.31 -52.30 -17.62
N ARG B 90 -29.53 -53.03 -16.53
CA ARG B 90 -28.89 -52.68 -15.27
C ARG B 90 -27.37 -52.77 -15.39
N ARG B 91 -26.86 -53.81 -16.04
CA ARG B 91 -25.43 -53.96 -16.17
C ARG B 91 -24.82 -52.82 -17.00
N ARG B 92 -25.46 -52.48 -18.12
CA ARG B 92 -24.95 -51.40 -18.95
C ARG B 92 -24.98 -50.07 -18.21
N LEU B 93 -26.05 -49.81 -17.47
CA LEU B 93 -26.13 -48.59 -16.67
C LEU B 93 -25.03 -48.55 -15.61
N LYS B 94 -24.79 -49.69 -14.94
CA LYS B 94 -23.75 -49.73 -13.93
C LYS B 94 -22.38 -49.48 -14.54
N TYR B 95 -22.12 -50.06 -15.70
CA TYR B 95 -20.82 -49.87 -16.35
C TYR B 95 -20.68 -48.44 -16.86
N PHE B 96 -21.77 -47.80 -17.26
CA PHE B 96 -21.69 -46.43 -17.75
C PHE B 96 -21.18 -45.48 -16.66
N PHE B 97 -21.59 -45.72 -15.41
CA PHE B 97 -21.18 -44.90 -14.29
C PHE B 97 -19.93 -45.42 -13.59
N MET B 98 -19.32 -46.49 -14.11
CA MET B 98 -18.11 -47.02 -13.51
C MET B 98 -16.96 -46.02 -13.65
N SER B 99 -16.05 -46.07 -12.68
CA SER B 99 -14.86 -45.24 -12.76
C SER B 99 -13.91 -45.80 -13.82
N PRO B 100 -12.94 -45.00 -14.28
CA PRO B 100 -12.02 -45.51 -15.31
C PRO B 100 -11.32 -46.79 -14.91
N CYS B 101 -10.90 -46.91 -13.64
CA CYS B 101 -10.27 -48.14 -13.18
C CYS B 101 -11.24 -49.31 -13.26
N ASP B 102 -12.48 -49.11 -12.81
CA ASP B 102 -13.47 -50.18 -12.87
C ASP B 102 -13.80 -50.55 -14.32
N LYS B 103 -13.89 -49.55 -15.20
CA LYS B 103 -14.14 -49.84 -16.60
C LYS B 103 -13.01 -50.65 -17.22
N PHE B 104 -11.77 -50.30 -16.89
CA PHE B 104 -10.63 -51.07 -17.38
C PHE B 104 -10.66 -52.49 -16.85
N ARG B 105 -10.99 -52.66 -15.57
CA ARG B 105 -11.06 -53.99 -15.00
C ARG B 105 -12.16 -54.81 -15.67
N ALA B 106 -13.29 -54.18 -15.99
CA ALA B 106 -14.43 -54.92 -16.53
C ALA B 106 -14.18 -55.28 -18.00
N LYS B 107 -14.01 -54.28 -18.86
CA LYS B 107 -13.93 -54.53 -20.29
C LYS B 107 -12.51 -54.47 -20.84
N GLY B 108 -11.55 -53.96 -20.07
CA GLY B 108 -10.17 -53.96 -20.50
C GLY B 108 -9.85 -53.01 -21.65
N ARG B 109 -10.77 -52.13 -22.01
CA ARG B 109 -10.50 -51.18 -23.08
C ARG B 109 -9.46 -50.17 -22.64
N LYS B 110 -8.51 -49.87 -23.52
CA LYS B 110 -7.43 -48.96 -23.18
C LYS B 110 -7.97 -47.56 -22.96
N PRO B 111 -7.63 -46.88 -21.87
CA PRO B 111 -8.15 -45.53 -21.64
C PRO B 111 -7.50 -44.50 -22.55
N CYS B 112 -7.90 -44.47 -23.81
CA CYS B 112 -7.31 -43.54 -24.76
C CYS B 112 -7.58 -42.10 -24.36
N LYS B 113 -8.78 -41.81 -23.88
CA LYS B 113 -9.17 -40.42 -23.63
C LYS B 113 -8.32 -39.80 -22.53
N LEU B 114 -7.97 -40.56 -21.49
CA LEU B 114 -7.16 -40.01 -20.42
C LEU B 114 -5.78 -39.59 -20.92
N MET B 115 -5.12 -40.48 -21.67
CA MET B 115 -3.82 -40.14 -22.23
C MET B 115 -3.93 -38.96 -23.18
N LEU B 116 -4.99 -38.93 -23.98
CA LEU B 116 -5.19 -37.80 -24.88
C LEU B 116 -5.34 -36.50 -24.11
N GLN B 117 -6.07 -36.52 -22.99
CA GLN B 117 -6.24 -35.31 -22.20
C GLN B 117 -4.91 -34.86 -21.60
N VAL B 118 -4.09 -35.80 -21.13
CA VAL B 118 -2.78 -35.42 -20.59
C VAL B 118 -1.93 -34.78 -21.68
N VAL B 119 -1.89 -35.39 -22.86
CA VAL B 119 -1.12 -34.83 -23.96
C VAL B 119 -1.66 -33.46 -24.34
N LYS B 120 -2.99 -33.30 -24.31
CA LYS B 120 -3.60 -32.03 -24.63
C LYS B 120 -3.18 -30.95 -23.65
N ILE B 121 -3.18 -31.27 -22.35
CA ILE B 121 -2.73 -30.31 -21.36
C ILE B 121 -1.30 -29.87 -21.67
N LEU B 122 -0.44 -30.85 -21.94
CA LEU B 122 0.97 -30.53 -22.19
C LEU B 122 1.12 -29.62 -23.40
N VAL B 123 0.53 -30.00 -24.53
CA VAL B 123 0.74 -29.25 -25.77
C VAL B 123 0.09 -27.89 -25.69
N VAL B 124 -1.10 -27.79 -25.09
CA VAL B 124 -1.77 -26.51 -24.97
C VAL B 124 -0.95 -25.55 -24.11
N THR B 125 -0.41 -26.05 -22.99
CA THR B 125 0.41 -25.18 -22.15
C THR B 125 1.67 -24.72 -22.88
N VAL B 126 2.33 -25.63 -23.60
CA VAL B 126 3.53 -25.24 -24.32
C VAL B 126 3.21 -24.20 -25.38
N GLN B 127 2.11 -24.40 -26.11
CA GLN B 127 1.72 -23.45 -27.14
C GLN B 127 1.43 -22.08 -26.54
N LEU B 128 0.71 -22.04 -25.42
CA LEU B 128 0.42 -20.76 -24.79
C LEU B 128 1.70 -20.06 -24.34
N ILE B 129 2.64 -20.83 -23.77
CA ILE B 129 3.89 -20.22 -23.31
C ILE B 129 4.64 -19.61 -24.49
N LEU B 130 4.74 -20.35 -25.59
CA LEU B 130 5.44 -19.84 -26.76
C LEU B 130 4.76 -18.59 -27.31
N PHE B 131 3.44 -18.60 -27.39
CA PHE B 131 2.72 -17.44 -27.92
C PHE B 131 2.94 -16.21 -27.04
N GLY B 132 2.87 -16.38 -25.72
CA GLY B 132 3.11 -15.25 -24.84
C GLY B 132 4.51 -14.72 -24.94
N LEU B 133 5.50 -15.62 -25.02
CA LEU B 133 6.88 -15.19 -25.20
C LEU B 133 7.04 -14.38 -26.47
N SER B 134 6.41 -14.82 -27.56
CA SER B 134 6.52 -14.08 -28.82
C SER B 134 5.85 -12.72 -28.73
N ASN B 135 4.66 -12.65 -28.10
CA ASN B 135 3.90 -11.41 -28.09
CA ASN B 135 3.90 -11.41 -28.11
C ASN B 135 4.51 -10.36 -27.19
N GLN B 136 5.10 -10.75 -26.07
CA GLN B 136 5.68 -9.76 -25.18
C GLN B 136 6.77 -8.95 -25.85
N LEU B 137 7.52 -9.55 -26.79
CA LEU B 137 8.57 -8.82 -27.49
C LEU B 137 7.98 -7.68 -28.32
N ALA B 138 6.92 -7.96 -29.08
CA ALA B 138 6.28 -6.91 -29.87
C ALA B 138 5.67 -5.84 -28.98
N VAL B 139 5.08 -6.25 -27.85
CA VAL B 139 4.52 -5.27 -26.92
C VAL B 139 5.61 -4.34 -26.42
N THR B 140 6.76 -4.91 -26.05
CA THR B 140 7.88 -4.10 -25.58
C THR B 140 8.36 -3.16 -26.68
N PHE B 141 8.46 -3.64 -27.91
CA PHE B 141 8.91 -2.79 -29.01
C PHE B 141 7.99 -1.58 -29.16
N ARG B 142 6.68 -1.82 -29.21
CA ARG B 142 5.73 -0.73 -29.38
C ARG B 142 5.79 0.24 -28.21
N GLU B 143 5.87 -0.28 -26.98
CA GLU B 143 5.89 0.59 -25.81
C GLU B 143 7.14 1.47 -25.80
N GLU B 144 8.29 0.88 -26.11
CA GLU B 144 9.53 1.65 -26.13
C GLU B 144 9.50 2.72 -27.21
N ASN B 145 8.98 2.38 -28.39
CA ASN B 145 8.87 3.39 -29.45
C ASN B 145 7.95 4.52 -29.03
N THR B 146 6.85 4.20 -28.35
CA THR B 146 5.93 5.26 -27.92
C THR B 146 6.58 6.16 -26.88
N ILE B 147 7.35 5.58 -25.94
CA ILE B 147 8.04 6.39 -24.95
C ILE B 147 9.05 7.30 -25.64
N ALA B 148 9.78 6.77 -26.61
CA ALA B 148 10.72 7.60 -27.36
C ALA B 148 10.01 8.73 -28.08
N PHE B 149 8.85 8.45 -28.69
CA PHE B 149 8.09 9.50 -29.35
C PHE B 149 7.65 10.58 -28.36
N ARG B 150 7.21 10.17 -27.18
CA ARG B 150 6.80 11.16 -26.17
C ARG B 150 7.98 12.04 -25.77
N HIS B 151 9.16 11.45 -25.60
CA HIS B 151 10.33 12.25 -25.25
C HIS B 151 10.79 13.12 -26.41
N LEU B 152 10.50 12.72 -27.65
CA LEU B 152 10.96 13.48 -28.80
C LEU B 152 10.04 14.65 -29.12
N PHE B 153 8.72 14.45 -29.08
CA PHE B 153 7.79 15.40 -29.66
C PHE B 153 7.04 16.24 -28.62
N LEU B 154 7.06 15.87 -27.35
CA LEU B 154 6.37 16.63 -26.31
C LEU B 154 7.39 17.52 -25.59
N LEU B 155 7.12 18.82 -25.58
CA LEU B 155 8.05 19.79 -25.03
C LEU B 155 7.97 19.78 -23.51
N GLY B 156 9.12 19.59 -22.87
CA GLY B 156 9.17 19.56 -21.42
C GLY B 156 8.59 18.32 -20.80
N TYR B 157 8.49 17.22 -21.54
CA TYR B 157 7.91 16.00 -21.03
C TYR B 157 8.91 15.26 -20.15
N SER B 158 8.40 14.65 -19.07
CA SER B 158 9.20 13.81 -18.20
C SER B 158 8.43 12.56 -17.85
N ASP B 159 9.15 11.49 -17.56
CA ASP B 159 8.51 10.21 -17.26
C ASP B 159 7.60 10.33 -16.04
N GLY B 160 6.46 9.66 -16.11
CA GLY B 160 5.51 9.66 -15.02
C GLY B 160 4.60 10.87 -14.97
N ALA B 161 4.58 11.70 -16.01
CA ALA B 161 3.77 12.91 -16.04
C ALA B 161 2.66 12.84 -17.09
N ASP B 162 2.30 11.64 -17.53
CA ASP B 162 1.32 11.51 -18.60
C ASP B 162 -0.03 12.07 -18.19
N ASP B 163 -0.44 11.81 -16.94
CA ASP B 163 -1.79 12.19 -16.53
C ASP B 163 -1.94 13.69 -16.36
N THR B 164 -0.90 14.36 -15.86
CA THR B 164 -0.97 15.78 -15.54
C THR B 164 -0.36 16.68 -16.61
N PHE B 165 0.14 16.12 -17.70
CA PHE B 165 0.77 16.94 -18.73
C PHE B 165 -0.27 17.81 -19.41
N ALA B 166 -0.11 19.12 -19.29
CA ALA B 166 -1.11 20.05 -19.83
C ALA B 166 -0.46 21.40 -20.06
N ALA B 167 -1.14 22.22 -20.87
CA ALA B 167 -0.75 23.60 -21.10
C ALA B 167 -1.75 24.53 -20.41
N TYR B 168 -1.26 25.71 -20.02
CA TYR B 168 -2.07 26.66 -19.27
C TYR B 168 -2.03 28.08 -19.83
N THR B 169 -1.15 28.39 -20.77
CA THR B 169 -1.10 29.68 -21.41
C THR B 169 -1.04 29.49 -22.92
N ARG B 170 -1.47 30.53 -23.65
CA ARG B 170 -1.43 30.48 -25.10
C ARG B 170 0.00 30.31 -25.60
N GLU B 171 0.95 30.93 -24.90
CA GLU B 171 2.36 30.79 -25.27
C GLU B 171 2.81 29.35 -25.14
N GLN B 172 2.43 28.67 -24.06
CA GLN B 172 2.80 27.27 -23.88
C GLN B 172 2.22 26.41 -24.99
N LEU B 173 0.96 26.63 -25.35
CA LEU B 173 0.34 25.83 -26.40
C LEU B 173 1.03 26.03 -27.74
N TYR B 174 1.29 27.28 -28.10
CA TYR B 174 2.00 27.54 -29.36
C TYR B 174 3.38 26.91 -29.35
N GLN B 175 4.10 27.03 -28.23
CA GLN B 175 5.44 26.47 -28.15
C GLN B 175 5.41 24.95 -28.29
N ALA B 176 4.44 24.29 -27.63
CA ALA B 176 4.34 22.85 -27.73
C ALA B 176 4.05 22.40 -29.16
N ILE B 177 3.10 23.08 -29.83
CA ILE B 177 2.75 22.68 -31.18
C ILE B 177 3.94 22.86 -32.12
N PHE B 178 4.60 24.02 -32.03
CA PHE B 178 5.73 24.29 -32.91
C PHE B 178 6.90 23.35 -32.61
N HIS B 179 7.11 23.02 -31.34
CA HIS B 179 8.16 22.07 -30.99
C HIS B 179 7.88 20.71 -31.59
N ALA B 180 6.63 20.24 -31.52
CA ALA B 180 6.29 18.95 -32.10
C ALA B 180 6.55 18.95 -33.60
N VAL B 181 6.11 20.00 -34.31
CA VAL B 181 6.31 20.02 -35.75
C VAL B 181 7.79 20.10 -36.11
N ASP B 182 8.55 20.94 -35.39
CA ASP B 182 9.97 21.08 -35.67
C ASP B 182 10.72 19.77 -35.41
N GLN B 183 10.35 19.06 -34.33
CA GLN B 183 10.99 17.78 -34.06
C GLN B 183 10.61 16.75 -35.10
N TYR B 184 9.39 16.82 -35.64
CA TYR B 184 9.05 15.95 -36.76
C TYR B 184 9.95 16.23 -37.96
N LEU B 185 10.20 17.50 -38.24
CA LEU B 185 11.02 17.84 -39.40
C LEU B 185 12.50 17.54 -39.19
N ALA B 186 12.97 17.48 -37.95
CA ALA B 186 14.38 17.24 -37.65
C ALA B 186 14.66 15.79 -37.28
N LEU B 187 13.67 14.91 -37.38
CA LEU B 187 13.83 13.55 -36.86
C LEU B 187 15.03 12.80 -37.42
N PRO B 188 15.32 12.86 -38.73
CA PRO B 188 16.45 12.06 -39.25
C PRO B 188 17.78 12.39 -38.60
N ASP B 189 18.00 13.63 -38.18
CA ASP B 189 19.29 14.07 -37.67
C ASP B 189 19.43 13.88 -36.16
N VAL B 190 18.34 13.69 -35.43
CA VAL B 190 18.40 13.75 -33.97
C VAL B 190 18.03 12.40 -33.36
N SER B 191 17.20 11.63 -34.06
CA SER B 191 16.63 10.43 -33.47
C SER B 191 17.67 9.31 -33.38
N LEU B 192 17.61 8.55 -32.28
CA LEU B 192 18.42 7.35 -32.16
C LEU B 192 17.86 6.20 -32.97
N GLY B 193 16.55 6.20 -33.22
CA GLY B 193 15.96 5.20 -34.08
C GLY B 193 16.04 5.58 -35.55
N ARG B 194 15.71 4.61 -36.40
CA ARG B 194 15.71 4.79 -37.85
C ARG B 194 14.27 4.76 -38.31
N TYR B 195 13.77 5.90 -38.78
CA TYR B 195 12.39 6.06 -39.18
C TYR B 195 12.31 6.59 -40.60
N ALA B 196 11.25 6.20 -41.30
CA ALA B 196 11.00 6.66 -42.66
C ALA B 196 9.68 7.43 -42.68
N TYR B 197 9.61 8.42 -43.56
CA TYR B 197 8.42 9.25 -43.67
C TYR B 197 7.39 8.58 -44.57
N VAL B 198 6.12 8.71 -44.18
CA VAL B 198 4.99 8.23 -44.97
C VAL B 198 4.22 9.44 -45.47
N ARG B 199 3.95 9.49 -46.77
CA ARG B 199 3.34 10.65 -47.41
C ARG B 199 1.97 10.30 -47.97
N GLY B 200 1.03 11.22 -47.79
CA GLY B 200 -0.29 11.06 -48.39
C GLY B 200 -0.98 9.79 -47.93
N GLY B 201 -1.54 9.07 -48.88
CA GLY B 201 -2.18 7.80 -48.59
C GLY B 201 -3.43 7.88 -47.74
N GLY B 202 -4.32 8.84 -48.03
CA GLY B 202 -5.61 8.89 -47.37
C GLY B 202 -5.96 10.22 -46.76
N ASP B 203 -6.57 10.19 -45.58
CA ASP B 203 -7.00 11.35 -44.83
C ASP B 203 -6.56 11.18 -43.39
N PRO B 204 -6.17 12.26 -42.70
CA PRO B 204 -6.23 13.68 -43.06
C PRO B 204 -5.04 14.19 -43.87
N TRP B 205 -4.25 13.32 -44.49
CA TRP B 205 -3.07 13.75 -45.24
C TRP B 205 -3.41 13.89 -46.71
N THR B 206 -3.19 15.08 -47.26
CA THR B 206 -3.30 15.26 -48.70
C THR B 206 -2.11 14.59 -49.38
N ASN B 207 -2.22 14.44 -50.70
CA ASN B 207 -1.14 13.80 -51.45
C ASN B 207 0.16 14.55 -51.25
N GLY B 208 1.22 13.81 -50.95
CA GLY B 208 2.53 14.39 -50.74
C GLY B 208 2.74 15.01 -49.37
N SER B 209 1.78 14.88 -48.45
CA SER B 209 1.88 15.48 -47.13
C SER B 209 2.16 14.40 -46.10
N GLY B 210 3.10 14.67 -45.20
CA GLY B 210 3.47 13.72 -44.17
C GLY B 210 2.83 14.02 -42.83
N LEU B 211 2.69 15.29 -42.49
CA LEU B 211 2.14 15.71 -41.21
C LEU B 211 0.90 16.57 -41.43
N ALA B 212 -0.14 16.30 -40.64
CA ALA B 212 -1.39 17.07 -40.71
C ALA B 212 -1.61 17.72 -39.35
N LEU B 213 -1.72 19.05 -39.34
CA LEU B 213 -1.93 19.83 -38.11
C LEU B 213 -3.32 20.45 -38.21
N CYS B 214 -4.29 19.84 -37.54
CA CYS B 214 -5.69 20.24 -37.62
C CYS B 214 -6.09 20.97 -36.34
N GLN B 215 -6.92 22.00 -36.49
CA GLN B 215 -7.57 22.66 -35.37
C GLN B 215 -9.07 22.61 -35.61
N ARG B 216 -9.82 22.18 -34.59
CA ARG B 216 -11.26 22.05 -34.64
C ARG B 216 -11.88 23.03 -33.67
N TYR B 217 -12.78 23.87 -34.17
CA TYR B 217 -13.48 24.89 -33.39
C TYR B 217 -14.96 24.88 -33.77
N TYR B 218 -15.71 25.85 -33.26
CA TYR B 218 -17.13 25.94 -33.54
C TYR B 218 -17.39 26.84 -34.74
N HIS B 219 -18.47 26.54 -35.47
CA HIS B 219 -18.82 27.34 -36.64
C HIS B 219 -19.06 28.79 -36.26
N ARG B 220 -19.92 29.02 -35.27
CA ARG B 220 -20.14 30.33 -34.69
C ARG B 220 -19.94 30.22 -33.19
N GLY B 221 -19.15 31.12 -32.61
CA GLY B 221 -18.73 30.96 -31.23
C GLY B 221 -18.71 32.21 -30.38
N HIS B 222 -19.68 33.11 -30.52
CA HIS B 222 -19.67 34.34 -29.74
C HIS B 222 -19.85 34.02 -28.26
N VAL B 223 -18.91 34.47 -27.42
CA VAL B 223 -18.98 34.23 -25.98
C VAL B 223 -18.63 35.53 -25.27
N ASP B 224 -19.51 36.00 -24.39
CA ASP B 224 -19.35 37.23 -23.65
C ASP B 224 -19.70 36.98 -22.19
N PRO B 225 -18.75 36.44 -21.40
CA PRO B 225 -19.05 36.21 -19.98
C PRO B 225 -19.32 37.48 -19.20
N ALA B 226 -18.85 38.63 -19.66
CA ALA B 226 -19.12 39.88 -18.97
C ALA B 226 -20.62 40.18 -18.96
N ASN B 227 -21.30 39.93 -20.07
CA ASN B 227 -22.73 40.15 -20.19
C ASN B 227 -23.53 38.86 -19.99
N ASP B 228 -22.88 37.78 -19.58
CA ASP B 228 -23.56 36.49 -19.40
C ASP B 228 -24.26 36.04 -20.67
N THR B 229 -23.64 36.33 -21.82
CA THR B 229 -24.27 36.10 -23.12
C THR B 229 -23.44 35.15 -23.96
N PHE B 230 -24.11 34.37 -24.81
CA PHE B 230 -23.40 33.51 -25.74
C PHE B 230 -24.29 33.17 -26.91
N ASP B 231 -23.65 32.91 -28.05
CA ASP B 231 -24.30 32.50 -29.29
C ASP B 231 -23.38 31.50 -29.98
N ILE B 232 -23.71 30.22 -29.89
CA ILE B 232 -22.89 29.15 -30.42
C ILE B 232 -23.69 28.33 -31.41
N ASP B 233 -23.03 27.96 -32.52
CA ASP B 233 -23.52 26.92 -33.41
C ASP B 233 -22.68 25.68 -33.16
N PRO B 234 -23.20 24.64 -32.52
CA PRO B 234 -22.34 23.53 -32.09
C PRO B 234 -21.65 22.80 -33.22
N MET B 235 -21.97 23.10 -34.48
CA MET B 235 -21.29 22.47 -35.59
C MET B 235 -19.78 22.74 -35.52
N VAL B 236 -18.99 21.70 -35.73
CA VAL B 236 -17.54 21.76 -35.59
C VAL B 236 -16.91 21.94 -36.97
N VAL B 237 -16.07 22.95 -37.09
CA VAL B 237 -15.29 23.23 -38.30
C VAL B 237 -13.85 22.81 -38.05
N THR B 238 -13.27 22.13 -39.04
CA THR B 238 -11.90 21.64 -38.98
C THR B 238 -11.05 22.37 -40.01
N ASP B 239 -9.87 22.82 -39.61
CA ASP B 239 -8.93 23.49 -40.52
C ASP B 239 -7.55 22.90 -40.28
N CYS B 240 -6.98 22.27 -41.31
CA CYS B 240 -5.68 21.63 -41.21
C CYS B 240 -4.66 22.25 -42.15
N ILE B 241 -3.45 22.39 -41.62
CA ILE B 241 -2.26 22.70 -42.39
C ILE B 241 -1.54 21.40 -42.70
N GLN B 242 -0.96 21.32 -43.89
CA GLN B 242 -0.25 20.13 -44.33
C GLN B 242 1.24 20.45 -44.43
N VAL B 243 2.06 19.63 -43.77
CA VAL B 243 3.51 19.80 -43.77
C VAL B 243 4.11 18.60 -44.49
N ASP B 244 4.85 18.88 -45.56
CA ASP B 244 5.57 17.84 -46.27
C ASP B 244 6.91 17.58 -45.58
N PRO B 245 7.31 16.32 -45.42
CA PRO B 245 8.60 16.04 -44.82
C PRO B 245 9.72 16.58 -45.69
N PRO B 246 10.85 16.96 -45.09
CA PRO B 246 11.93 17.61 -45.85
C PRO B 246 12.62 16.70 -46.85
N SER B 264 7.83 27.50 -44.01
CA SER B 264 7.20 27.01 -42.79
C SER B 264 5.86 27.70 -42.56
N SER B 265 4.88 27.36 -43.40
CA SER B 265 3.56 27.98 -43.28
C SER B 265 2.89 27.61 -41.97
N TYR B 266 3.24 26.46 -41.39
CA TYR B 266 2.63 26.06 -40.12
C TYR B 266 2.97 27.03 -39.01
N LYS B 267 4.04 27.81 -39.16
CA LYS B 267 4.39 28.83 -38.17
C LYS B 267 3.41 30.00 -38.16
N ASN B 268 2.54 30.10 -39.17
CA ASN B 268 1.52 31.13 -39.21
C ASN B 268 0.21 30.68 -38.58
N LEU B 269 0.22 29.56 -37.86
CA LEU B 269 -0.99 29.07 -37.21
C LEU B 269 -1.57 30.12 -36.28
N THR B 270 -2.88 30.32 -36.37
CA THR B 270 -3.61 31.23 -35.49
C THR B 270 -4.77 30.46 -34.88
N LEU B 271 -4.76 30.31 -33.56
CA LEU B 271 -5.77 29.51 -32.88
C LEU B 271 -6.92 30.39 -32.44
N LYS B 272 -8.14 29.87 -32.62
CA LYS B 272 -9.35 30.56 -32.18
C LYS B 272 -9.69 30.06 -30.77
N PHE B 273 -9.01 30.65 -29.79
CA PHE B 273 -9.01 30.11 -28.44
C PHE B 273 -10.41 30.08 -27.84
N HIS B 274 -11.20 31.13 -28.06
CA HIS B 274 -12.50 31.22 -27.40
C HIS B 274 -13.48 30.16 -27.88
N LYS B 275 -13.30 29.61 -29.08
CA LYS B 275 -14.18 28.58 -29.61
C LYS B 275 -13.44 27.31 -30.01
N LEU B 276 -12.19 27.16 -29.59
CA LEU B 276 -11.40 26.00 -29.97
C LEU B 276 -11.93 24.74 -29.31
N VAL B 277 -12.13 23.69 -30.09
CA VAL B 277 -12.52 22.39 -29.55
C VAL B 277 -11.29 21.54 -29.27
N ASN B 278 -10.38 21.40 -30.23
CA ASN B 278 -9.11 20.74 -29.95
C ASN B 278 -8.13 21.02 -31.07
N VAL B 279 -6.89 20.59 -30.87
CA VAL B 279 -5.85 20.59 -31.89
C VAL B 279 -5.27 19.20 -31.95
N THR B 280 -4.99 18.73 -33.17
CA THR B 280 -4.41 17.40 -33.36
C THR B 280 -3.27 17.49 -34.37
N ILE B 281 -2.27 16.65 -34.16
CA ILE B 281 -1.17 16.47 -35.09
C ILE B 281 -1.12 14.98 -35.42
N HIS B 282 -1.21 14.67 -36.71
CA HIS B 282 -1.20 13.29 -37.20
C HIS B 282 -0.01 13.10 -38.12
N PHE B 283 0.73 12.01 -37.90
CA PHE B 283 1.74 11.62 -38.89
C PHE B 283 2.02 10.13 -38.73
N ARG B 284 2.81 9.59 -39.65
CA ARG B 284 3.16 8.18 -39.64
C ARG B 284 4.66 8.02 -39.84
N LEU B 285 5.22 7.03 -39.16
CA LEU B 285 6.64 6.70 -39.25
C LEU B 285 6.81 5.21 -39.52
N LYS B 286 7.72 4.88 -40.43
CA LYS B 286 8.01 3.50 -40.80
C LYS B 286 9.34 3.08 -40.18
N THR B 287 9.35 1.92 -39.53
CA THR B 287 10.56 1.39 -38.93
C THR B 287 10.61 -0.12 -39.14
N ILE B 288 11.77 -0.70 -38.83
CA ILE B 288 12.00 -2.13 -38.95
C ILE B 288 12.37 -2.66 -37.58
N ASN B 289 11.71 -3.74 -37.15
CA ASN B 289 11.93 -4.32 -35.83
C ASN B 289 13.12 -5.26 -35.90
N LEU B 290 14.32 -4.70 -35.71
CA LEU B 290 15.53 -5.52 -35.71
C LEU B 290 15.66 -6.35 -34.44
N GLN B 291 14.90 -6.02 -33.39
CA GLN B 291 14.96 -6.80 -32.17
C GLN B 291 14.53 -8.24 -32.39
N SER B 292 13.82 -8.52 -33.49
CA SER B 292 13.39 -9.88 -33.78
C SER B 292 14.56 -10.82 -34.06
N LEU B 293 15.72 -10.28 -34.42
CA LEU B 293 16.85 -11.14 -34.77
C LEU B 293 17.17 -12.11 -33.63
N ILE B 294 17.29 -11.58 -32.40
CA ILE B 294 17.31 -12.47 -31.25
C ILE B 294 15.92 -13.06 -31.07
N ASN B 295 15.87 -14.30 -30.58
CA ASN B 295 14.69 -15.15 -30.57
C ASN B 295 14.46 -15.76 -31.94
N ASN B 296 15.36 -15.51 -32.91
CA ASN B 296 15.36 -16.20 -34.20
C ASN B 296 14.04 -16.00 -34.95
N GLU B 297 13.79 -14.74 -35.31
CA GLU B 297 12.68 -14.39 -36.18
C GLU B 297 13.16 -13.39 -37.22
N ILE B 298 12.49 -13.39 -38.37
CA ILE B 298 12.79 -12.42 -39.42
C ILE B 298 12.21 -11.06 -39.03
N PRO B 299 12.97 -9.98 -39.08
CA PRO B 299 12.42 -8.67 -38.74
C PRO B 299 11.21 -8.33 -39.59
N ASP B 300 10.23 -7.69 -38.98
CA ASP B 300 9.02 -7.24 -39.65
C ASP B 300 8.99 -5.71 -39.69
N CYS B 301 8.09 -5.18 -40.52
CA CYS B 301 8.03 -3.76 -40.79
C CYS B 301 6.86 -3.15 -40.03
N TYR B 302 7.15 -2.14 -39.20
CA TYR B 302 6.13 -1.44 -38.43
C TYR B 302 5.84 -0.09 -39.04
N THR B 303 4.56 0.28 -39.04
CA THR B 303 4.13 1.64 -39.32
C THR B 303 3.43 2.16 -38.09
N PHE B 304 3.98 3.19 -37.48
CA PHE B 304 3.41 3.83 -36.31
C PHE B 304 2.62 5.05 -36.77
N SER B 305 1.33 5.05 -36.48
CA SER B 305 0.47 6.21 -36.67
C SER B 305 0.44 6.98 -35.37
N VAL B 306 1.06 8.16 -35.36
CA VAL B 306 1.20 8.98 -34.17
C VAL B 306 0.16 10.09 -34.21
N LEU B 307 -0.60 10.21 -33.12
CA LEU B 307 -1.58 11.26 -32.91
C LEU B 307 -1.22 12.01 -31.64
N ILE B 308 -1.02 13.32 -31.76
CA ILE B 308 -0.80 14.19 -30.60
C ILE B 308 -2.04 15.07 -30.47
N THR B 309 -2.66 15.04 -29.29
CA THR B 309 -3.90 15.73 -29.03
C THR B 309 -3.70 16.80 -27.97
N PHE B 310 -4.12 18.03 -28.28
CA PHE B 310 -4.26 19.11 -27.32
C PHE B 310 -5.76 19.32 -27.14
N ASP B 311 -6.28 18.92 -25.99
CA ASP B 311 -7.72 18.78 -25.79
C ASP B 311 -8.28 19.99 -25.04
N ASN B 312 -9.30 20.62 -25.61
CA ASN B 312 -9.95 21.78 -25.00
C ASN B 312 -11.47 21.59 -24.92
N LYS B 313 -11.93 20.35 -24.74
CA LYS B 313 -13.36 20.11 -24.71
C LYS B 313 -14.01 20.58 -23.42
N ALA B 314 -13.23 20.73 -22.34
CA ALA B 314 -13.77 21.25 -21.09
C ALA B 314 -13.86 22.76 -21.06
N HIS B 315 -13.04 23.47 -21.84
CA HIS B 315 -13.02 24.92 -21.83
C HIS B 315 -12.77 25.46 -20.43
N SER B 316 -11.89 24.81 -19.69
CA SER B 316 -11.63 25.13 -18.30
C SER B 316 -10.33 25.90 -18.08
N GLY B 317 -9.70 26.39 -19.15
CA GLY B 317 -8.41 27.03 -19.03
C GLY B 317 -7.24 26.08 -18.95
N ARG B 318 -7.48 24.77 -18.95
CA ARG B 318 -6.45 23.76 -18.89
C ARG B 318 -6.63 22.83 -20.09
N ILE B 319 -5.58 22.69 -20.89
CA ILE B 319 -5.62 21.92 -22.12
C ILE B 319 -4.66 20.74 -21.98
N PRO B 320 -5.17 19.54 -21.68
CA PRO B 320 -4.28 18.38 -21.59
C PRO B 320 -3.66 18.02 -22.93
N ILE B 321 -2.44 17.48 -22.85
CA ILE B 321 -1.66 17.10 -24.02
C ILE B 321 -1.35 15.61 -23.91
N SER B 322 -1.63 14.87 -24.97
CA SER B 322 -1.38 13.43 -24.98
C SER B 322 -0.82 13.00 -26.32
N LEU B 323 -0.09 11.88 -26.30
CA LEU B 323 0.45 11.26 -27.49
C LEU B 323 0.05 9.80 -27.51
N GLU B 324 -0.48 9.34 -28.65
CA GLU B 324 -0.88 7.96 -28.81
C GLU B 324 -0.36 7.42 -30.14
N THR B 325 -0.13 6.11 -30.18
CA THR B 325 0.37 5.45 -31.38
C THR B 325 -0.46 4.22 -31.71
N GLN B 326 -0.62 3.95 -33.00
CA GLN B 326 -1.18 2.71 -33.50
C GLN B 326 -0.13 2.02 -34.35
N ALA B 327 0.08 0.72 -34.11
CA ALA B 327 1.09 -0.04 -34.83
C ALA B 327 0.40 -0.93 -35.87
N HIS B 328 0.82 -0.80 -37.12
CA HIS B 328 0.42 -1.69 -38.19
C HIS B 328 1.64 -2.47 -38.63
N ILE B 329 1.56 -3.79 -38.53
CA ILE B 329 2.72 -4.67 -38.72
C ILE B 329 2.54 -5.42 -40.04
N GLN B 330 3.58 -5.41 -40.86
CA GLN B 330 3.59 -6.09 -42.15
C GLN B 330 4.86 -6.92 -42.27
N GLU B 331 4.84 -7.86 -43.21
CA GLU B 331 6.05 -8.57 -43.58
C GLU B 331 6.88 -7.69 -44.49
N CYS B 332 8.15 -7.49 -44.13
CA CYS B 332 9.01 -6.62 -44.92
C CYS B 332 9.25 -7.23 -46.29
N LYS B 333 9.15 -6.40 -47.33
CA LYS B 333 9.37 -6.86 -48.69
C LYS B 333 10.87 -6.87 -48.98
N HIS B 334 11.34 -7.95 -49.60
CA HIS B 334 12.76 -8.18 -49.82
C HIS B 334 13.51 -8.28 -48.50
N PRO B 335 13.20 -9.27 -47.65
CA PRO B 335 14.03 -9.50 -46.46
C PRO B 335 15.35 -10.16 -46.84
N SER B 336 16.33 -9.99 -45.96
CA SER B 336 17.64 -10.60 -46.18
C SER B 336 18.36 -10.68 -44.84
N VAL B 337 18.54 -11.89 -44.33
CA VAL B 337 19.29 -12.15 -43.11
C VAL B 337 20.32 -13.23 -43.41
N PHE B 338 21.58 -12.97 -43.08
CA PHE B 338 22.65 -13.92 -43.31
C PHE B 338 22.49 -15.14 -42.40
N SER B 344 10.46 -23.49 -38.99
CA SER B 344 9.22 -24.15 -39.41
C SER B 344 8.52 -24.80 -38.22
N PHE B 345 9.18 -24.83 -37.07
CA PHE B 345 8.61 -25.42 -35.86
C PHE B 345 7.71 -24.41 -35.14
N ARG B 346 6.76 -23.85 -35.88
CA ARG B 346 5.73 -23.00 -35.27
C ARG B 346 4.36 -23.36 -35.85
N LEU B 347 4.34 -23.83 -37.10
CA LEU B 347 3.11 -24.24 -37.74
C LEU B 347 2.84 -25.72 -37.57
N LEU B 348 3.90 -26.54 -37.55
CA LEU B 348 3.72 -27.96 -37.28
C LEU B 348 3.16 -28.19 -35.88
N PHE B 349 3.66 -27.42 -34.89
CA PHE B 349 3.13 -27.54 -33.54
C PHE B 349 1.67 -27.10 -33.49
N ASP B 350 1.31 -26.05 -34.23
CA ASP B 350 -0.09 -25.62 -34.28
C ASP B 350 -0.98 -26.69 -34.88
N VAL B 351 -0.51 -27.34 -35.95
CA VAL B 351 -1.28 -28.42 -36.56
C VAL B 351 -1.42 -29.58 -35.57
N VAL B 352 -0.36 -29.88 -34.82
CA VAL B 352 -0.42 -30.95 -33.83
C VAL B 352 -1.47 -30.61 -32.77
N VAL B 353 -1.48 -29.36 -32.29
CA VAL B 353 -2.46 -28.95 -31.30
C VAL B 353 -3.87 -29.09 -31.85
N ILE B 354 -4.07 -28.65 -33.09
CA ILE B 354 -5.40 -28.72 -33.68
C ILE B 354 -5.86 -30.18 -33.80
N LEU B 355 -4.96 -31.06 -34.23
CA LEU B 355 -5.31 -32.47 -34.35
C LEU B 355 -5.66 -33.07 -33.00
N THR B 356 -4.87 -32.78 -31.98
CA THR B 356 -5.15 -33.30 -30.64
C THR B 356 -6.51 -32.82 -30.14
N CYS B 357 -6.80 -31.53 -30.33
CA CYS B 357 -8.07 -31.00 -29.88
C CYS B 357 -9.24 -31.62 -30.65
N SER B 358 -9.06 -31.84 -31.95
CA SER B 358 -10.12 -32.43 -32.75
C SER B 358 -10.40 -33.87 -32.30
N LEU B 359 -9.35 -34.64 -32.04
CA LEU B 359 -9.55 -36.01 -31.56
C LEU B 359 -10.24 -36.02 -30.21
N SER B 360 -9.82 -35.14 -29.30
CA SER B 360 -10.49 -35.05 -28.00
C SER B 360 -11.95 -34.69 -28.16
N PHE B 361 -12.25 -33.75 -29.05
CA PHE B 361 -13.64 -33.36 -29.30
C PHE B 361 -14.45 -34.54 -29.81
N LEU B 362 -13.89 -35.30 -30.75
CA LEU B 362 -14.62 -36.44 -31.29
C LEU B 362 -14.92 -37.48 -30.21
N LEU B 363 -13.92 -37.80 -29.39
CA LEU B 363 -14.14 -38.81 -28.35
C LEU B 363 -15.16 -38.32 -27.32
N CYS B 364 -15.07 -37.06 -26.90
CA CYS B 364 -16.02 -36.55 -25.92
C CYS B 364 -17.43 -36.48 -26.50
N ALA B 365 -17.55 -36.14 -27.79
CA ALA B 365 -18.87 -36.15 -28.43
C ALA B 365 -19.44 -37.56 -28.47
N ARG B 366 -18.61 -38.55 -28.76
CA ARG B 366 -19.08 -39.93 -28.72
C ARG B 366 -19.56 -40.31 -27.33
N SER B 367 -18.81 -39.92 -26.29
CA SER B 367 -19.22 -40.24 -24.93
C SER B 367 -20.54 -39.57 -24.58
N LEU B 368 -20.70 -38.31 -24.97
CA LEU B 368 -21.95 -37.60 -24.68
C LEU B 368 -23.13 -38.23 -25.41
N LEU B 369 -22.92 -38.65 -26.66
CA LEU B 369 -23.99 -39.32 -27.40
C LEU B 369 -24.37 -40.63 -26.73
N ARG B 370 -23.37 -41.40 -26.28
CA ARG B 370 -23.67 -42.64 -25.56
C ARG B 370 -24.49 -42.35 -24.31
N GLY B 371 -24.10 -41.31 -23.56
CA GLY B 371 -24.87 -40.95 -22.39
C GLY B 371 -26.30 -40.57 -22.72
N PHE B 372 -26.50 -39.82 -23.80
CA PHE B 372 -27.85 -39.44 -24.22
C PHE B 372 -28.69 -40.67 -24.56
N LEU B 373 -28.10 -41.60 -25.33
CA LEU B 373 -28.85 -42.80 -25.71
C LEU B 373 -29.20 -43.64 -24.49
N LEU B 374 -28.25 -43.80 -23.55
CA LEU B 374 -28.55 -44.57 -22.35
C LEU B 374 -29.62 -43.88 -21.51
N GLN B 375 -29.59 -42.55 -21.45
CA GLN B 375 -30.63 -41.82 -20.73
C GLN B 375 -31.99 -42.07 -21.36
N ASN B 376 -32.06 -42.03 -22.70
CA ASN B 376 -33.34 -42.30 -23.37
C ASN B 376 -33.83 -43.71 -23.08
N GLU B 377 -32.91 -44.68 -23.11
CA GLU B 377 -33.30 -46.07 -22.82
C GLU B 377 -33.83 -46.19 -21.40
N PHE B 378 -33.16 -45.57 -20.43
CA PHE B 378 -33.60 -45.65 -19.04
C PHE B 378 -34.95 -45.00 -18.86
N VAL B 379 -35.17 -43.84 -19.49
CA VAL B 379 -36.46 -43.17 -19.38
C VAL B 379 -37.56 -44.03 -19.96
N GLY B 380 -37.32 -44.63 -21.13
CA GLY B 380 -38.30 -45.52 -21.71
C GLY B 380 -38.60 -46.71 -20.82
N PHE B 381 -37.57 -47.30 -20.23
CA PHE B 381 -37.77 -48.44 -19.34
C PHE B 381 -38.61 -48.04 -18.12
N MET B 382 -38.29 -46.91 -17.52
CA MET B 382 -39.03 -46.48 -16.32
C MET B 382 -40.47 -46.15 -16.65
N TRP B 383 -40.71 -45.49 -17.79
CA TRP B 383 -42.09 -45.18 -18.15
C TRP B 383 -42.91 -46.44 -18.35
N ARG B 384 -42.34 -47.45 -19.02
CA ARG B 384 -42.98 -48.73 -19.20
C ARG B 384 -43.10 -49.43 -17.84
N LEU B 392 -36.41 -33.82 -14.54
CA LEU B 392 -35.28 -33.39 -15.34
C LEU B 392 -33.98 -33.48 -14.54
N TRP B 393 -34.05 -33.16 -13.25
CA TRP B 393 -32.87 -33.19 -12.41
C TRP B 393 -32.24 -34.58 -12.40
N GLU B 394 -33.07 -35.63 -12.48
CA GLU B 394 -32.54 -36.98 -12.52
C GLU B 394 -32.11 -37.38 -13.94
N ARG B 395 -32.70 -36.74 -14.96
CA ARG B 395 -32.26 -37.01 -16.33
C ARG B 395 -30.84 -36.51 -16.55
N LEU B 396 -30.56 -35.25 -16.20
CA LEU B 396 -29.23 -34.68 -16.42
C LEU B 396 -28.16 -35.41 -15.63
N GLU B 397 -28.53 -36.36 -14.78
CA GLU B 397 -27.52 -37.20 -14.14
C GLU B 397 -26.72 -38.01 -15.16
N PHE B 398 -27.26 -38.17 -16.37
CA PHE B 398 -26.51 -38.85 -17.43
C PHE B 398 -25.57 -37.92 -18.18
N VAL B 399 -25.53 -36.63 -17.84
CA VAL B 399 -24.66 -35.67 -18.49
C VAL B 399 -23.36 -35.59 -17.72
N ASN B 400 -22.24 -35.69 -18.44
CA ASN B 400 -20.91 -35.61 -17.83
C ASN B 400 -20.38 -34.19 -18.05
N GLY B 401 -20.59 -33.33 -17.05
CA GLY B 401 -20.17 -31.94 -17.18
C GLY B 401 -18.70 -31.78 -17.48
N TRP B 402 -17.86 -32.71 -17.02
CA TRP B 402 -16.45 -32.65 -17.34
C TRP B 402 -16.23 -32.74 -18.84
N TYR B 403 -17.02 -33.56 -19.53
CA TYR B 403 -16.87 -33.67 -20.98
C TYR B 403 -17.42 -32.44 -21.68
N ILE B 404 -18.44 -31.78 -21.13
CA ILE B 404 -18.86 -30.49 -21.66
C ILE B 404 -17.72 -29.49 -21.56
N LEU B 405 -17.04 -29.47 -20.40
CA LEU B 405 -15.89 -28.59 -20.24
C LEU B 405 -14.80 -28.92 -21.25
N LEU B 406 -14.54 -30.21 -21.46
CA LEU B 406 -13.51 -30.62 -22.41
C LEU B 406 -13.86 -30.18 -23.83
N VAL B 407 -15.13 -30.34 -24.22
CA VAL B 407 -15.55 -29.95 -25.56
C VAL B 407 -15.41 -28.44 -25.73
N THR B 408 -15.82 -27.67 -24.71
CA THR B 408 -15.67 -26.22 -24.78
C THR B 408 -14.21 -25.83 -24.92
N SER B 409 -13.33 -26.46 -24.14
CA SER B 409 -11.90 -26.15 -24.23
C SER B 409 -11.35 -26.49 -25.61
N ASP B 410 -11.78 -27.62 -26.18
CA ASP B 410 -11.31 -28.01 -27.51
C ASP B 410 -11.73 -26.99 -28.55
N VAL B 411 -12.99 -26.55 -28.50
CA VAL B 411 -13.47 -25.56 -29.47
C VAL B 411 -12.70 -24.27 -29.32
N LEU B 412 -12.53 -23.80 -28.08
CA LEU B 412 -11.80 -22.56 -27.86
C LEU B 412 -10.37 -22.67 -28.34
N THR B 413 -9.71 -23.80 -28.08
CA THR B 413 -8.32 -23.96 -28.49
C THR B 413 -8.19 -24.00 -30.01
N ILE B 414 -9.10 -24.70 -30.69
CA ILE B 414 -9.03 -24.75 -32.14
C ILE B 414 -9.22 -23.37 -32.74
N SER B 415 -10.21 -22.63 -32.25
CA SER B 415 -10.45 -21.28 -32.75
C SER B 415 -9.23 -20.39 -32.51
N GLY B 416 -8.69 -20.44 -31.29
CA GLY B 416 -7.54 -19.61 -30.98
C GLY B 416 -6.31 -19.99 -31.79
N THR B 417 -6.15 -21.29 -32.08
CA THR B 417 -5.02 -21.73 -32.89
C THR B 417 -5.14 -21.24 -34.32
N ILE B 418 -6.35 -21.30 -34.88
CA ILE B 418 -6.53 -20.77 -36.23
C ILE B 418 -6.25 -19.27 -36.25
N MET B 419 -6.76 -18.54 -35.26
CA MET B 419 -6.50 -17.11 -35.21
C MET B 419 -5.01 -16.83 -35.04
N LYS B 420 -4.32 -17.62 -34.24
CA LYS B 420 -2.88 -17.45 -34.04
C LYS B 420 -2.11 -17.72 -35.32
N ILE B 421 -2.48 -18.76 -36.07
CA ILE B 421 -1.84 -19.03 -37.34
C ILE B 421 -2.03 -17.84 -38.28
N GLY B 422 -3.25 -17.30 -38.33
CA GLY B 422 -3.47 -16.12 -39.16
C GLY B 422 -2.63 -14.93 -38.72
N ILE B 423 -2.54 -14.72 -37.40
CA ILE B 423 -1.81 -13.56 -36.88
C ILE B 423 -0.33 -13.67 -37.21
N GLU B 424 0.26 -14.85 -37.00
CA GLU B 424 1.69 -15.01 -37.17
C GLU B 424 2.12 -14.96 -38.62
N ALA B 425 1.19 -15.05 -39.56
CA ALA B 425 1.48 -14.81 -40.97
C ALA B 425 1.21 -13.37 -41.38
N LYS B 426 0.82 -12.51 -40.44
CA LYS B 426 0.51 -11.10 -40.66
C LYS B 426 -0.79 -10.89 -41.40
N ASN B 427 -1.63 -11.91 -41.51
CA ASN B 427 -2.94 -11.78 -42.13
C ASN B 427 -4.03 -11.32 -41.16
N LEU B 428 -3.74 -11.32 -39.86
CA LEU B 428 -4.70 -10.90 -38.86
C LEU B 428 -4.00 -10.03 -37.83
N ALA B 429 -4.81 -9.22 -37.13
CA ALA B 429 -4.28 -8.33 -36.10
C ALA B 429 -5.12 -8.36 -34.82
N SER B 430 -5.92 -9.41 -34.61
CA SER B 430 -6.79 -9.51 -33.45
C SER B 430 -6.07 -10.29 -32.35
N TYR B 431 -5.11 -9.63 -31.71
CA TYR B 431 -4.33 -10.29 -30.68
C TYR B 431 -5.13 -10.49 -29.41
N ASP B 432 -6.02 -9.54 -29.09
CA ASP B 432 -6.79 -9.63 -27.85
C ASP B 432 -7.72 -10.85 -27.87
N VAL B 433 -8.45 -11.02 -28.96
CA VAL B 433 -9.41 -12.14 -29.04
C VAL B 433 -8.67 -13.47 -29.01
N CYS B 434 -7.58 -13.59 -29.77
CA CYS B 434 -6.82 -14.83 -29.78
C CYS B 434 -6.26 -15.13 -28.40
N SER B 435 -5.69 -14.13 -27.73
CA SER B 435 -5.13 -14.35 -26.41
C SER B 435 -6.22 -14.75 -25.42
N ILE B 436 -7.39 -14.11 -25.49
CA ILE B 436 -8.47 -14.47 -24.59
C ILE B 436 -8.91 -15.91 -24.81
N LEU B 437 -9.07 -16.30 -26.08
CA LEU B 437 -9.49 -17.67 -26.37
C LEU B 437 -8.48 -18.68 -25.84
N LEU B 438 -7.20 -18.46 -26.14
CA LEU B 438 -6.18 -19.43 -25.73
C LEU B 438 -6.04 -19.48 -24.21
N GLY B 439 -6.07 -18.32 -23.54
CA GLY B 439 -5.97 -18.32 -22.10
C GLY B 439 -7.15 -18.99 -21.42
N THR B 440 -8.36 -18.73 -21.92
CA THR B 440 -9.53 -19.37 -21.35
C THR B 440 -9.48 -20.89 -21.55
N SER B 441 -9.06 -21.33 -22.73
CA SER B 441 -8.96 -22.78 -22.97
C SER B 441 -7.89 -23.41 -22.07
N THR B 442 -6.77 -22.73 -21.87
CA THR B 442 -5.74 -23.27 -20.99
C THR B 442 -6.23 -23.35 -19.55
N LEU B 443 -6.93 -22.31 -19.09
CA LEU B 443 -7.51 -22.35 -17.76
C LEU B 443 -8.49 -23.52 -17.63
N LEU B 444 -9.32 -23.74 -18.65
CA LEU B 444 -10.29 -24.82 -18.59
C LEU B 444 -9.61 -26.19 -18.54
N VAL B 445 -8.58 -26.40 -19.37
CA VAL B 445 -7.93 -27.70 -19.38
C VAL B 445 -7.20 -27.95 -18.06
N TRP B 446 -6.64 -26.90 -17.47
CA TRP B 446 -5.99 -27.09 -16.17
C TRP B 446 -7.00 -27.32 -15.06
N VAL B 447 -8.18 -26.70 -15.14
CA VAL B 447 -9.22 -26.95 -14.15
C VAL B 447 -9.76 -28.36 -14.30
N GLY B 448 -9.75 -28.92 -15.51
CA GLY B 448 -10.26 -30.25 -15.74
C GLY B 448 -9.51 -31.35 -15.03
N VAL B 449 -8.32 -31.05 -14.49
CA VAL B 449 -7.54 -32.08 -13.80
C VAL B 449 -8.20 -32.51 -12.50
N ILE B 450 -9.13 -31.71 -11.96
CA ILE B 450 -9.80 -32.06 -10.71
C ILE B 450 -10.63 -33.33 -10.88
N ARG B 451 -11.04 -33.64 -12.10
CA ARG B 451 -11.80 -34.87 -12.33
C ARG B 451 -11.00 -36.09 -11.91
N TYR B 452 -9.70 -36.11 -12.24
CA TYR B 452 -8.87 -37.25 -11.88
C TYR B 452 -8.69 -37.33 -10.37
N LEU B 453 -8.62 -36.19 -9.68
CA LEU B 453 -8.48 -36.20 -8.24
C LEU B 453 -9.77 -36.67 -7.56
N THR B 454 -10.92 -36.46 -8.19
CA THR B 454 -12.18 -36.89 -7.59
C THR B 454 -12.27 -38.41 -7.48
N PHE B 455 -11.40 -39.16 -8.15
CA PHE B 455 -11.44 -40.62 -8.09
C PHE B 455 -10.75 -41.17 -6.84
N PHE B 456 -10.14 -40.32 -6.02
CA PHE B 456 -9.48 -40.73 -4.80
C PHE B 456 -10.21 -40.15 -3.60
N HIS B 457 -10.46 -40.98 -2.61
CA HIS B 457 -11.39 -40.64 -1.54
C HIS B 457 -10.92 -39.40 -0.76
N ASN B 458 -9.63 -39.33 -0.44
CA ASN B 458 -9.14 -38.25 0.41
C ASN B 458 -9.28 -36.89 -0.28
N TYR B 459 -8.98 -36.83 -1.58
CA TYR B 459 -9.15 -35.58 -2.32
C TYR B 459 -10.62 -35.31 -2.64
N ASN B 460 -11.37 -36.37 -2.93
CA ASN B 460 -12.79 -36.22 -3.19
C ASN B 460 -13.50 -35.64 -1.98
N ILE B 461 -13.02 -35.89 -0.78
CA ILE B 461 -13.63 -35.30 0.41
C ILE B 461 -13.64 -33.78 0.30
N LEU B 462 -12.48 -33.19 -0.02
CA LEU B 462 -12.38 -31.74 -0.12
C LEU B 462 -13.16 -31.21 -1.31
N ILE B 463 -13.07 -31.90 -2.45
CA ILE B 463 -13.80 -31.43 -3.63
C ILE B 463 -15.29 -31.44 -3.37
N ALA B 464 -15.79 -32.50 -2.75
CA ALA B 464 -17.22 -32.58 -2.41
C ALA B 464 -17.61 -31.55 -1.37
N THR B 465 -16.70 -31.24 -0.43
CA THR B 465 -16.98 -30.15 0.51
C THR B 465 -17.26 -28.86 -0.25
N LEU B 466 -16.39 -28.51 -1.20
CA LEU B 466 -16.62 -27.29 -1.98
C LEU B 466 -17.92 -27.38 -2.77
N ARG B 467 -18.17 -28.54 -3.38
CA ARG B 467 -19.37 -28.70 -4.21
C ARG B 467 -20.64 -28.52 -3.39
N VAL B 468 -20.70 -29.10 -2.20
N VAL B 468 -20.68 -29.10 -2.20
CA VAL B 468 -21.91 -28.97 -1.38
CA VAL B 468 -21.85 -29.00 -1.33
C VAL B 468 -21.99 -27.60 -0.72
C VAL B 468 -21.99 -27.60 -0.77
N ALA B 469 -20.86 -26.90 -0.56
CA ALA B 469 -20.93 -25.54 -0.04
C ALA B 469 -21.44 -24.54 -1.07
N LEU B 470 -21.16 -24.77 -2.35
CA LEU B 470 -21.41 -23.76 -3.37
C LEU B 470 -22.84 -23.21 -3.38
N PRO B 471 -23.90 -24.02 -3.30
CA PRO B 471 -25.26 -23.44 -3.44
C PRO B 471 -25.61 -22.41 -2.38
N SER B 472 -25.36 -22.72 -1.10
CA SER B 472 -25.64 -21.76 -0.04
C SER B 472 -24.74 -20.53 -0.16
N VAL B 473 -23.51 -20.72 -0.64
CA VAL B 473 -22.62 -19.58 -0.87
C VAL B 473 -23.23 -18.65 -1.91
N MET B 474 -23.77 -19.20 -2.99
CA MET B 474 -24.37 -18.37 -4.04
C MET B 474 -25.63 -17.69 -3.54
N ARG B 475 -26.44 -18.39 -2.73
CA ARG B 475 -27.63 -17.76 -2.16
C ARG B 475 -27.25 -16.60 -1.24
N PHE B 476 -26.22 -16.78 -0.43
CA PHE B 476 -25.76 -15.68 0.41
C PHE B 476 -25.21 -14.53 -0.43
N CYS B 477 -24.57 -14.85 -1.56
CA CYS B 477 -24.13 -13.80 -2.48
C CYS B 477 -25.33 -13.01 -2.99
N CYS B 478 -26.42 -13.70 -3.33
CA CYS B 478 -27.64 -13.01 -3.73
C CYS B 478 -28.13 -12.09 -2.62
N CYS B 479 -28.11 -12.57 -1.38
CA CYS B 479 -28.54 -11.73 -0.26
C CYS B 479 -27.66 -10.50 -0.11
N VAL B 480 -26.34 -10.67 -0.27
CA VAL B 480 -25.38 -9.60 -0.03
C VAL B 480 -25.32 -8.59 -1.17
N ALA B 481 -25.70 -9.00 -2.38
CA ALA B 481 -25.53 -8.12 -3.54
C ALA B 481 -26.37 -6.85 -3.42
N VAL B 482 -27.57 -6.94 -2.87
CA VAL B 482 -28.43 -5.76 -2.77
C VAL B 482 -27.82 -4.73 -1.83
N ILE B 483 -27.31 -5.16 -0.68
CA ILE B 483 -26.64 -4.26 0.24
C ILE B 483 -25.42 -3.65 -0.42
N TYR B 484 -24.64 -4.48 -1.12
CA TYR B 484 -23.44 -3.99 -1.78
C TYR B 484 -23.78 -2.93 -2.82
N LEU B 485 -24.84 -3.16 -3.61
CA LEU B 485 -25.24 -2.21 -4.64
C LEU B 485 -25.76 -0.91 -4.04
N GLY B 486 -26.54 -1.00 -2.97
CA GLY B 486 -27.00 0.21 -2.31
C GLY B 486 -25.83 1.04 -1.82
N TYR B 487 -24.85 0.39 -1.20
CA TYR B 487 -23.66 1.10 -0.74
C TYR B 487 -22.91 1.71 -1.92
N CYS B 488 -22.80 0.97 -3.02
CA CYS B 488 -22.12 1.50 -4.20
C CYS B 488 -22.77 2.78 -4.69
N PHE B 489 -24.10 2.75 -4.87
CA PHE B 489 -24.79 3.94 -5.36
C PHE B 489 -24.65 5.11 -4.38
N CYS B 490 -24.83 4.85 -3.09
CA CYS B 490 -24.73 5.92 -2.11
C CYS B 490 -23.33 6.54 -2.11
N GLY B 491 -22.29 5.70 -2.12
CA GLY B 491 -20.94 6.23 -2.13
C GLY B 491 -20.63 7.00 -3.39
N TRP B 492 -21.09 6.50 -4.53
CA TRP B 492 -20.85 7.23 -5.78
C TRP B 492 -21.51 8.59 -5.77
N ILE B 493 -22.76 8.67 -5.29
CA ILE B 493 -23.49 9.93 -5.36
C ILE B 493 -22.94 10.93 -4.33
N VAL B 494 -22.56 10.46 -3.15
CA VAL B 494 -22.16 11.37 -2.08
C VAL B 494 -20.68 11.71 -2.14
N LEU B 495 -19.81 10.70 -2.22
CA LEU B 495 -18.38 10.92 -2.14
C LEU B 495 -17.72 11.14 -3.50
N GLY B 496 -18.46 10.95 -4.59
CA GLY B 496 -17.89 11.09 -5.92
C GLY B 496 -17.27 12.45 -6.15
N PRO B 497 -17.98 13.51 -5.76
CA PRO B 497 -17.43 14.86 -5.94
C PRO B 497 -16.12 15.09 -5.20
N TYR B 498 -15.91 14.42 -4.07
CA TYR B 498 -14.78 14.74 -3.20
C TYR B 498 -13.68 13.70 -3.19
N HIS B 499 -13.95 12.47 -3.59
CA HIS B 499 -13.00 11.36 -3.49
C HIS B 499 -12.60 10.90 -4.88
N VAL B 500 -11.30 10.81 -5.13
CA VAL B 500 -10.83 10.38 -6.44
C VAL B 500 -11.20 8.93 -6.70
N LYS B 501 -11.33 8.12 -5.65
CA LYS B 501 -11.65 6.70 -5.80
C LYS B 501 -13.13 6.44 -5.96
N PHE B 502 -13.98 7.47 -5.93
CA PHE B 502 -15.43 7.30 -6.05
C PHE B 502 -15.97 8.03 -7.29
N ARG B 503 -15.14 8.25 -8.30
CA ARG B 503 -15.57 9.03 -9.45
C ARG B 503 -16.49 8.26 -10.39
N SER B 504 -16.35 6.94 -10.45
CA SER B 504 -17.17 6.11 -11.33
C SER B 504 -17.68 4.91 -10.54
N LEU B 505 -18.84 4.40 -10.96
CA LEU B 505 -19.46 3.29 -10.24
C LEU B 505 -18.57 2.06 -10.27
N SER B 506 -17.91 1.79 -11.41
CA SER B 506 -16.95 0.68 -11.44
C SER B 506 -15.79 0.92 -10.49
N MET B 507 -15.30 2.17 -10.45
CA MET B 507 -14.24 2.50 -9.50
C MET B 507 -14.73 2.37 -8.06
N VAL B 508 -15.98 2.78 -7.80
CA VAL B 508 -16.54 2.65 -6.46
C VAL B 508 -16.61 1.18 -6.07
N SER B 509 -17.05 0.32 -6.99
CA SER B 509 -17.14 -1.10 -6.70
C SER B 509 -15.75 -1.69 -6.44
N GLU B 510 -14.76 -1.30 -7.23
CA GLU B 510 -13.40 -1.79 -6.99
C GLU B 510 -12.89 -1.34 -5.63
N CYS B 511 -13.13 -0.08 -5.27
CA CYS B 511 -12.68 0.42 -3.98
C CYS B 511 -13.36 -0.33 -2.83
N LEU B 512 -14.67 -0.53 -2.93
CA LEU B 512 -15.38 -1.22 -1.86
C LEU B 512 -14.94 -2.68 -1.76
N PHE B 513 -14.72 -3.35 -2.89
CA PHE B 513 -14.26 -4.73 -2.88
C PHE B 513 -12.88 -4.83 -2.25
N SER B 514 -11.99 -3.90 -2.56
CA SER B 514 -10.68 -3.90 -1.93
C SER B 514 -10.77 -3.62 -0.44
N LEU B 515 -11.67 -2.72 -0.03
CA LEU B 515 -11.87 -2.45 1.39
C LEU B 515 -12.35 -3.69 2.12
N ILE B 516 -13.27 -4.43 1.51
CA ILE B 516 -13.79 -5.64 2.17
C ILE B 516 -12.66 -6.60 2.48
N ASN B 517 -11.61 -6.60 1.68
CA ASN B 517 -10.48 -7.52 1.84
C ASN B 517 -9.29 -6.86 2.52
N GLY B 518 -9.49 -5.70 3.14
CA GLY B 518 -8.45 -5.05 3.91
C GLY B 518 -7.30 -4.49 3.09
N ASP B 519 -7.61 -3.74 2.04
CA ASP B 519 -6.59 -3.12 1.20
C ASP B 519 -6.95 -1.65 0.97
N ASP B 520 -5.95 -0.77 1.13
CA ASP B 520 -6.09 0.65 0.82
C ASP B 520 -7.11 1.34 1.73
N MET B 521 -7.26 0.85 2.97
CA MET B 521 -8.23 1.43 3.88
C MET B 521 -7.79 2.82 4.36
N PHE B 522 -6.53 2.94 4.79
CA PHE B 522 -6.11 4.19 5.40
C PHE B 522 -6.03 5.32 4.39
N VAL B 523 -5.62 5.03 3.16
CA VAL B 523 -5.60 6.08 2.14
C VAL B 523 -7.02 6.55 1.84
N THR B 524 -7.97 5.62 1.83
CA THR B 524 -9.37 6.00 1.63
C THR B 524 -9.84 6.93 2.74
N PHE B 525 -9.49 6.61 3.99
CA PHE B 525 -9.87 7.50 5.09
C PHE B 525 -9.16 8.85 4.99
N ALA B 526 -7.88 8.84 4.63
CA ALA B 526 -7.08 10.07 4.63
C ALA B 526 -7.49 11.01 3.51
N ALA B 527 -7.95 10.48 2.38
CA ALA B 527 -8.43 11.35 1.31
C ALA B 527 -9.58 12.21 1.80
N MET B 528 -10.50 11.63 2.57
CA MET B 528 -11.59 12.42 3.14
C MET B 528 -11.08 13.30 4.28
N GLN B 529 -10.13 12.79 5.08
CA GLN B 529 -9.54 13.62 6.13
C GLN B 529 -8.97 14.91 5.59
N ALA B 530 -8.41 14.86 4.38
CA ALA B 530 -7.78 16.03 3.77
C ALA B 530 -8.77 17.15 3.48
N GLN B 531 -10.07 16.93 3.71
CA GLN B 531 -11.07 17.97 3.47
C GLN B 531 -12.12 17.99 4.59
N GLN B 532 -11.71 17.68 5.82
CA GLN B 532 -12.64 17.72 6.94
C GLN B 532 -13.18 19.12 7.16
N GLY B 533 -12.29 20.13 7.16
CA GLY B 533 -12.72 21.48 7.48
C GLY B 533 -13.68 22.05 6.46
N ARG B 534 -13.49 21.71 5.18
CA ARG B 534 -14.34 22.27 4.12
C ARG B 534 -15.81 21.98 4.38
N SER B 535 -16.19 20.71 4.40
CA SER B 535 -17.57 20.30 4.64
C SER B 535 -17.59 19.31 5.80
N SER B 536 -18.11 19.75 6.94
CA SER B 536 -18.18 18.87 8.10
C SER B 536 -19.25 17.81 7.92
N LEU B 537 -20.37 18.17 7.29
CA LEU B 537 -21.45 17.21 7.08
C LEU B 537 -20.98 16.06 6.20
N VAL B 538 -20.27 16.38 5.10
CA VAL B 538 -19.78 15.34 4.21
C VAL B 538 -18.76 14.46 4.91
N TRP B 539 -17.89 15.07 5.73
CA TRP B 539 -16.89 14.29 6.44
C TRP B 539 -17.54 13.34 7.44
N LEU B 540 -18.55 13.82 8.19
CA LEU B 540 -19.24 12.94 9.12
C LEU B 540 -19.96 11.81 8.39
N PHE B 541 -20.59 12.13 7.26
CA PHE B 541 -21.26 11.09 6.49
C PHE B 541 -20.25 10.06 5.98
N SER B 542 -19.09 10.52 5.52
CA SER B 542 -18.07 9.59 5.04
C SER B 542 -17.57 8.69 6.17
N GLN B 543 -17.39 9.27 7.36
CA GLN B 543 -16.99 8.46 8.51
C GLN B 543 -18.00 7.36 8.78
N LEU B 544 -19.27 7.74 8.90
CA LEU B 544 -20.31 6.75 9.18
C LEU B 544 -20.37 5.70 8.08
N TYR B 545 -20.33 6.15 6.82
CA TYR B 545 -20.47 5.25 5.68
C TYR B 545 -19.33 4.23 5.65
N LEU B 546 -18.09 4.70 5.71
CA LEU B 546 -16.95 3.80 5.62
C LEU B 546 -16.91 2.85 6.80
N TYR B 547 -17.08 3.37 8.02
CA TYR B 547 -17.00 2.51 9.19
C TYR B 547 -18.08 1.43 9.15
N SER B 548 -19.33 1.82 8.87
CA SER B 548 -20.41 0.85 8.86
C SER B 548 -20.20 -0.20 7.78
N PHE B 549 -19.82 0.22 6.57
CA PHE B 549 -19.62 -0.73 5.49
C PHE B 549 -18.52 -1.73 5.83
N ILE B 550 -17.36 -1.23 6.25
CA ILE B 550 -16.24 -2.13 6.51
C ILE B 550 -16.58 -3.09 7.64
N SER B 551 -17.16 -2.57 8.72
CA SER B 551 -17.49 -3.44 9.86
C SER B 551 -18.49 -4.51 9.45
N LEU B 552 -19.57 -4.10 8.79
CA LEU B 552 -20.60 -5.05 8.41
C LEU B 552 -20.03 -6.14 7.50
N PHE B 553 -19.23 -5.76 6.51
CA PHE B 553 -18.81 -6.74 5.52
C PHE B 553 -17.64 -7.59 5.98
N ILE B 554 -16.81 -7.11 6.92
CA ILE B 554 -15.70 -7.93 7.38
C ILE B 554 -16.09 -8.80 8.57
N TYR B 555 -16.82 -8.25 9.54
CA TYR B 555 -17.10 -8.98 10.77
C TYR B 555 -18.36 -9.82 10.73
N MET B 556 -19.16 -9.73 9.67
CA MET B 556 -20.41 -10.50 9.61
C MET B 556 -20.56 -11.29 8.32
N VAL B 557 -20.13 -10.75 7.18
CA VAL B 557 -20.35 -11.42 5.90
C VAL B 557 -19.28 -12.48 5.65
N LEU B 558 -18.00 -12.09 5.79
CA LEU B 558 -16.93 -13.06 5.62
C LEU B 558 -17.00 -14.15 6.69
N SER B 559 -17.41 -13.78 7.90
CA SER B 559 -17.61 -14.76 8.95
C SER B 559 -18.66 -15.78 8.55
N LEU B 560 -19.75 -15.32 7.92
CA LEU B 560 -20.78 -16.25 7.49
C LEU B 560 -20.31 -17.12 6.33
N PHE B 561 -19.48 -16.59 5.44
CA PHE B 561 -18.87 -17.45 4.42
C PHE B 561 -18.05 -18.56 5.07
N ILE B 562 -17.25 -18.20 6.06
CA ILE B 562 -16.44 -19.19 6.77
C ILE B 562 -17.34 -20.22 7.42
N ALA B 563 -18.43 -19.76 8.05
CA ALA B 563 -19.34 -20.69 8.73
C ALA B 563 -20.00 -21.63 7.74
N LEU B 564 -20.39 -21.13 6.57
CA LEU B 564 -20.99 -21.99 5.56
C LEU B 564 -20.02 -23.07 5.11
N ILE B 565 -18.77 -22.68 4.85
CA ILE B 565 -17.78 -23.67 4.43
C ILE B 565 -17.54 -24.69 5.54
N THR B 566 -17.46 -24.23 6.78
CA THR B 566 -17.23 -25.14 7.90
C THR B 566 -18.38 -26.12 8.06
N GLY B 567 -19.61 -25.64 7.92
CA GLY B 567 -20.76 -26.53 8.00
C GLY B 567 -20.78 -27.56 6.88
N ALA B 568 -20.44 -27.14 5.67
CA ALA B 568 -20.36 -28.08 4.56
C ALA B 568 -19.31 -29.16 4.84
N TYR B 569 -18.14 -28.74 5.32
CA TYR B 569 -17.09 -29.72 5.63
C TYR B 569 -17.54 -30.66 6.73
N ASP B 570 -18.21 -30.15 7.76
CA ASP B 570 -18.68 -31.01 8.84
C ASP B 570 -19.69 -32.03 8.34
N THR B 571 -20.61 -31.60 7.46
CA THR B 571 -21.59 -32.54 6.92
C THR B 571 -20.90 -33.60 6.07
N ILE B 572 -19.90 -33.21 5.27
CA ILE B 572 -19.24 -34.20 4.41
C ILE B 572 -18.52 -35.25 5.24
N LYS B 573 -17.96 -34.87 6.38
CA LYS B 573 -17.21 -35.80 7.23
C LYS B 573 -18.11 -36.71 8.05
N HIS B 574 -19.40 -36.77 7.73
CA HIS B 574 -20.33 -37.64 8.45
C HIS B 574 -21.30 -38.31 7.48
N LEU C 89 -61.54 -13.03 15.75
CA LEU C 89 -60.31 -12.26 15.89
C LEU C 89 -59.11 -13.11 15.49
N ARG C 90 -59.18 -14.40 15.78
CA ARG C 90 -58.05 -15.28 15.46
C ARG C 90 -57.79 -15.32 13.96
N ARG C 91 -58.86 -15.40 13.16
CA ARG C 91 -58.67 -15.46 11.71
C ARG C 91 -58.06 -14.16 11.18
N ARG C 92 -58.54 -13.01 11.66
CA ARG C 92 -57.98 -11.75 11.19
C ARG C 92 -56.51 -11.62 11.60
N LEU C 93 -56.19 -12.03 12.82
CA LEU C 93 -54.79 -12.00 13.26
C LEU C 93 -53.93 -12.90 12.40
N LYS C 94 -54.43 -14.11 12.09
CA LYS C 94 -53.66 -15.03 11.25
C LYS C 94 -53.44 -14.45 9.86
N TYR C 95 -54.47 -13.82 9.29
CA TYR C 95 -54.33 -13.22 7.97
C TYR C 95 -53.37 -12.02 8.01
N PHE C 96 -53.36 -11.27 9.10
CA PHE C 96 -52.49 -10.11 9.19
C PHE C 96 -51.02 -10.52 9.07
N PHE C 97 -50.65 -11.66 9.64
CA PHE C 97 -49.28 -12.15 9.60
C PHE C 97 -49.03 -13.09 8.43
N MET C 98 -50.00 -13.29 7.55
CA MET C 98 -49.81 -14.15 6.39
C MET C 98 -48.78 -13.54 5.44
N SER C 99 -48.06 -14.41 4.74
CA SER C 99 -47.14 -13.96 3.72
C SER C 99 -47.90 -13.44 2.51
N PRO C 100 -47.26 -12.66 1.64
CA PRO C 100 -47.98 -12.14 0.47
C PRO C 100 -48.63 -13.23 -0.36
N CYS C 101 -47.94 -14.37 -0.55
CA CYS C 101 -48.53 -15.47 -1.32
C CYS C 101 -49.77 -16.01 -0.61
N ASP C 102 -49.69 -16.21 0.70
CA ASP C 102 -50.83 -16.70 1.45
C ASP C 102 -51.97 -15.70 1.43
N LYS C 103 -51.66 -14.41 1.54
CA LYS C 103 -52.70 -13.39 1.49
C LYS C 103 -53.41 -13.39 0.14
N PHE C 104 -52.63 -13.53 -0.94
CA PHE C 104 -53.23 -13.59 -2.27
C PHE C 104 -54.10 -14.84 -2.42
N ARG C 105 -53.63 -15.98 -1.89
CA ARG C 105 -54.44 -17.19 -1.95
C ARG C 105 -55.73 -17.04 -1.18
N ALA C 106 -55.67 -16.37 -0.03
CA ALA C 106 -56.84 -16.27 0.84
C ALA C 106 -57.86 -15.29 0.28
N LYS C 107 -57.47 -14.02 0.13
CA LYS C 107 -58.42 -12.98 -0.26
C LYS C 107 -58.32 -12.58 -1.72
N GLY C 108 -57.23 -12.92 -2.40
CA GLY C 108 -57.11 -12.64 -3.82
C GLY C 108 -56.84 -11.20 -4.17
N ARG C 109 -56.59 -10.34 -3.18
CA ARG C 109 -56.30 -8.95 -3.47
C ARG C 109 -54.97 -8.82 -4.22
N LYS C 110 -54.97 -8.00 -5.25
CA LYS C 110 -53.77 -7.83 -6.06
C LYS C 110 -52.66 -7.19 -5.23
N PRO C 111 -51.43 -7.72 -5.26
CA PRO C 111 -50.37 -7.11 -4.45
C PRO C 111 -49.83 -5.83 -5.07
N CYS C 112 -50.60 -4.75 -4.93
CA CYS C 112 -50.19 -3.48 -5.53
C CYS C 112 -48.89 -2.98 -4.92
N LYS C 113 -48.72 -3.15 -3.61
CA LYS C 113 -47.57 -2.57 -2.93
C LYS C 113 -46.26 -3.17 -3.43
N LEU C 114 -46.23 -4.47 -3.70
CA LEU C 114 -45.00 -5.10 -4.18
C LEU C 114 -44.58 -4.53 -5.53
N MET C 115 -45.53 -4.45 -6.47
CA MET C 115 -45.23 -3.87 -7.77
C MET C 115 -44.80 -2.42 -7.64
N LEU C 116 -45.46 -1.67 -6.76
CA LEU C 116 -45.09 -0.29 -6.54
C LEU C 116 -43.67 -0.18 -5.99
N GLN C 117 -43.28 -1.09 -5.09
CA GLN C 117 -41.92 -1.05 -4.56
C GLN C 117 -40.90 -1.36 -5.63
N VAL C 118 -41.20 -2.32 -6.51
CA VAL C 118 -40.28 -2.63 -7.60
C VAL C 118 -40.10 -1.41 -8.52
N VAL C 119 -41.22 -0.79 -8.88
CA VAL C 119 -41.16 0.41 -9.73
C VAL C 119 -40.39 1.51 -9.02
N LYS C 120 -40.58 1.64 -7.71
CA LYS C 120 -39.88 2.66 -6.93
C LYS C 120 -38.38 2.42 -6.98
N ILE C 121 -37.95 1.17 -6.78
CA ILE C 121 -36.53 0.86 -6.86
C ILE C 121 -35.98 1.29 -8.22
N LEU C 122 -36.69 0.91 -9.29
CA LEU C 122 -36.20 1.22 -10.63
C LEU C 122 -36.07 2.73 -10.83
N VAL C 123 -37.13 3.48 -10.54
CA VAL C 123 -37.13 4.91 -10.84
C VAL C 123 -36.15 5.65 -9.95
N VAL C 124 -36.06 5.26 -8.67
CA VAL C 124 -35.13 5.92 -7.76
C VAL C 124 -33.69 5.70 -8.22
N THR C 125 -33.36 4.47 -8.63
CA THR C 125 -32.00 4.21 -9.11
C THR C 125 -31.70 5.00 -10.37
N VAL C 126 -32.64 5.06 -11.31
CA VAL C 126 -32.42 5.82 -12.54
C VAL C 126 -32.21 7.29 -12.22
N GLN C 127 -33.04 7.84 -11.33
CA GLN C 127 -32.91 9.25 -10.97
C GLN C 127 -31.55 9.52 -10.32
N LEU C 128 -31.10 8.64 -9.43
CA LEU C 128 -29.81 8.83 -8.80
C LEU C 128 -28.69 8.80 -9.84
N ILE C 129 -28.75 7.86 -10.78
CA ILE C 129 -27.71 7.76 -11.80
C ILE C 129 -27.66 9.04 -12.63
N LEU C 130 -28.82 9.53 -13.05
CA LEU C 130 -28.86 10.75 -13.85
C LEU C 130 -28.30 11.93 -13.07
N PHE C 131 -28.69 12.07 -11.81
CA PHE C 131 -28.22 13.19 -11.00
C PHE C 131 -26.71 13.14 -10.82
N GLY C 132 -26.15 11.96 -10.55
CA GLY C 132 -24.71 11.85 -10.39
C GLY C 132 -23.97 12.16 -11.68
N LEU C 133 -24.49 11.67 -12.81
CA LEU C 133 -23.88 11.98 -14.10
C LEU C 133 -23.87 13.48 -14.34
N SER C 134 -24.97 14.16 -14.02
CA SER C 134 -25.01 15.60 -14.24
C SER C 134 -24.04 16.34 -13.32
N ASN C 135 -23.96 15.92 -12.04
CA ASN C 135 -23.15 16.66 -11.07
CA ASN C 135 -23.16 16.66 -11.08
C ASN C 135 -21.66 16.48 -11.29
N GLN C 136 -21.23 15.29 -11.72
CA GLN C 136 -19.79 15.09 -11.91
C GLN C 136 -19.22 16.02 -12.97
N LEU C 137 -20.02 16.42 -13.97
CA LEU C 137 -19.53 17.35 -14.97
C LEU C 137 -19.20 18.70 -14.37
N ALA C 138 -20.09 19.23 -13.53
CA ALA C 138 -19.83 20.50 -12.87
C ALA C 138 -18.65 20.40 -11.92
N VAL C 139 -18.54 19.27 -11.22
CA VAL C 139 -17.40 19.08 -10.33
C VAL C 139 -16.09 19.12 -11.12
N THR C 140 -16.06 18.44 -12.27
CA THR C 140 -14.87 18.45 -13.11
C THR C 140 -14.57 19.86 -13.61
N PHE C 141 -15.59 20.60 -14.03
CA PHE C 141 -15.37 21.96 -14.50
C PHE C 141 -14.71 22.82 -13.42
N ARG C 142 -15.26 22.77 -12.21
CA ARG C 142 -14.72 23.58 -11.13
C ARG C 142 -13.30 23.16 -10.79
N GLU C 143 -13.04 21.85 -10.72
CA GLU C 143 -11.71 21.37 -10.37
C GLU C 143 -10.68 21.78 -11.42
N GLU C 144 -11.03 21.65 -12.70
CA GLU C 144 -10.10 22.03 -13.76
C GLU C 144 -9.82 23.53 -13.73
N ASN C 145 -10.85 24.35 -13.52
CA ASN C 145 -10.62 25.78 -13.43
C ASN C 145 -9.71 26.12 -12.25
N THR C 146 -9.90 25.44 -11.11
CA THR C 146 -9.05 25.71 -9.96
C THR C 146 -7.60 25.31 -10.23
N ILE C 147 -7.39 24.18 -10.90
CA ILE C 147 -6.02 23.78 -11.24
C ILE C 147 -5.39 24.80 -12.17
N ALA C 148 -6.15 25.27 -13.17
CA ALA C 148 -5.64 26.30 -14.06
C ALA C 148 -5.28 27.57 -13.30
N PHE C 149 -6.12 27.97 -12.33
CA PHE C 149 -5.82 29.15 -11.53
C PHE C 149 -4.55 28.97 -10.73
N ARG C 150 -4.35 27.77 -10.16
CA ARG C 150 -3.13 27.52 -9.40
C ARG C 150 -1.91 27.62 -10.29
N HIS C 151 -1.99 27.08 -11.51
CA HIS C 151 -0.85 27.17 -12.42
C HIS C 151 -0.65 28.60 -12.93
N LEU C 152 -1.70 29.41 -12.94
CA LEU C 152 -1.59 30.76 -13.47
C LEU C 152 -1.06 31.75 -12.44
N PHE C 153 -1.51 31.65 -11.19
CA PHE C 153 -1.28 32.71 -10.22
C PHE C 153 -0.25 32.38 -9.16
N LEU C 154 0.13 31.12 -9.01
CA LEU C 154 1.12 30.72 -8.00
C LEU C 154 2.48 30.58 -8.68
N LEU C 155 3.47 31.31 -8.20
CA LEU C 155 4.79 31.35 -8.81
C LEU C 155 5.56 30.08 -8.47
N GLY C 156 6.04 29.38 -9.49
CA GLY C 156 6.79 28.16 -9.28
C GLY C 156 5.97 26.99 -8.82
N TYR C 157 4.66 27.01 -9.07
CA TYR C 157 3.80 25.92 -8.63
C TYR C 157 3.92 24.73 -9.56
N SER C 158 3.89 23.53 -8.99
CA SER C 158 3.88 22.29 -9.75
C SER C 158 2.85 21.35 -9.16
N ASP C 159 2.32 20.46 -10.00
CA ASP C 159 1.28 19.54 -9.56
C ASP C 159 1.79 18.64 -8.44
N GLY C 160 0.91 18.39 -7.47
CA GLY C 160 1.25 17.54 -6.34
C GLY C 160 2.03 18.22 -5.24
N ALA C 161 2.14 19.55 -5.27
CA ALA C 161 2.90 20.29 -4.27
C ALA C 161 2.00 21.17 -3.41
N ASP C 162 0.70 20.89 -3.36
CA ASP C 162 -0.22 21.76 -2.63
C ASP C 162 0.11 21.80 -1.15
N ASP C 163 0.47 20.66 -0.57
CA ASP C 163 0.64 20.59 0.88
C ASP C 163 1.91 21.30 1.33
N THR C 164 2.98 21.20 0.54
CA THR C 164 4.27 21.74 0.93
C THR C 164 4.60 23.09 0.30
N PHE C 165 3.69 23.66 -0.49
CA PHE C 165 3.95 24.93 -1.14
C PHE C 165 4.04 26.04 -0.09
N ALA C 166 5.20 26.67 0.02
CA ALA C 166 5.41 27.69 1.04
C ALA C 166 6.56 28.60 0.63
N ALA C 167 6.61 29.77 1.27
CA ALA C 167 7.70 30.72 1.11
C ALA C 167 8.57 30.70 2.36
N TYR C 168 9.86 31.01 2.18
CA TYR C 168 10.81 30.97 3.27
C TYR C 168 11.67 32.22 3.40
N THR C 169 11.64 33.12 2.43
CA THR C 169 12.37 34.38 2.51
C THR C 169 11.43 35.52 2.14
N ARG C 170 11.77 36.72 2.60
CA ARG C 170 10.97 37.90 2.27
C ARG C 170 10.94 38.12 0.77
N GLU C 171 12.05 37.85 0.10
CA GLU C 171 12.11 38.01 -1.35
C GLU C 171 11.12 37.07 -2.03
N GLN C 172 11.07 35.81 -1.58
CA GLN C 172 10.13 34.86 -2.17
C GLN C 172 8.69 35.32 -1.99
N LEU C 173 8.36 35.81 -0.81
CA LEU C 173 6.98 36.23 -0.54
C LEU C 173 6.60 37.42 -1.40
N TYR C 174 7.48 38.42 -1.49
CA TYR C 174 7.21 39.57 -2.34
C TYR C 174 7.05 39.15 -3.80
N GLN C 175 7.93 38.26 -4.27
CA GLN C 175 7.85 37.81 -5.65
C GLN C 175 6.55 37.07 -5.91
N ALA C 176 6.12 36.21 -4.99
CA ALA C 176 4.88 35.48 -5.18
C ALA C 176 3.68 36.44 -5.24
N ILE C 177 3.63 37.41 -4.32
CA ILE C 177 2.51 38.34 -4.30
C ILE C 177 2.46 39.15 -5.60
N PHE C 178 3.61 39.68 -6.02
CA PHE C 178 3.65 40.50 -7.22
C PHE C 178 3.34 39.67 -8.46
N HIS C 179 3.81 38.41 -8.49
CA HIS C 179 3.49 37.54 -9.61
C HIS C 179 1.99 37.29 -9.70
N ALA C 180 1.34 37.04 -8.56
CA ALA C 180 -0.09 36.82 -8.58
C ALA C 180 -0.83 38.04 -9.11
N VAL C 181 -0.46 39.24 -8.63
CA VAL C 181 -1.16 40.44 -9.08
C VAL C 181 -0.91 40.69 -10.57
N ASP C 182 0.35 40.53 -11.01
CA ASP C 182 0.67 40.75 -12.41
C ASP C 182 -0.06 39.77 -13.32
N GLN C 183 -0.16 38.50 -12.91
CA GLN C 183 -0.89 37.53 -13.70
C GLN C 183 -2.37 37.83 -13.71
N TYR C 184 -2.91 38.39 -12.62
CA TYR C 184 -4.29 38.84 -12.66
C TYR C 184 -4.47 39.94 -13.68
N LEU C 185 -3.53 40.87 -13.77
CA LEU C 185 -3.66 41.98 -14.71
C LEU C 185 -3.41 41.56 -16.15
N ALA C 186 -2.69 40.47 -16.39
CA ALA C 186 -2.36 40.02 -17.74
C ALA C 186 -3.27 38.87 -18.21
N LEU C 187 -4.28 38.52 -17.43
CA LEU C 187 -5.06 37.32 -17.73
C LEU C 187 -5.66 37.31 -19.14
N PRO C 188 -6.24 38.40 -19.65
CA PRO C 188 -6.85 38.33 -20.98
C PRO C 188 -5.91 37.90 -22.08
N ASP C 189 -4.63 38.26 -21.99
CA ASP C 189 -3.68 38.00 -23.07
C ASP C 189 -2.98 36.64 -22.97
N VAL C 190 -3.05 35.97 -21.82
CA VAL C 190 -2.23 34.79 -21.59
C VAL C 190 -3.09 33.56 -21.35
N SER C 191 -4.28 33.75 -20.82
CA SER C 191 -5.09 32.62 -20.38
C SER C 191 -5.68 31.87 -21.56
N LEU C 192 -5.71 30.55 -21.44
CA LEU C 192 -6.42 29.72 -22.42
C LEU C 192 -7.93 29.78 -22.23
N GLY C 193 -8.39 30.08 -21.02
CA GLY C 193 -9.80 30.26 -20.78
C GLY C 193 -10.25 31.67 -21.06
N ARG C 194 -11.57 31.85 -21.10
CA ARG C 194 -12.21 33.14 -21.34
C ARG C 194 -12.83 33.60 -20.03
N TYR C 195 -12.27 34.64 -19.44
CA TYR C 195 -12.72 35.14 -18.14
C TYR C 195 -13.06 36.61 -18.24
N ALA C 196 -14.00 37.04 -17.40
CA ALA C 196 -14.41 38.43 -17.31
C ALA C 196 -14.15 38.94 -15.90
N TYR C 197 -13.77 40.21 -15.80
CA TYR C 197 -13.51 40.82 -14.52
C TYR C 197 -14.80 41.24 -13.83
N VAL C 198 -14.81 41.13 -12.51
CA VAL C 198 -15.91 41.58 -11.66
C VAL C 198 -15.41 42.70 -10.78
N ARG C 199 -16.10 43.83 -10.78
CA ARG C 199 -15.65 45.03 -10.08
C ARG C 199 -16.59 45.35 -8.92
N GLY C 200 -16.01 45.79 -7.81
CA GLY C 200 -16.81 46.26 -6.69
C GLY C 200 -17.74 45.19 -6.18
N GLY C 201 -18.99 45.58 -5.95
CA GLY C 201 -20.01 44.63 -5.50
C GLY C 201 -19.82 44.07 -4.11
N GLY C 202 -19.43 44.91 -3.15
CA GLY C 202 -19.38 44.48 -1.77
C GLY C 202 -18.06 44.73 -1.08
N ASP C 203 -17.62 43.75 -0.29
CA ASP C 203 -16.40 43.81 0.49
C ASP C 203 -15.65 42.49 0.31
N PRO C 204 -14.31 42.51 0.26
CA PRO C 204 -13.36 43.61 0.50
C PRO C 204 -13.09 44.49 -0.70
N TRP C 205 -13.92 44.48 -1.74
CA TRP C 205 -13.65 45.27 -2.93
C TRP C 205 -14.41 46.59 -2.85
N THR C 206 -13.68 47.70 -2.95
CA THR C 206 -14.33 48.99 -3.08
C THR C 206 -14.93 49.12 -4.48
N ASN C 207 -15.78 50.13 -4.65
CA ASN C 207 -16.42 50.34 -5.94
C ASN C 207 -15.37 50.53 -7.03
N GLY C 208 -15.53 49.80 -8.13
CA GLY C 208 -14.61 49.89 -9.24
C GLY C 208 -13.34 49.08 -9.09
N SER C 209 -13.19 48.32 -8.01
CA SER C 209 -11.99 47.55 -7.75
C SER C 209 -12.24 46.08 -8.03
N GLY C 210 -11.31 45.44 -8.72
CA GLY C 210 -11.44 44.03 -9.06
C GLY C 210 -10.66 43.12 -8.13
N LEU C 211 -9.48 43.56 -7.71
CA LEU C 211 -8.61 42.75 -6.85
C LEU C 211 -8.34 43.48 -5.55
N ALA C 212 -8.40 42.75 -4.44
CA ALA C 212 -8.14 43.29 -3.12
C ALA C 212 -6.95 42.55 -2.52
N LEU C 213 -5.90 43.29 -2.18
CA LEU C 213 -4.68 42.73 -1.61
C LEU C 213 -4.57 43.23 -0.16
N CYS C 214 -4.96 42.38 0.79
CA CYS C 214 -5.03 42.75 2.19
C CYS C 214 -3.87 42.12 2.95
N GLN C 215 -3.32 42.86 3.91
CA GLN C 215 -2.38 42.33 4.88
C GLN C 215 -2.92 42.57 6.27
N ARG C 216 -2.91 41.54 7.10
CA ARG C 216 -3.41 41.59 8.46
C ARG C 216 -2.26 41.37 9.43
N TYR C 217 -2.08 42.32 10.35
CA TYR C 217 -1.01 42.27 11.34
C TYR C 217 -1.60 42.66 12.70
N TYR C 218 -0.73 42.84 13.70
CA TYR C 218 -1.16 43.19 15.04
C TYR C 218 -1.14 44.71 15.24
N HIS C 219 -2.04 45.19 16.09
CA HIS C 219 -2.10 46.61 16.38
C HIS C 219 -0.78 47.12 16.94
N ARG C 220 -0.29 46.47 18.00
CA ARG C 220 1.04 46.73 18.55
C ARG C 220 1.78 45.41 18.60
N GLY C 221 2.99 45.38 18.05
CA GLY C 221 3.71 44.13 17.88
C GLY C 221 5.18 44.14 18.27
N HIS C 222 5.56 44.80 19.36
CA HIS C 222 6.97 44.85 19.72
C HIS C 222 7.46 43.47 20.11
N VAL C 223 8.52 42.99 19.46
CA VAL C 223 9.07 41.66 19.73
C VAL C 223 10.59 41.78 19.76
N ASP C 224 11.21 41.36 20.88
CA ASP C 224 12.64 41.43 21.07
C ASP C 224 13.12 40.10 21.65
N PRO C 225 13.34 39.10 20.80
CA PRO C 225 13.83 37.81 21.31
C PRO C 225 15.21 37.90 21.94
N ALA C 226 16.00 38.90 21.60
CA ALA C 226 17.32 39.05 22.23
C ALA C 226 17.19 39.27 23.73
N ASN C 227 16.23 40.09 24.13
CA ASN C 227 15.97 40.38 25.54
C ASN C 227 14.82 39.55 26.09
N ASP C 228 14.33 38.57 25.34
CA ASP C 228 13.22 37.73 25.79
C ASP C 228 11.99 38.56 26.15
N THR C 229 11.76 39.64 25.40
CA THR C 229 10.73 40.60 25.72
C THR C 229 9.74 40.72 24.57
N PHE C 230 8.49 41.03 24.91
CA PHE C 230 7.50 41.30 23.88
C PHE C 230 6.37 42.11 24.47
N ASP C 231 5.72 42.89 23.61
CA ASP C 231 4.56 43.71 23.95
C ASP C 231 3.62 43.68 22.77
N ILE C 232 2.53 42.92 22.91
CA ILE C 232 1.61 42.65 21.81
C ILE C 232 0.21 43.06 22.21
N ASP C 233 -0.48 43.75 21.31
CA ASP C 233 -1.91 43.94 21.40
C ASP C 233 -2.56 42.99 20.40
N PRO C 234 -3.21 41.90 20.85
CA PRO C 234 -3.66 40.88 19.89
C PRO C 234 -4.70 41.37 18.89
N MET C 235 -5.18 42.60 19.02
CA MET C 235 -6.15 43.12 18.06
C MET C 235 -5.52 43.19 16.67
N VAL C 236 -6.26 42.74 15.66
CA VAL C 236 -5.75 42.59 14.31
C VAL C 236 -6.15 43.80 13.48
N VAL C 237 -5.19 44.40 12.79
CA VAL C 237 -5.41 45.51 11.88
C VAL C 237 -5.27 44.98 10.46
N THR C 238 -6.18 45.39 9.59
CA THR C 238 -6.21 44.99 8.19
C THR C 238 -5.95 46.21 7.31
N ASP C 239 -5.06 46.06 6.33
CA ASP C 239 -4.76 47.13 5.38
C ASP C 239 -4.77 46.54 3.98
N CYS C 240 -5.68 47.01 3.13
CA CYS C 240 -5.81 46.49 1.78
C CYS C 240 -5.54 47.56 0.72
N ILE C 241 -4.85 47.13 -0.32
CA ILE C 241 -4.69 47.89 -1.56
C ILE C 241 -5.72 47.38 -2.54
N GLN C 242 -6.28 48.28 -3.35
CA GLN C 242 -7.29 47.95 -4.33
C GLN C 242 -6.71 48.12 -5.73
N VAL C 243 -6.79 47.08 -6.55
CA VAL C 243 -6.30 47.10 -7.91
C VAL C 243 -7.50 46.98 -8.84
N ASP C 244 -7.68 48.00 -9.68
CA ASP C 244 -8.70 47.95 -10.72
C ASP C 244 -8.20 47.17 -11.92
N PRO C 245 -9.04 46.31 -12.52
CA PRO C 245 -8.60 45.59 -13.70
C PRO C 245 -8.35 46.56 -14.84
N PRO C 246 -7.45 46.20 -15.77
CA PRO C 246 -7.04 47.13 -16.83
C PRO C 246 -8.13 47.39 -17.87
N SER C 264 0.90 51.37 -10.75
CA SER C 264 0.99 50.12 -9.99
C SER C 264 1.33 50.40 -8.53
N SER C 265 0.36 50.93 -7.79
CA SER C 265 0.58 51.26 -6.39
C SER C 265 0.81 49.99 -5.56
N TYR C 266 0.27 48.86 -5.98
CA TYR C 266 0.47 47.62 -5.24
C TYR C 266 1.94 47.22 -5.19
N LYS C 267 2.75 47.74 -6.10
CA LYS C 267 4.19 47.46 -6.08
C LYS C 267 4.89 48.16 -4.92
N ASN C 268 4.22 49.11 -4.25
CA ASN C 268 4.77 49.78 -3.09
C ASN C 268 4.40 49.08 -1.78
N LEU C 269 3.88 47.86 -1.86
CA LEU C 269 3.50 47.12 -0.66
C LEU C 269 4.70 46.95 0.26
N THR C 270 4.49 47.20 1.55
CA THR C 270 5.51 47.02 2.57
C THR C 270 4.92 46.15 3.68
N LEU C 271 5.50 44.96 3.87
CA LEU C 271 4.97 44.00 4.82
C LEU C 271 5.61 44.19 6.19
N LYS C 272 4.79 44.09 7.24
CA LYS C 272 5.25 44.19 8.62
C LYS C 272 5.52 42.77 9.12
N PHE C 273 6.70 42.26 8.75
CA PHE C 273 6.97 40.83 8.92
C PHE C 273 6.91 40.40 10.38
N HIS C 274 7.46 41.22 11.28
CA HIS C 274 7.56 40.81 12.68
C HIS C 274 6.20 40.66 13.35
N LYS C 275 5.16 41.32 12.83
CA LYS C 275 3.82 41.24 13.41
C LYS C 275 2.76 40.87 12.39
N LEU C 276 3.16 40.28 11.26
CA LEU C 276 2.21 39.95 10.21
C LEU C 276 1.41 38.71 10.57
N VAL C 277 0.09 38.79 10.45
CA VAL C 277 -0.78 37.64 10.68
C VAL C 277 -0.99 36.85 9.39
N ASN C 278 -1.38 37.53 8.32
CA ASN C 278 -1.44 36.86 7.02
C ASN C 278 -1.55 37.90 5.91
N VAL C 279 -1.47 37.41 4.68
CA VAL C 279 -1.74 38.20 3.48
C VAL C 279 -2.76 37.46 2.65
N THR C 280 -3.70 38.18 2.07
CA THR C 280 -4.73 37.57 1.23
C THR C 280 -4.91 38.38 -0.04
N ILE C 281 -5.23 37.69 -1.11
CA ILE C 281 -5.59 38.30 -2.39
C ILE C 281 -6.95 37.74 -2.78
N HIS C 282 -7.91 38.64 -2.99
CA HIS C 282 -9.28 38.27 -3.33
C HIS C 282 -9.62 38.85 -4.69
N PHE C 283 -10.20 38.04 -5.57
CA PHE C 283 -10.79 38.58 -6.79
C PHE C 283 -11.83 37.59 -7.30
N ARG C 284 -12.54 38.01 -8.35
CA ARG C 284 -13.59 37.19 -8.95
C ARG C 284 -13.45 37.19 -10.46
N LEU C 285 -13.76 36.04 -11.06
CA LEU C 285 -13.71 35.87 -12.50
C LEU C 285 -15.02 35.24 -12.98
N LYS C 286 -15.55 35.77 -14.08
CA LYS C 286 -16.78 35.27 -14.67
C LYS C 286 -16.45 34.45 -15.91
N THR C 287 -17.05 33.28 -16.03
CA THR C 287 -16.85 32.43 -17.19
C THR C 287 -18.17 31.74 -17.55
N ILE C 288 -18.18 31.11 -18.71
CA ILE C 288 -19.34 30.37 -19.21
C ILE C 288 -18.94 28.93 -19.41
N ASN C 289 -19.74 28.01 -18.89
CA ASN C 289 -19.46 26.58 -18.97
C ASN C 289 -19.95 26.06 -20.31
N LEU C 290 -19.08 26.13 -21.32
CA LEU C 290 -19.43 25.62 -22.64
C LEU C 290 -19.41 24.10 -22.68
N GLN C 291 -18.78 23.44 -21.71
CA GLN C 291 -18.75 21.99 -21.67
C GLN C 291 -20.15 21.41 -21.56
N SER C 292 -21.13 22.20 -21.12
CA SER C 292 -22.49 21.70 -21.01
C SER C 292 -23.11 21.35 -22.36
N LEU C 293 -22.56 21.89 -23.45
CA LEU C 293 -23.16 21.63 -24.77
C LEU C 293 -23.26 20.13 -25.03
N ILE C 294 -22.15 19.40 -24.85
CA ILE C 294 -22.24 17.95 -24.80
C ILE C 294 -22.98 17.56 -23.52
N ASN C 295 -23.74 16.47 -23.59
CA ASN C 295 -24.73 16.06 -22.60
C ASN C 295 -26.02 16.85 -22.79
N ASN C 296 -26.10 17.73 -23.79
CA ASN C 296 -27.33 18.42 -24.18
C ASN C 296 -27.90 19.23 -23.01
N GLU C 297 -27.13 20.23 -22.59
CA GLU C 297 -27.58 21.20 -21.60
C GLU C 297 -27.21 22.60 -22.08
N ILE C 298 -27.98 23.58 -21.63
CA ILE C 298 -27.68 24.97 -21.94
C ILE C 298 -26.52 25.44 -21.06
N PRO C 299 -25.49 26.05 -21.61
CA PRO C 299 -24.39 26.53 -20.77
C PRO C 299 -24.89 27.49 -19.70
N ASP C 300 -24.29 27.39 -18.52
CA ASP C 300 -24.58 28.26 -17.38
C ASP C 300 -23.39 29.15 -17.09
N CYS C 301 -23.62 30.17 -16.28
CA CYS C 301 -22.64 31.20 -16.01
C CYS C 301 -22.03 30.98 -14.63
N TYR C 302 -20.71 30.85 -14.58
CA TYR C 302 -19.98 30.65 -13.34
C TYR C 302 -19.29 31.94 -12.91
N THR C 303 -19.32 32.21 -11.61
CA THR C 303 -18.48 33.23 -10.99
C THR C 303 -17.58 32.53 -9.99
N PHE C 304 -16.28 32.57 -10.24
CA PHE C 304 -15.29 31.99 -9.35
C PHE C 304 -14.75 33.10 -8.45
N SER C 305 -14.92 32.93 -7.14
CA SER C 305 -14.31 33.79 -6.15
C SER C 305 -13.00 33.14 -5.74
N VAL C 306 -11.88 33.75 -6.11
CA VAL C 306 -10.55 33.22 -5.88
C VAL C 306 -9.94 33.94 -4.69
N LEU C 307 -9.46 33.15 -3.73
CA LEU C 307 -8.75 33.63 -2.55
C LEU C 307 -7.38 32.95 -2.51
N ILE C 308 -6.33 33.77 -2.49
CA ILE C 308 -4.96 33.30 -2.32
C ILE C 308 -4.50 33.73 -0.94
N THR C 309 -4.06 32.77 -0.14
CA THR C 309 -3.67 33.03 1.24
C THR C 309 -2.19 32.73 1.44
N PHE C 310 -1.47 33.69 2.00
CA PHE C 310 -0.12 33.52 2.52
C PHE C 310 -0.23 33.57 4.03
N ASP C 311 -0.09 32.42 4.68
CA ASP C 311 -0.46 32.25 6.09
C ASP C 311 0.77 32.32 6.98
N ASN C 312 0.72 33.21 7.97
CA ASN C 312 1.82 33.39 8.93
C ASN C 312 1.32 33.30 10.37
N LYS C 313 0.30 32.48 10.62
CA LYS C 313 -0.24 32.39 11.97
C LYS C 313 0.67 31.61 12.91
N ALA C 314 1.55 30.77 12.39
CA ALA C 314 2.48 30.03 13.23
C ALA C 314 3.70 30.86 13.61
N HIS C 315 4.06 31.86 12.81
CA HIS C 315 5.25 32.68 13.06
C HIS C 315 6.49 31.81 13.19
N SER C 316 6.59 30.80 12.33
CA SER C 316 7.67 29.81 12.41
C SER C 316 8.73 30.01 11.34
N GLY C 317 8.70 31.12 10.61
CA GLY C 317 9.61 31.33 9.51
C GLY C 317 9.20 30.65 8.22
N ARG C 318 8.07 29.94 8.22
CA ARG C 318 7.55 29.26 7.04
C ARG C 318 6.12 29.74 6.82
N ILE C 319 5.85 30.27 5.64
CA ILE C 319 4.55 30.87 5.31
C ILE C 319 3.93 30.03 4.20
N PRO C 320 2.99 29.14 4.52
CA PRO C 320 2.32 28.36 3.46
C PRO C 320 1.48 29.24 2.56
N ILE C 321 1.40 28.82 1.30
CA ILE C 321 0.67 29.53 0.26
C ILE C 321 -0.39 28.59 -0.30
N SER C 322 -1.64 29.06 -0.35
CA SER C 322 -2.74 28.25 -0.86
C SER C 322 -3.65 29.08 -1.73
N LEU C 323 -4.36 28.41 -2.64
CA LEU C 323 -5.35 29.02 -3.50
C LEU C 323 -6.65 28.23 -3.37
N GLU C 324 -7.76 28.95 -3.16
CA GLU C 324 -9.08 28.33 -3.05
C GLU C 324 -10.07 29.10 -3.91
N THR C 325 -11.10 28.39 -4.37
CA THR C 325 -12.14 28.98 -5.20
C THR C 325 -13.52 28.62 -4.67
N GLN C 326 -14.45 29.55 -4.82
CA GLN C 326 -15.87 29.30 -4.60
C GLN C 326 -16.62 29.55 -5.89
N ALA C 327 -17.48 28.62 -6.28
CA ALA C 327 -18.21 28.74 -7.53
C ALA C 327 -19.66 29.12 -7.23
N HIS C 328 -20.12 30.22 -7.83
CA HIS C 328 -21.51 30.63 -7.81
C HIS C 328 -22.07 30.48 -9.22
N ILE C 329 -23.10 29.67 -9.36
CA ILE C 329 -23.63 29.28 -10.67
C ILE C 329 -24.97 29.95 -10.88
N GLN C 330 -25.13 30.59 -12.04
CA GLN C 330 -26.36 31.26 -12.41
C GLN C 330 -26.78 30.83 -13.80
N GLU C 331 -28.04 31.08 -14.13
CA GLU C 331 -28.49 30.92 -15.50
C GLU C 331 -28.04 32.12 -16.32
N CYS C 332 -27.38 31.87 -17.44
CA CYS C 332 -26.88 32.96 -18.26
C CYS C 332 -28.04 33.75 -18.86
N LYS C 333 -27.94 35.07 -18.79
CA LYS C 333 -28.97 35.94 -19.34
C LYS C 333 -28.75 36.09 -20.84
N HIS C 334 -29.82 35.97 -21.61
CA HIS C 334 -29.77 35.95 -23.06
C HIS C 334 -28.97 34.76 -23.56
N PRO C 335 -29.39 33.53 -23.29
CA PRO C 335 -28.74 32.38 -23.91
C PRO C 335 -29.13 32.25 -25.38
N SER C 336 -28.28 31.55 -26.13
CA SER C 336 -28.56 31.32 -27.54
C SER C 336 -27.74 30.12 -28.01
N VAL C 337 -28.40 29.02 -28.31
CA VAL C 337 -27.77 27.82 -28.86
C VAL C 337 -28.55 27.42 -30.11
N PHE C 338 -27.83 27.22 -31.21
CA PHE C 338 -28.46 26.81 -32.46
C PHE C 338 -29.00 25.40 -32.35
N SER C 344 -37.02 18.58 -21.59
CA SER C 344 -38.11 18.60 -20.62
C SER C 344 -38.19 17.29 -19.83
N PHE C 345 -37.41 16.29 -20.26
CA PHE C 345 -37.39 14.99 -19.60
C PHE C 345 -36.43 15.01 -18.40
N ARG C 346 -36.57 16.02 -17.54
CA ARG C 346 -35.85 16.05 -16.28
C ARG C 346 -36.79 16.40 -15.14
N LEU C 347 -37.85 17.15 -15.45
CA LEU C 347 -38.85 17.51 -14.45
C LEU C 347 -40.01 16.53 -14.43
N LEU C 348 -40.39 15.99 -15.59
CA LEU C 348 -41.44 14.98 -15.63
C LEU C 348 -41.01 13.74 -14.87
N PHE C 349 -39.76 13.32 -15.02
CA PHE C 349 -39.25 12.17 -14.27
C PHE C 349 -39.25 12.45 -12.78
N ASP C 350 -38.88 13.67 -12.38
CA ASP C 350 -38.90 14.02 -10.96
C ASP C 350 -40.33 13.97 -10.41
N VAL C 351 -41.30 14.46 -11.17
CA VAL C 351 -42.69 14.40 -10.74
C VAL C 351 -43.15 12.96 -10.63
N VAL C 352 -42.73 12.11 -11.58
CA VAL C 352 -43.07 10.69 -11.52
C VAL C 352 -42.51 10.06 -10.26
N VAL C 353 -41.26 10.37 -9.94
CA VAL C 353 -40.63 9.83 -8.73
C VAL C 353 -41.39 10.28 -7.49
N ILE C 354 -41.75 11.57 -7.43
CA ILE C 354 -42.47 12.08 -6.28
C ILE C 354 -43.82 11.40 -6.13
N LEU C 355 -44.53 11.21 -7.24
CA LEU C 355 -45.83 10.54 -7.18
C LEU C 355 -45.70 9.10 -6.70
N THR C 356 -44.70 8.37 -7.23
CA THR C 356 -44.50 6.99 -6.81
C THR C 356 -44.19 6.93 -5.31
N CYS C 357 -43.31 7.81 -4.83
CA CYS C 357 -42.97 7.81 -3.42
C CYS C 357 -44.17 8.17 -2.56
N SER C 358 -44.99 9.11 -3.00
CA SER C 358 -46.17 9.49 -2.23
C SER C 358 -47.17 8.34 -2.14
N LEU C 359 -47.39 7.63 -3.24
CA LEU C 359 -48.29 6.48 -3.22
C LEU C 359 -47.76 5.39 -2.29
N SER C 360 -46.45 5.11 -2.37
CA SER C 360 -45.86 4.12 -1.47
C SER C 360 -46.03 4.53 -0.02
N PHE C 361 -45.82 5.81 0.27
CA PHE C 361 -45.99 6.30 1.63
C PHE C 361 -47.43 6.11 2.11
N LEU C 362 -48.40 6.44 1.25
CA LEU C 362 -49.80 6.29 1.65
C LEU C 362 -50.14 4.83 1.95
N LEU C 363 -49.71 3.91 1.08
CA LEU C 363 -50.02 2.51 1.30
C LEU C 363 -49.35 1.99 2.56
N CYS C 364 -48.08 2.35 2.79
CA CYS C 364 -47.38 1.88 3.98
C CYS C 364 -47.99 2.46 5.24
N ALA C 365 -48.43 3.72 5.20
CA ALA C 365 -49.12 4.30 6.34
C ALA C 365 -50.42 3.57 6.63
N ARG C 366 -51.17 3.22 5.58
CA ARG C 366 -52.38 2.45 5.78
C ARG C 366 -52.08 1.11 6.45
N SER C 367 -51.03 0.43 5.98
CA SER C 367 -50.66 -0.86 6.59
C SER C 367 -50.27 -0.70 8.05
N LEU C 368 -49.49 0.34 8.36
CA LEU C 368 -49.08 0.56 9.75
C LEU C 368 -50.28 0.89 10.63
N LEU C 369 -51.22 1.67 10.12
CA LEU C 369 -52.43 1.96 10.90
C LEU C 369 -53.24 0.70 11.14
N ARG C 370 -53.37 -0.16 10.13
CA ARG C 370 -54.06 -1.43 10.32
C ARG C 370 -53.37 -2.26 11.40
N GLY C 371 -52.04 -2.32 11.36
CA GLY C 371 -51.31 -3.05 12.39
C GLY C 371 -51.55 -2.48 13.77
N PHE C 372 -51.57 -1.15 13.90
CA PHE C 372 -51.82 -0.53 15.19
C PHE C 372 -53.22 -0.88 15.71
N LEU C 373 -54.22 -0.80 14.84
CA LEU C 373 -55.59 -1.11 15.27
C LEU C 373 -55.70 -2.58 15.69
N LEU C 374 -55.11 -3.49 14.91
CA LEU C 374 -55.17 -4.90 15.27
C LEU C 374 -54.44 -5.16 16.59
N GLN C 375 -53.32 -4.47 16.81
CA GLN C 375 -52.61 -4.61 18.09
C GLN C 375 -53.49 -4.16 19.25
N ASN C 376 -54.16 -3.02 19.08
CA ASN C 376 -55.03 -2.55 20.16
C ASN C 376 -56.17 -3.53 20.42
N GLU C 377 -56.75 -4.08 19.35
CA GLU C 377 -57.81 -5.07 19.52
C GLU C 377 -57.31 -6.29 20.27
N PHE C 378 -56.12 -6.80 19.91
CA PHE C 378 -55.59 -7.97 20.57
C PHE C 378 -55.29 -7.68 22.04
N VAL C 379 -54.75 -6.51 22.35
CA VAL C 379 -54.47 -6.16 23.73
C VAL C 379 -55.76 -6.10 24.53
N GLY C 380 -56.80 -5.47 23.97
CA GLY C 380 -58.07 -5.45 24.66
C GLY C 380 -58.65 -6.83 24.89
N PHE C 381 -58.54 -7.70 23.89
CA PHE C 381 -59.04 -9.06 24.04
C PHE C 381 -58.30 -9.80 25.14
N MET C 382 -56.97 -9.69 25.15
CA MET C 382 -56.18 -10.40 26.16
C MET C 382 -56.48 -9.88 27.56
N TRP C 383 -56.61 -8.56 27.71
CA TRP C 383 -56.90 -8.00 29.02
C TRP C 383 -58.24 -8.51 29.55
N ARG C 384 -59.25 -8.54 28.68
CA ARG C 384 -60.56 -9.07 29.04
C ARG C 384 -60.46 -10.56 29.32
N LEU C 392 -44.32 -4.92 26.28
CA LEU C 392 -44.12 -4.06 25.11
C LEU C 392 -43.46 -4.85 23.99
N TRP C 393 -42.54 -5.75 24.35
CA TRP C 393 -41.84 -6.54 23.35
C TRP C 393 -42.81 -7.35 22.50
N GLU C 394 -43.86 -7.89 23.13
CA GLU C 394 -44.87 -8.61 22.37
C GLU C 394 -45.79 -7.68 21.60
N ARG C 395 -45.97 -6.45 22.09
CA ARG C 395 -46.79 -5.48 21.37
C ARG C 395 -46.16 -5.09 20.05
N LEU C 396 -44.88 -4.69 20.07
CA LEU C 396 -44.20 -4.26 18.85
C LEU C 396 -44.09 -5.37 17.82
N GLU C 397 -44.49 -6.60 18.16
CA GLU C 397 -44.60 -7.64 17.16
C GLU C 397 -45.57 -7.28 16.05
N PHE C 398 -46.49 -6.35 16.30
CA PHE C 398 -47.40 -5.90 15.27
C PHE C 398 -46.81 -4.81 14.38
N VAL C 399 -45.59 -4.36 14.66
CA VAL C 399 -44.94 -3.33 13.88
C VAL C 399 -44.12 -4.00 12.78
N ASN C 400 -44.30 -3.53 11.54
CA ASN C 400 -43.57 -4.05 10.39
C ASN C 400 -42.41 -3.09 10.10
N GLY C 401 -41.23 -3.43 10.62
CA GLY C 401 -40.08 -2.56 10.45
C GLY C 401 -39.73 -2.31 9.00
N TRP C 402 -40.04 -3.26 8.12
CA TRP C 402 -39.80 -3.04 6.70
C TRP C 402 -40.60 -1.85 6.18
N TYR C 403 -41.85 -1.70 6.66
CA TYR C 403 -42.66 -0.57 6.24
C TYR C 403 -42.17 0.73 6.85
N ILE C 404 -41.61 0.68 8.06
CA ILE C 404 -40.95 1.86 8.60
C ILE C 404 -39.79 2.28 7.71
N LEU C 405 -39.00 1.31 7.27
CA LEU C 405 -37.91 1.60 6.34
C LEU C 405 -38.43 2.20 5.04
N LEU C 406 -39.52 1.64 4.51
CA LEU C 406 -40.08 2.16 3.27
C LEU C 406 -40.58 3.59 3.44
N VAL C 407 -41.24 3.87 4.56
CA VAL C 407 -41.74 5.23 4.81
C VAL C 407 -40.56 6.20 4.91
N THR C 408 -39.51 5.81 5.62
CA THR C 408 -38.33 6.66 5.73
C THR C 408 -37.72 6.92 4.35
N SER C 409 -37.60 5.89 3.53
CA SER C 409 -37.03 6.06 2.20
C SER C 409 -37.90 6.97 1.35
N ASP C 410 -39.22 6.84 1.45
CA ASP C 410 -40.12 7.70 0.69
C ASP C 410 -39.96 9.16 1.09
N VAL C 411 -39.91 9.43 2.40
CA VAL C 411 -39.74 10.80 2.87
C VAL C 411 -38.41 11.37 2.38
N LEU C 412 -37.34 10.59 2.53
CA LEU C 412 -36.03 11.06 2.10
C LEU C 412 -36.00 11.33 0.60
N THR C 413 -36.62 10.45 -0.19
CA THR C 413 -36.61 10.62 -1.63
C THR C 413 -37.41 11.84 -2.05
N ILE C 414 -38.57 12.08 -1.42
CA ILE C 414 -39.37 13.24 -1.77
C ILE C 414 -38.61 14.52 -1.45
N SER C 415 -38.01 14.57 -0.26
CA SER C 415 -37.24 15.75 0.12
C SER C 415 -36.08 15.98 -0.84
N GLY C 416 -35.33 14.92 -1.16
CA GLY C 416 -34.21 15.06 -2.06
C GLY C 416 -34.63 15.45 -3.46
N THR C 417 -35.79 14.97 -3.91
CA THR C 417 -36.28 15.33 -5.23
C THR C 417 -36.69 16.79 -5.29
N ILE C 418 -37.34 17.30 -4.24
CA ILE C 418 -37.68 18.72 -4.21
C ILE C 418 -36.41 19.55 -4.22
N MET C 419 -35.41 19.16 -3.41
CA MET C 419 -34.16 19.90 -3.39
C MET C 419 -33.46 19.86 -4.74
N LYS C 420 -33.51 18.70 -5.41
CA LYS C 420 -32.89 18.56 -6.73
C LYS C 420 -33.59 19.42 -7.76
N ILE C 421 -34.93 19.48 -7.72
CA ILE C 421 -35.65 20.35 -8.63
C ILE C 421 -35.24 21.80 -8.41
N GLY C 422 -35.14 22.21 -7.15
CA GLY C 422 -34.68 23.56 -6.86
C GLY C 422 -33.28 23.82 -7.38
N ILE C 423 -32.37 22.85 -7.18
CA ILE C 423 -30.98 23.03 -7.58
C ILE C 423 -30.87 23.15 -9.09
N GLU C 424 -31.56 22.29 -9.83
CA GLU C 424 -31.41 22.26 -11.28
C GLU C 424 -32.03 23.47 -11.96
N ALA C 425 -32.84 24.25 -11.25
CA ALA C 425 -33.33 25.52 -11.74
C ALA C 425 -32.46 26.69 -11.29
N LYS C 426 -31.35 26.41 -10.59
CA LYS C 426 -30.40 27.40 -10.09
C LYS C 426 -30.95 28.19 -8.91
N ASN C 427 -32.06 27.76 -8.32
CA ASN C 427 -32.61 28.43 -7.15
C ASN C 427 -32.01 27.94 -5.84
N LEU C 428 -31.25 26.84 -5.87
CA LEU C 428 -30.63 26.30 -4.67
C LEU C 428 -29.20 25.90 -5.00
N ALA C 429 -28.38 25.81 -3.94
CA ALA C 429 -26.98 25.42 -4.10
C ALA C 429 -26.54 24.40 -3.05
N SER C 430 -27.48 23.69 -2.43
CA SER C 430 -27.16 22.71 -1.38
C SER C 430 -27.03 21.33 -2.03
N TYR C 431 -25.92 21.14 -2.73
CA TYR C 431 -25.69 19.86 -3.41
C TYR C 431 -25.39 18.75 -2.41
N ASP C 432 -24.69 19.07 -1.33
CA ASP C 432 -24.30 18.03 -0.38
C ASP C 432 -25.52 17.41 0.30
N VAL C 433 -26.44 18.25 0.78
CA VAL C 433 -27.61 17.74 1.48
C VAL C 433 -28.49 16.93 0.53
N CYS C 434 -28.72 17.43 -0.69
CA CYS C 434 -29.54 16.70 -1.64
C CYS C 434 -28.90 15.37 -1.99
N SER C 435 -27.58 15.36 -2.23
CA SER C 435 -26.91 14.11 -2.56
C SER C 435 -26.99 13.11 -1.41
N ILE C 436 -26.81 13.60 -0.18
CA ILE C 436 -26.89 12.70 0.98
C ILE C 436 -28.28 12.11 1.09
N LEU C 437 -29.31 12.94 0.94
CA LEU C 437 -30.68 12.44 1.04
C LEU C 437 -30.96 11.38 -0.02
N LEU C 438 -30.62 11.69 -1.28
CA LEU C 438 -30.93 10.75 -2.36
C LEU C 438 -30.12 9.46 -2.22
N GLY C 439 -28.85 9.56 -1.85
CA GLY C 439 -28.04 8.36 -1.68
C GLY C 439 -28.53 7.49 -0.54
N THR C 440 -28.90 8.11 0.59
CA THR C 440 -29.42 7.34 1.71
C THR C 440 -30.72 6.66 1.33
N SER C 441 -31.61 7.37 0.62
CA SER C 441 -32.88 6.74 0.21
C SER C 441 -32.64 5.59 -0.75
N THR C 442 -31.69 5.74 -1.68
CA THR C 442 -31.38 4.66 -2.61
C THR C 442 -30.83 3.45 -1.87
N LEU C 443 -29.93 3.69 -0.91
CA LEU C 443 -29.41 2.59 -0.09
C LEU C 443 -30.54 1.88 0.65
N LEU C 444 -31.47 2.65 1.21
CA LEU C 444 -32.57 2.05 1.96
C LEU C 444 -33.47 1.21 1.06
N VAL C 445 -33.81 1.72 -0.12
CA VAL C 445 -34.70 0.97 -1.00
C VAL C 445 -34.02 -0.29 -1.50
N TRP C 446 -32.71 -0.23 -1.74
CA TRP C 446 -32.01 -1.43 -2.16
C TRP C 446 -31.87 -2.44 -1.03
N VAL C 447 -31.70 -1.97 0.21
CA VAL C 447 -31.65 -2.88 1.34
C VAL C 447 -33.01 -3.51 1.59
N GLY C 448 -34.09 -2.82 1.24
CA GLY C 448 -35.42 -3.35 1.47
C GLY C 448 -35.74 -4.60 0.66
N VAL C 449 -34.92 -4.94 -0.33
CA VAL C 449 -35.18 -6.12 -1.14
C VAL C 449 -34.99 -7.41 -0.34
N ILE C 450 -34.31 -7.34 0.81
CA ILE C 450 -34.09 -8.54 1.62
C ILE C 450 -35.42 -9.08 2.16
N ARG C 451 -36.44 -8.22 2.27
CA ARG C 451 -37.73 -8.68 2.73
C ARG C 451 -38.29 -9.76 1.81
N TYR C 452 -38.15 -9.58 0.50
CA TYR C 452 -38.67 -10.57 -0.43
C TYR C 452 -37.89 -11.87 -0.34
N LEU C 453 -36.57 -11.80 -0.09
CA LEU C 453 -35.79 -13.01 0.07
C LEU C 453 -36.15 -13.75 1.36
N THR C 454 -36.60 -13.03 2.39
CA THR C 454 -36.97 -13.69 3.63
C THR C 454 -38.15 -14.65 3.47
N PHE C 455 -38.90 -14.54 2.37
CA PHE C 455 -40.04 -15.42 2.15
C PHE C 455 -39.65 -16.79 1.61
N PHE C 456 -38.37 -17.02 1.32
CA PHE C 456 -37.89 -18.30 0.83
C PHE C 456 -36.97 -18.92 1.86
N HIS C 457 -37.18 -20.21 2.14
CA HIS C 457 -36.56 -20.85 3.29
C HIS C 457 -35.04 -20.81 3.21
N ASN C 458 -34.48 -21.12 2.04
CA ASN C 458 -33.02 -21.23 1.92
C ASN C 458 -32.34 -19.90 2.17
N TYR C 459 -32.90 -18.80 1.66
CA TYR C 459 -32.33 -17.48 1.90
C TYR C 459 -32.65 -16.99 3.30
N ASN C 460 -33.86 -17.31 3.78
CA ASN C 460 -34.24 -16.92 5.14
C ASN C 460 -33.32 -17.56 6.16
N ILE C 461 -32.75 -18.73 5.86
CA ILE C 461 -31.81 -19.35 6.80
C ILE C 461 -30.63 -18.40 7.06
N LEU C 462 -30.04 -17.88 5.99
CA LEU C 462 -28.88 -17.00 6.14
C LEU C 462 -29.29 -15.66 6.78
N ILE C 463 -30.42 -15.11 6.35
CA ILE C 463 -30.86 -13.84 6.92
C ILE C 463 -31.11 -13.97 8.41
N ALA C 464 -31.76 -15.06 8.82
CA ALA C 464 -32.02 -15.30 10.23
C ALA C 464 -30.73 -15.58 10.99
N THR C 465 -29.75 -16.22 10.35
CA THR C 465 -28.45 -16.36 11.00
C THR C 465 -27.87 -15.01 11.36
N LEU C 466 -27.87 -14.07 10.40
CA LEU C 466 -27.35 -12.74 10.70
C LEU C 466 -28.18 -12.05 11.79
N ARG C 467 -29.51 -12.18 11.72
CA ARG C 467 -30.38 -11.52 12.68
C ARG C 467 -30.13 -12.03 14.09
N VAL C 468 -29.98 -13.35 14.27
N VAL C 468 -29.98 -13.35 14.25
CA VAL C 468 -29.74 -13.88 15.60
CA VAL C 468 -29.72 -13.94 15.56
C VAL C 468 -28.31 -13.66 16.06
C VAL C 468 -28.33 -13.61 16.05
N ALA C 469 -27.37 -13.45 15.13
CA ALA C 469 -26.01 -13.12 15.53
C ALA C 469 -25.88 -11.68 16.02
N LEU C 470 -26.68 -10.77 15.48
CA LEU C 470 -26.49 -9.34 15.73
C LEU C 470 -26.40 -8.96 17.22
N PRO C 471 -27.27 -9.43 18.11
CA PRO C 471 -27.22 -8.93 19.49
C PRO C 471 -25.91 -9.21 20.21
N SER C 472 -25.42 -10.45 20.15
CA SER C 472 -24.14 -10.76 20.78
C SER C 472 -22.99 -10.03 20.11
N VAL C 473 -23.07 -9.80 18.81
CA VAL C 473 -22.06 -9.02 18.12
C VAL C 473 -22.01 -7.60 18.68
N MET C 474 -23.17 -6.99 18.89
CA MET C 474 -23.20 -5.63 19.42
C MET C 474 -22.71 -5.60 20.87
N ARG C 475 -23.06 -6.60 21.66
CA ARG C 475 -22.55 -6.65 23.03
C ARG C 475 -21.04 -6.78 23.05
N PHE C 476 -20.47 -7.62 22.18
CA PHE C 476 -19.03 -7.73 22.11
C PHE C 476 -18.40 -6.43 21.61
N CYS C 477 -19.09 -5.70 20.72
CA CYS C 477 -18.62 -4.39 20.32
C CYS C 477 -18.55 -3.46 21.52
N CYS C 478 -19.57 -3.51 22.38
CA CYS C 478 -19.54 -2.71 23.61
C CYS C 478 -18.33 -3.08 24.47
N CYS C 479 -18.05 -4.38 24.59
CA CYS C 479 -16.89 -4.82 25.36
C CYS C 479 -15.59 -4.31 24.76
N VAL C 480 -15.49 -4.33 23.43
CA VAL C 480 -14.23 -3.99 22.75
C VAL C 480 -14.01 -2.49 22.65
N ALA C 481 -15.07 -1.68 22.73
CA ALA C 481 -14.95 -0.25 22.51
C ALA C 481 -14.07 0.41 23.57
N VAL C 482 -14.15 -0.05 24.82
CA VAL C 482 -13.37 0.59 25.88
C VAL C 482 -11.88 0.36 25.65
N ILE C 483 -11.50 -0.87 25.30
CA ILE C 483 -10.10 -1.15 24.99
C ILE C 483 -9.64 -0.33 23.79
N TYR C 484 -10.50 -0.25 22.76
CA TYR C 484 -10.15 0.52 21.58
C TYR C 484 -9.93 1.98 21.92
N LEU C 485 -10.79 2.56 22.75
CA LEU C 485 -10.68 3.96 23.11
C LEU C 485 -9.43 4.22 23.96
N GLY C 486 -9.14 3.32 24.91
CA GLY C 486 -7.92 3.46 25.67
C GLY C 486 -6.69 3.46 24.79
N TYR C 487 -6.64 2.53 23.84
CA TYR C 487 -5.52 2.49 22.91
C TYR C 487 -5.46 3.77 22.08
N CYS C 488 -6.62 4.27 21.64
CA CYS C 488 -6.65 5.49 20.85
C CYS C 488 -6.04 6.66 21.62
N PHE C 489 -6.48 6.86 22.86
CA PHE C 489 -5.96 7.96 23.66
C PHE C 489 -4.47 7.80 23.92
N CYS C 490 -4.04 6.59 24.28
CA CYS C 490 -2.62 6.37 24.56
C CYS C 490 -1.77 6.66 23.32
N GLY C 491 -2.19 6.14 22.17
CA GLY C 491 -1.43 6.36 20.95
C GLY C 491 -1.39 7.82 20.56
N TRP C 492 -2.51 8.52 20.70
CA TRP C 492 -2.54 9.94 20.37
C TRP C 492 -1.59 10.72 21.26
N ILE C 493 -1.59 10.44 22.56
CA ILE C 493 -0.78 11.26 23.47
C ILE C 493 0.70 10.93 23.32
N VAL C 494 1.04 9.66 23.10
CA VAL C 494 2.45 9.26 23.08
C VAL C 494 3.07 9.42 21.70
N LEU C 495 2.44 8.87 20.66
CA LEU C 495 3.01 8.85 19.32
C LEU C 495 2.63 10.07 18.48
N GLY C 496 1.72 10.90 18.96
CA GLY C 496 1.27 12.05 18.19
C GLY C 496 2.40 12.98 17.81
N PRO C 497 3.28 13.30 18.75
CA PRO C 497 4.42 14.18 18.43
C PRO C 497 5.34 13.62 17.34
N TYR C 498 5.44 12.29 17.23
CA TYR C 498 6.45 11.68 16.37
C TYR C 498 5.90 11.04 15.11
N HIS C 499 4.62 10.69 15.07
CA HIS C 499 4.03 9.94 13.97
C HIS C 499 3.01 10.80 13.25
N VAL C 500 3.15 10.89 11.93
CA VAL C 500 2.22 11.71 11.14
C VAL C 500 0.81 11.14 11.20
N LYS C 501 0.68 9.82 11.38
CA LYS C 501 -0.62 9.17 11.39
C LYS C 501 -1.30 9.24 12.76
N PHE C 502 -0.67 9.83 13.76
CA PHE C 502 -1.24 9.92 15.11
C PHE C 502 -1.44 11.37 15.53
N ARG C 503 -1.59 12.29 14.58
CA ARG C 503 -1.66 13.71 14.92
C ARG C 503 -3.02 14.10 15.50
N SER C 504 -4.09 13.40 15.12
CA SER C 504 -5.43 13.72 15.60
C SER C 504 -6.12 12.43 16.02
N LEU C 505 -7.06 12.55 16.95
CA LEU C 505 -7.73 11.37 17.49
C LEU C 505 -8.53 10.65 16.40
N SER C 506 -9.18 11.39 15.50
CA SER C 506 -9.86 10.75 14.39
C SER C 506 -8.86 10.05 13.47
N MET C 507 -7.71 10.68 13.22
CA MET C 507 -6.67 10.03 12.44
C MET C 507 -6.13 8.79 13.15
N VAL C 508 -5.98 8.88 14.48
CA VAL C 508 -5.51 7.73 15.25
C VAL C 508 -6.51 6.58 15.12
N SER C 509 -7.81 6.89 15.21
CA SER C 509 -8.83 5.86 15.08
C SER C 509 -8.80 5.23 13.70
N GLU C 510 -8.64 6.05 12.66
CA GLU C 510 -8.57 5.50 11.31
C GLU C 510 -7.35 4.60 11.14
N CYS C 511 -6.21 5.02 11.67
CA CYS C 511 -5.00 4.21 11.58
C CYS C 511 -5.17 2.88 12.31
N LEU C 512 -5.73 2.92 13.52
CA LEU C 512 -5.91 1.69 14.29
C LEU C 512 -6.92 0.76 13.60
N PHE C 513 -8.00 1.31 13.07
CA PHE C 513 -8.98 0.50 12.37
C PHE C 513 -8.38 -0.16 11.13
N SER C 514 -7.56 0.58 10.38
CA SER C 514 -6.90 -0.01 9.22
C SER C 514 -5.90 -1.08 9.66
N LEU C 515 -5.20 -0.86 10.77
CA LEU C 515 -4.27 -1.86 11.27
C LEU C 515 -5.00 -3.14 11.65
N ILE C 516 -6.16 -3.02 12.27
CA ILE C 516 -6.92 -4.19 12.68
C ILE C 516 -7.25 -5.07 11.48
N ASN C 517 -7.40 -4.46 10.31
CA ASN C 517 -7.77 -5.17 9.09
C ASN C 517 -6.58 -5.43 8.18
N GLY C 518 -5.36 -5.28 8.71
CA GLY C 518 -4.16 -5.61 7.96
C GLY C 518 -3.85 -4.68 6.81
N ASP C 519 -3.90 -3.37 7.04
CA ASP C 519 -3.57 -2.38 6.02
C ASP C 519 -2.61 -1.35 6.59
N ASP C 520 -1.55 -1.05 5.82
CA ASP C 520 -0.59 0.00 6.15
C ASP C 520 0.19 -0.29 7.43
N MET C 521 0.40 -1.59 7.71
CA MET C 521 1.12 -1.97 8.93
C MET C 521 2.59 -1.61 8.85
N PHE C 522 3.25 -1.97 7.74
CA PHE C 522 4.70 -1.80 7.66
C PHE C 522 5.09 -0.33 7.61
N VAL C 523 4.31 0.50 6.92
CA VAL C 523 4.62 1.93 6.90
C VAL C 523 4.49 2.52 8.30
N THR C 524 3.49 2.06 9.05
CA THR C 524 3.33 2.51 10.43
C THR C 524 4.55 2.14 11.26
N PHE C 525 5.04 0.91 11.11
CA PHE C 525 6.24 0.51 11.84
C PHE C 525 7.46 1.31 11.38
N ALA C 526 7.59 1.54 10.08
CA ALA C 526 8.79 2.18 9.54
C ALA C 526 8.86 3.65 9.89
N ALA C 527 7.71 4.31 10.03
CA ALA C 527 7.73 5.72 10.45
C ALA C 527 8.39 5.85 11.81
N MET C 528 8.10 4.94 12.74
CA MET C 528 8.76 4.96 14.03
C MET C 528 10.20 4.48 13.91
N GLN C 529 10.46 3.49 13.06
CA GLN C 529 11.83 3.05 12.84
C GLN C 529 12.72 4.20 12.41
N ALA C 530 12.18 5.14 11.64
CA ALA C 530 12.97 6.27 11.14
C ALA C 530 13.47 7.18 12.25
N GLN C 531 13.10 6.95 13.51
CA GLN C 531 13.55 7.77 14.62
C GLN C 531 13.89 6.92 15.83
N GLN C 532 14.40 5.70 15.61
CA GLN C 532 14.78 4.84 16.73
C GLN C 532 15.91 5.46 17.54
N GLY C 533 16.92 5.99 16.86
CA GLY C 533 18.08 6.51 17.57
C GLY C 533 17.77 7.72 18.42
N ARG C 534 16.86 8.57 17.95
CA ARG C 534 16.54 9.81 18.67
C ARG C 534 16.07 9.51 20.09
N SER C 535 14.95 8.81 20.23
CA SER C 535 14.39 8.46 21.53
C SER C 535 14.20 6.96 21.59
N SER C 536 15.05 6.27 22.36
CA SER C 536 14.93 4.83 22.49
C SER C 536 13.70 4.44 23.29
N LEU C 537 13.37 5.22 24.33
CA LEU C 537 12.21 4.92 25.15
C LEU C 537 10.93 4.98 24.33
N VAL C 538 10.79 6.02 23.51
CA VAL C 538 9.60 6.16 22.69
C VAL C 538 9.53 5.04 21.66
N TRP C 539 10.67 4.65 21.09
CA TRP C 539 10.66 3.57 20.11
C TRP C 539 10.25 2.25 20.75
N LEU C 540 10.79 1.94 21.94
CA LEU C 540 10.39 0.72 22.62
C LEU C 540 8.92 0.74 22.97
N PHE C 541 8.41 1.88 23.44
CA PHE C 541 6.99 1.98 23.75
C PHE C 541 6.15 1.77 22.50
N SER C 542 6.57 2.34 21.37
CA SER C 542 5.83 2.17 20.13
C SER C 542 5.82 0.70 19.70
N GLN C 543 6.96 0.02 19.86
CA GLN C 543 7.02 -1.39 19.53
C GLN C 543 6.01 -2.18 20.35
N LEU C 544 6.04 -2.00 21.68
CA LEU C 544 5.13 -2.72 22.55
C LEU C 544 3.69 -2.39 22.20
N TYR C 545 3.40 -1.10 22.03
CA TYR C 545 2.04 -0.64 21.76
C TYR C 545 1.49 -1.28 20.48
N LEU C 546 2.23 -1.14 19.38
CA LEU C 546 1.74 -1.63 18.09
C LEU C 546 1.61 -3.14 18.10
N TYR C 547 2.63 -3.85 18.59
CA TYR C 547 2.57 -5.30 18.59
C TYR C 547 1.40 -5.81 19.42
N SER C 548 1.25 -5.29 20.63
CA SER C 548 0.18 -5.76 21.51
C SER C 548 -1.19 -5.47 20.90
N PHE C 549 -1.38 -4.24 20.38
CA PHE C 549 -2.68 -3.90 19.83
C PHE C 549 -3.04 -4.79 18.65
N ILE C 550 -2.11 -4.93 17.69
CA ILE C 550 -2.40 -5.70 16.49
C ILE C 550 -2.68 -7.16 16.87
N SER C 551 -1.83 -7.74 17.71
CA SER C 551 -2.01 -9.15 18.08
C SER C 551 -3.34 -9.35 18.78
N LEU C 552 -3.65 -8.51 19.77
CA LEU C 552 -4.89 -8.67 20.52
C LEU C 552 -6.11 -8.56 19.60
N PHE C 553 -6.11 -7.58 18.71
CA PHE C 553 -7.33 -7.34 17.95
C PHE C 553 -7.47 -8.28 16.76
N ILE C 554 -6.38 -8.79 16.21
CA ILE C 554 -6.51 -9.70 15.07
C ILE C 554 -6.68 -11.14 15.52
N TYR C 555 -5.90 -11.60 16.50
CA TYR C 555 -5.90 -13.01 16.86
C TYR C 555 -6.94 -13.38 17.92
N MET C 556 -7.61 -12.41 18.52
CA MET C 556 -8.59 -12.73 19.56
C MET C 556 -9.96 -12.09 19.32
N VAL C 557 -10.01 -10.87 18.80
CA VAL C 557 -11.29 -10.18 18.65
C VAL C 557 -12.01 -10.62 17.39
N LEU C 558 -11.30 -10.59 16.25
CA LEU C 558 -11.90 -11.05 15.00
C LEU C 558 -12.23 -12.53 15.08
N SER C 559 -11.39 -13.31 15.77
CA SER C 559 -11.68 -14.72 15.98
C SER C 559 -12.99 -14.89 16.74
N LEU C 560 -13.23 -14.05 17.75
CA LEU C 560 -14.47 -14.14 18.50
C LEU C 560 -15.66 -13.72 17.66
N PHE C 561 -15.50 -12.73 16.78
CA PHE C 561 -16.58 -12.39 15.85
C PHE C 561 -16.93 -13.60 14.97
N ILE C 562 -15.90 -14.27 14.45
CA ILE C 562 -16.12 -15.46 13.62
C ILE C 562 -16.84 -16.52 14.43
N ALA C 563 -16.42 -16.73 15.69
CA ALA C 563 -17.03 -17.75 16.52
C ALA C 563 -18.49 -17.43 16.81
N LEU C 564 -18.80 -16.15 17.05
CA LEU C 564 -20.19 -15.76 17.28
C LEU C 564 -21.05 -16.05 16.06
N ILE C 565 -20.56 -15.69 14.87
CA ILE C 565 -21.33 -15.95 13.66
C ILE C 565 -21.50 -17.46 13.45
N THR C 566 -20.44 -18.23 13.69
CA THR C 566 -20.53 -19.68 13.52
C THR C 566 -21.53 -20.29 14.48
N GLY C 567 -21.53 -19.83 15.74
CA GLY C 567 -22.50 -20.34 16.70
C GLY C 567 -23.92 -19.99 16.31
N ALA C 568 -24.15 -18.76 15.83
CA ALA C 568 -25.47 -18.39 15.37
C ALA C 568 -25.93 -19.28 14.22
N TYR C 569 -25.04 -19.51 13.25
CA TYR C 569 -25.39 -20.37 12.13
C TYR C 569 -25.70 -21.78 12.58
N ASP C 570 -24.91 -22.31 13.52
CA ASP C 570 -25.15 -23.66 14.02
C ASP C 570 -26.50 -23.76 14.72
N THR C 571 -26.85 -22.75 15.52
CA THR C 571 -28.15 -22.76 16.19
C THR C 571 -29.29 -22.69 15.19
N ILE C 572 -29.13 -21.87 14.13
CA ILE C 572 -30.21 -21.75 13.16
C ILE C 572 -30.44 -23.06 12.42
N LYS C 573 -29.39 -23.82 12.17
CA LYS C 573 -29.50 -25.08 11.43
C LYS C 573 -30.04 -26.22 12.28
N HIS C 574 -30.59 -25.93 13.46
CA HIS C 574 -31.15 -26.95 14.33
C HIS C 574 -32.44 -26.47 14.97
N LEU D 89 -17.87 -17.03 59.99
CA LEU D 89 -16.86 -16.78 58.95
C LEU D 89 -17.45 -16.97 57.57
N ARG D 90 -18.38 -17.93 57.44
CA ARG D 90 -18.97 -18.21 56.14
C ARG D 90 -19.74 -17.01 55.61
N ARG D 91 -20.49 -16.32 56.48
CA ARG D 91 -21.25 -15.16 56.03
C ARG D 91 -20.33 -14.04 55.56
N ARG D 92 -19.28 -13.75 56.33
CA ARG D 92 -18.35 -12.70 55.93
C ARG D 92 -17.65 -13.05 54.62
N LEU D 93 -17.25 -14.31 54.45
CA LEU D 93 -16.62 -14.73 53.22
C LEU D 93 -17.58 -14.60 52.04
N LYS D 94 -18.84 -14.99 52.24
CA LYS D 94 -19.82 -14.87 51.16
C LYS D 94 -20.06 -13.41 50.79
N TYR D 95 -20.12 -12.52 51.79
CA TYR D 95 -20.30 -11.11 51.50
C TYR D 95 -19.08 -10.51 50.82
N PHE D 96 -17.89 -10.99 51.14
CA PHE D 96 -16.68 -10.45 50.53
C PHE D 96 -16.69 -10.66 49.02
N PHE D 97 -17.24 -11.79 48.57
CA PHE D 97 -17.31 -12.11 47.14
C PHE D 97 -18.62 -11.67 46.51
N MET D 98 -19.50 -11.00 47.25
CA MET D 98 -20.74 -10.53 46.69
C MET D 98 -20.50 -9.47 45.63
N SER D 99 -21.40 -9.41 44.65
CA SER D 99 -21.32 -8.36 43.66
C SER D 99 -21.75 -7.03 44.26
N PRO D 100 -21.42 -5.91 43.62
CA PRO D 100 -21.81 -4.61 44.20
C PRO D 100 -23.29 -4.50 44.47
N CYS D 101 -24.13 -5.01 43.57
CA CYS D 101 -25.58 -4.97 43.80
C CYS D 101 -25.95 -5.79 45.02
N ASP D 102 -25.39 -6.99 45.16
CA ASP D 102 -25.68 -7.82 46.31
C ASP D 102 -25.17 -7.18 47.59
N LYS D 103 -23.99 -6.57 47.55
CA LYS D 103 -23.47 -5.89 48.73
C LYS D 103 -24.38 -4.74 49.15
N PHE D 104 -24.86 -3.96 48.18
CA PHE D 104 -25.78 -2.87 48.50
C PHE D 104 -27.08 -3.41 49.08
N ARG D 105 -27.59 -4.50 48.51
CA ARG D 105 -28.82 -5.09 49.04
C ARG D 105 -28.62 -5.58 50.48
N ALA D 106 -27.45 -6.16 50.77
CA ALA D 106 -27.22 -6.75 52.08
C ALA D 106 -26.98 -5.68 53.14
N LYS D 107 -25.91 -4.88 52.96
CA LYS D 107 -25.53 -3.92 53.99
C LYS D 107 -25.95 -2.49 53.69
N GLY D 108 -26.30 -2.17 52.44
CA GLY D 108 -26.79 -0.86 52.11
C GLY D 108 -25.74 0.23 52.05
N ARG D 109 -24.46 -0.12 52.14
CA ARG D 109 -23.42 0.89 52.06
C ARG D 109 -23.37 1.50 50.66
N LYS D 110 -23.23 2.81 50.62
CA LYS D 110 -23.24 3.51 49.35
C LYS D 110 -22.00 3.15 48.54
N PRO D 111 -22.14 2.76 47.27
CA PRO D 111 -20.95 2.39 46.48
C PRO D 111 -20.12 3.60 46.11
N CYS D 112 -19.36 4.13 47.07
CA CYS D 112 -18.54 5.31 46.81
C CYS D 112 -17.48 5.02 45.76
N LYS D 113 -16.88 3.82 45.80
CA LYS D 113 -15.76 3.54 44.93
C LYS D 113 -16.17 3.54 43.46
N LEU D 114 -17.37 3.04 43.14
CA LEU D 114 -17.81 3.01 41.75
C LEU D 114 -17.96 4.44 41.20
N MET D 115 -18.63 5.30 41.94
CA MET D 115 -18.77 6.69 41.51
C MET D 115 -17.41 7.36 41.39
N LEU D 116 -16.52 7.07 42.34
CA LEU D 116 -15.18 7.65 42.28
C LEU D 116 -14.45 7.20 41.03
N GLN D 117 -14.61 5.92 40.65
CA GLN D 117 -13.95 5.42 39.44
C GLN D 117 -14.52 6.08 38.20
N VAL D 118 -15.83 6.29 38.15
CA VAL D 118 -16.42 6.98 36.99
C VAL D 118 -15.88 8.40 36.88
N VAL D 119 -15.85 9.13 38.01
CA VAL D 119 -15.31 10.47 38.00
C VAL D 119 -13.85 10.47 37.60
N LYS D 120 -13.09 9.46 38.05
CA LYS D 120 -11.69 9.35 37.69
C LYS D 120 -11.52 9.17 36.20
N ILE D 121 -12.32 8.30 35.59
CA ILE D 121 -12.26 8.11 34.16
C ILE D 121 -12.48 9.44 33.44
N LEU D 122 -13.54 10.15 33.84
CA LEU D 122 -13.86 11.41 33.17
C LEU D 122 -12.73 12.42 33.29
N VAL D 123 -12.24 12.65 34.51
CA VAL D 123 -11.25 13.69 34.73
C VAL D 123 -9.92 13.32 34.08
N VAL D 124 -9.53 12.05 34.16
CA VAL D 124 -8.28 11.61 33.55
C VAL D 124 -8.33 11.80 32.04
N THR D 125 -9.46 11.42 31.42
CA THR D 125 -9.57 11.59 29.98
C THR D 125 -9.52 13.07 29.58
N VAL D 126 -10.21 13.92 30.33
CA VAL D 126 -10.20 15.35 30.02
C VAL D 126 -8.78 15.91 30.15
N GLN D 127 -8.08 15.52 31.21
CA GLN D 127 -6.71 15.98 31.41
C GLN D 127 -5.81 15.55 30.26
N LEU D 128 -5.93 14.29 29.85
CA LEU D 128 -5.10 13.81 28.74
C LEU D 128 -5.40 14.58 27.46
N ILE D 129 -6.68 14.84 27.18
CA ILE D 129 -7.03 15.57 25.97
C ILE D 129 -6.42 16.97 25.99
N LEU D 130 -6.55 17.66 27.13
CA LEU D 130 -6.00 19.00 27.22
C LEU D 130 -4.48 19.00 27.05
N PHE D 131 -3.81 18.04 27.69
CA PHE D 131 -2.36 17.97 27.60
C PHE D 131 -1.90 17.72 26.17
N GLY D 132 -2.56 16.80 25.47
CA GLY D 132 -2.18 16.54 24.09
C GLY D 132 -2.43 17.73 23.19
N LEU D 133 -3.57 18.40 23.38
CA LEU D 133 -3.86 19.61 22.60
C LEU D 133 -2.78 20.66 22.81
N SER D 134 -2.34 20.84 24.06
CA SER D 134 -1.30 21.84 24.32
C SER D 134 0.04 21.42 23.72
N ASN D 135 0.39 20.13 23.81
CA ASN D 135 1.72 19.71 23.39
CA ASN D 135 1.72 19.71 23.39
C ASN D 135 1.89 19.71 21.88
N GLN D 136 0.87 19.28 21.13
CA GLN D 136 1.07 19.21 19.69
C GLN D 136 1.25 20.59 19.07
N LEU D 137 0.81 21.66 19.74
CA LEU D 137 1.09 23.00 19.26
C LEU D 137 2.59 23.30 19.27
N ALA D 138 3.25 23.00 20.40
CA ALA D 138 4.69 23.20 20.47
C ALA D 138 5.41 22.28 19.50
N VAL D 139 4.91 21.06 19.32
CA VAL D 139 5.52 20.15 18.36
C VAL D 139 5.47 20.76 16.97
N THR D 140 4.31 21.31 16.59
CA THR D 140 4.18 21.96 15.29
C THR D 140 5.13 23.14 15.16
N PHE D 141 5.24 23.96 16.21
CA PHE D 141 6.15 25.10 16.16
C PHE D 141 7.57 24.64 15.87
N ARG D 142 8.05 23.65 16.63
CA ARG D 142 9.42 23.18 16.45
C ARG D 142 9.62 22.59 15.06
N GLU D 143 8.66 21.79 14.58
CA GLU D 143 8.81 21.15 13.28
C GLU D 143 8.84 22.20 12.16
N GLU D 144 7.96 23.20 12.24
CA GLU D 144 7.93 24.24 11.22
C GLU D 144 9.23 25.04 11.22
N ASN D 145 9.74 25.38 12.40
CA ASN D 145 11.01 26.10 12.46
C ASN D 145 12.14 25.27 11.85
N THR D 146 12.15 23.95 12.12
CA THR D 146 13.20 23.11 11.57
C THR D 146 13.11 23.02 10.05
N ILE D 147 11.88 22.94 9.51
CA ILE D 147 11.73 22.92 8.06
C ILE D 147 12.22 24.23 7.45
N ALA D 148 11.89 25.36 8.10
CA ALA D 148 12.37 26.64 7.62
C ALA D 148 13.89 26.70 7.65
N PHE D 149 14.51 26.18 8.72
CA PHE D 149 15.96 26.17 8.80
C PHE D 149 16.57 25.33 7.68
N ARG D 150 15.97 24.18 7.38
CA ARG D 150 16.47 23.34 6.29
C ARG D 150 16.40 24.07 4.97
N HIS D 151 15.30 24.79 4.73
CA HIS D 151 15.18 25.53 3.47
C HIS D 151 16.12 26.74 3.44
N LEU D 152 16.48 27.29 4.60
CA LEU D 152 17.35 28.45 4.63
C LEU D 152 18.82 28.09 4.47
N PHE D 153 19.28 27.05 5.17
CA PHE D 153 20.71 26.81 5.32
C PHE D 153 21.26 25.70 4.46
N LEU D 154 20.42 24.86 3.86
CA LEU D 154 20.88 23.76 3.03
C LEU D 154 20.74 24.16 1.57
N LEU D 155 21.86 24.11 0.84
CA LEU D 155 21.90 24.55 -0.54
C LEU D 155 21.25 23.53 -1.46
N GLY D 156 20.26 23.96 -2.23
CA GLY D 156 19.58 23.07 -3.15
C GLY D 156 18.66 22.07 -2.48
N TYR D 157 18.22 22.35 -1.26
CA TYR D 157 17.35 21.42 -0.54
C TYR D 157 15.92 21.53 -1.05
N SER D 158 15.25 20.39 -1.13
CA SER D 158 13.84 20.33 -1.49
C SER D 158 13.13 19.37 -0.56
N ASP D 159 11.83 19.59 -0.37
CA ASP D 159 11.05 18.77 0.55
C ASP D 159 11.06 17.31 0.11
N GLY D 160 11.14 16.41 1.08
CA GLY D 160 11.13 14.99 0.80
C GLY D 160 12.46 14.41 0.39
N ALA D 161 13.55 15.16 0.52
CA ALA D 161 14.88 14.70 0.12
C ALA D 161 15.82 14.56 1.30
N ASP D 162 15.29 14.42 2.51
CA ASP D 162 16.15 14.36 3.69
C ASP D 162 17.06 13.14 3.66
N ASP D 163 16.53 12.00 3.22
CA ASP D 163 17.29 10.76 3.30
C ASP D 163 18.43 10.72 2.29
N THR D 164 18.20 11.25 1.09
CA THR D 164 19.16 11.17 0.01
C THR D 164 20.01 12.42 -0.17
N PHE D 165 19.82 13.44 0.66
CA PHE D 165 20.58 14.68 0.52
C PHE D 165 22.05 14.42 0.84
N ALA D 166 22.91 14.61 -0.15
CA ALA D 166 24.32 14.32 0.02
C ALA D 166 25.14 15.13 -0.99
N ALA D 167 26.43 15.24 -0.72
CA ALA D 167 27.39 15.85 -1.64
C ALA D 167 28.27 14.76 -2.24
N TYR D 168 28.75 15.00 -3.45
CA TYR D 168 29.53 14.03 -4.19
C TYR D 168 30.83 14.58 -4.77
N THR D 169 31.03 15.89 -4.75
CA THR D 169 32.28 16.49 -5.21
C THR D 169 32.76 17.48 -4.16
N ARG D 170 34.07 17.73 -4.17
CA ARG D 170 34.64 18.70 -3.24
C ARG D 170 34.03 20.08 -3.44
N GLU D 171 33.74 20.42 -4.70
CA GLU D 171 33.11 21.71 -4.99
C GLU D 171 31.74 21.81 -4.35
N GLN D 172 30.95 20.74 -4.43
CA GLN D 172 29.63 20.73 -3.82
C GLN D 172 29.72 20.93 -2.31
N LEU D 173 30.67 20.23 -1.67
CA LEU D 173 30.81 20.33 -0.22
C LEU D 173 31.20 21.75 0.19
N TYR D 174 32.18 22.33 -0.50
CA TYR D 174 32.59 23.69 -0.19
C TYR D 174 31.43 24.66 -0.38
N GLN D 175 30.69 24.51 -1.49
CA GLN D 175 29.57 25.40 -1.75
C GLN D 175 28.51 25.28 -0.66
N ALA D 176 28.20 24.05 -0.23
CA ALA D 176 27.20 23.87 0.81
C ALA D 176 27.63 24.51 2.11
N ILE D 177 28.88 24.30 2.51
CA ILE D 177 29.36 24.87 3.77
C ILE D 177 29.31 26.39 3.72
N PHE D 178 29.82 26.97 2.63
CA PHE D 178 29.85 28.43 2.53
C PHE D 178 28.45 28.99 2.43
N HIS D 179 27.53 28.30 1.76
CA HIS D 179 26.15 28.76 1.70
C HIS D 179 25.52 28.77 3.08
N ALA D 180 25.76 27.73 3.87
CA ALA D 180 25.19 27.69 5.22
C ALA D 180 25.71 28.86 6.05
N VAL D 181 27.03 29.10 6.01
CA VAL D 181 27.58 30.19 6.81
C VAL D 181 27.07 31.54 6.34
N ASP D 182 27.02 31.75 5.02
CA ASP D 182 26.55 33.02 4.49
C ASP D 182 25.09 33.26 4.84
N GLN D 183 24.27 32.22 4.77
CA GLN D 183 22.86 32.37 5.14
C GLN D 183 22.72 32.63 6.63
N TYR D 184 23.60 32.07 7.45
CA TYR D 184 23.59 32.42 8.87
C TYR D 184 23.89 33.90 9.07
N LEU D 185 24.85 34.42 8.30
CA LEU D 185 25.22 35.83 8.45
C LEU D 185 24.18 36.79 7.88
N ALA D 186 23.34 36.33 6.94
CA ALA D 186 22.35 37.18 6.30
C ALA D 186 20.95 36.98 6.86
N LEU D 187 20.80 36.19 7.92
CA LEU D 187 19.47 35.82 8.41
C LEU D 187 18.57 37.01 8.71
N PRO D 188 19.04 38.08 9.37
CA PRO D 188 18.11 39.17 9.72
C PRO D 188 17.43 39.80 8.52
N ASP D 189 18.08 39.84 7.36
CA ASP D 189 17.55 40.53 6.20
C ASP D 189 16.71 39.66 5.29
N VAL D 190 16.74 38.33 5.44
CA VAL D 190 16.13 37.44 4.47
C VAL D 190 15.04 36.60 5.13
N SER D 191 15.18 36.33 6.43
CA SER D 191 14.29 35.39 7.09
C SER D 191 12.90 35.97 7.29
N LEU D 192 11.88 35.12 7.11
CA LEU D 192 10.51 35.51 7.44
C LEU D 192 10.27 35.49 8.94
N GLY D 193 11.01 34.68 9.68
CA GLY D 193 10.91 34.67 11.13
C GLY D 193 11.82 35.70 11.77
N ARG D 194 11.58 35.94 13.06
CA ARG D 194 12.37 36.86 13.87
C ARG D 194 13.27 36.02 14.77
N TYR D 195 14.58 36.12 14.57
CA TYR D 195 15.55 35.35 15.32
C TYR D 195 16.60 36.27 15.91
N ALA D 196 17.15 35.86 17.04
CA ALA D 196 18.22 36.60 17.71
C ALA D 196 19.44 35.70 17.81
N TYR D 197 20.61 36.30 17.68
CA TYR D 197 21.87 35.56 17.77
C TYR D 197 22.22 35.29 19.23
N VAL D 198 22.85 34.14 19.46
CA VAL D 198 23.35 33.75 20.78
C VAL D 198 24.87 33.62 20.66
N ARG D 199 25.59 34.28 21.56
CA ARG D 199 27.04 34.37 21.49
C ARG D 199 27.69 33.64 22.65
N GLY D 200 28.77 32.94 22.36
CA GLY D 200 29.56 32.31 23.42
C GLY D 200 28.74 31.34 24.22
N GLY D 201 28.88 31.42 25.54
CA GLY D 201 28.09 30.59 26.44
C GLY D 201 28.41 29.11 26.41
N GLY D 202 29.70 28.76 26.35
CA GLY D 202 30.08 27.37 26.48
C GLY D 202 30.99 26.86 25.38
N ASP D 203 30.73 25.64 24.93
CA ASP D 203 31.50 24.96 23.90
C ASP D 203 30.52 24.34 22.91
N PRO D 204 30.85 24.31 21.61
CA PRO D 204 32.12 24.67 20.94
C PRO D 204 32.28 26.14 20.60
N TRP D 205 31.51 27.04 21.20
CA TRP D 205 31.59 28.46 20.87
C TRP D 205 32.53 29.16 21.85
N THR D 206 33.52 29.87 21.31
CA THR D 206 34.34 30.72 22.16
C THR D 206 33.57 31.98 22.53
N ASN D 207 34.12 32.74 23.47
CA ASN D 207 33.47 33.95 23.92
C ASN D 207 33.25 34.89 22.75
N GLY D 208 32.02 35.38 22.61
CA GLY D 208 31.68 36.30 21.54
C GLY D 208 31.45 35.66 20.19
N SER D 209 31.46 34.33 20.10
CA SER D 209 31.29 33.63 18.83
C SER D 209 29.88 33.06 18.75
N GLY D 210 29.24 33.24 17.60
CA GLY D 210 27.90 32.73 17.40
C GLY D 210 27.84 31.43 16.65
N LEU D 211 28.72 31.25 15.67
CA LEU D 211 28.75 30.06 14.84
C LEU D 211 30.10 29.36 14.96
N ALA D 212 30.07 28.03 15.09
CA ALA D 212 31.28 27.23 15.17
C ALA D 212 31.30 26.26 14.00
N LEU D 213 32.35 26.33 13.19
CA LEU D 213 32.50 25.47 12.01
C LEU D 213 33.70 24.56 12.27
N CYS D 214 33.42 23.32 12.67
CA CYS D 214 34.44 22.37 13.06
C CYS D 214 34.64 21.32 11.97
N GLN D 215 35.89 20.92 11.76
CA GLN D 215 36.22 19.78 10.91
C GLN D 215 37.02 18.80 11.74
N ARG D 216 36.61 17.52 11.70
CA ARG D 216 37.25 16.45 12.45
C ARG D 216 37.87 15.47 11.48
N TYR D 217 39.16 15.21 11.65
CA TYR D 217 39.93 14.30 10.80
C TYR D 217 40.82 13.44 11.68
N TYR D 218 41.71 12.66 11.07
CA TYR D 218 42.60 11.78 11.81
C TYR D 218 43.94 12.45 12.09
N HIS D 219 44.54 12.08 13.22
CA HIS D 219 45.83 12.65 13.58
C HIS D 219 46.88 12.39 12.50
N ARG D 220 47.03 11.13 12.10
CA ARG D 220 47.88 10.74 10.98
C ARG D 220 47.03 9.92 10.03
N GLY D 221 47.06 10.25 8.74
CA GLY D 221 46.14 9.66 7.80
C GLY D 221 46.70 9.28 6.45
N HIS D 222 47.92 8.75 6.39
CA HIS D 222 48.52 8.42 5.09
C HIS D 222 47.74 7.28 4.45
N VAL D 223 47.24 7.50 3.24
CA VAL D 223 46.46 6.49 2.51
C VAL D 223 46.95 6.45 1.07
N ASP D 224 47.36 5.25 0.61
CA ASP D 224 47.90 5.06 -0.73
C ASP D 224 47.24 3.82 -1.32
N PRO D 225 46.04 3.95 -1.90
CA PRO D 225 45.39 2.78 -2.51
C PRO D 225 46.16 2.23 -3.70
N ALA D 226 47.00 3.03 -4.35
CA ALA D 226 47.79 2.53 -5.47
C ALA D 226 48.73 1.41 -5.03
N ASN D 227 49.37 1.58 -3.87
CA ASN D 227 50.27 0.59 -3.31
C ASN D 227 49.60 -0.26 -2.24
N ASP D 228 48.28 -0.17 -2.10
CA ASP D 228 47.55 -0.94 -1.09
C ASP D 228 48.11 -0.70 0.30
N THR D 229 48.53 0.54 0.58
CA THR D 229 49.22 0.87 1.81
C THR D 229 48.46 1.94 2.60
N PHE D 230 48.58 1.89 3.92
CA PHE D 230 47.98 2.91 4.76
C PHE D 230 48.65 2.94 6.12
N ASP D 231 48.70 4.14 6.68
CA ASP D 231 49.23 4.40 8.02
C ASP D 231 48.31 5.41 8.68
N ILE D 232 47.47 4.95 9.61
CA ILE D 232 46.48 5.78 10.27
C ILE D 232 46.68 5.72 11.78
N ASP D 233 46.58 6.87 12.42
CA ASP D 233 46.42 6.97 13.87
C ASP D 233 44.97 7.31 14.14
N PRO D 234 44.14 6.37 14.63
CA PRO D 234 42.69 6.63 14.68
C PRO D 234 42.30 7.77 15.59
N MET D 235 43.24 8.40 16.30
CA MET D 235 42.90 9.54 17.13
C MET D 235 42.34 10.67 16.27
N VAL D 236 41.25 11.27 16.72
CA VAL D 236 40.52 12.28 15.96
C VAL D 236 40.96 13.66 16.43
N VAL D 237 41.34 14.52 15.48
CA VAL D 237 41.71 15.90 15.75
C VAL D 237 40.58 16.78 15.23
N THR D 238 40.21 17.79 16.03
CA THR D 238 39.14 18.72 15.71
C THR D 238 39.73 20.12 15.54
N ASP D 239 39.32 20.79 14.47
CA ASP D 239 39.76 22.16 14.19
C ASP D 239 38.54 22.99 13.83
N CYS D 240 38.22 24.01 14.64
CA CYS D 240 37.05 24.85 14.42
C CYS D 240 37.43 26.30 14.17
N ILE D 241 36.71 26.89 13.22
CA ILE D 241 36.71 28.32 12.98
C ILE D 241 35.50 28.90 13.70
N GLN D 242 35.66 30.11 14.24
CA GLN D 242 34.61 30.79 14.97
C GLN D 242 34.16 32.01 14.18
N VAL D 243 32.87 32.12 13.94
CA VAL D 243 32.27 33.23 13.21
C VAL D 243 31.39 34.00 14.17
N ASP D 244 31.71 35.28 14.36
CA ASP D 244 30.88 36.17 15.15
C ASP D 244 29.73 36.71 14.31
N PRO D 245 28.51 36.74 14.84
CA PRO D 245 27.40 37.30 14.07
C PRO D 245 27.64 38.77 13.79
N PRO D 246 27.10 39.29 12.68
CA PRO D 246 27.40 40.66 12.26
C PRO D 246 26.81 41.72 13.18
N SER D 264 36.08 37.56 6.49
CA SER D 264 35.49 36.24 6.32
C SER D 264 36.57 35.16 6.32
N SER D 265 37.16 34.93 7.49
CA SER D 265 38.22 33.92 7.59
C SER D 265 37.70 32.53 7.30
N TYR D 266 36.41 32.28 7.54
CA TYR D 266 35.85 30.96 7.26
C TYR D 266 35.92 30.61 5.79
N LYS D 267 36.06 31.60 4.92
CA LYS D 267 36.22 31.35 3.49
C LYS D 267 37.58 30.74 3.15
N ASN D 268 38.53 30.75 4.10
CA ASN D 268 39.83 30.13 3.90
C ASN D 268 39.86 28.69 4.37
N LEU D 269 38.70 28.09 4.64
CA LEU D 269 38.65 26.71 5.10
C LEU D 269 39.30 25.78 4.08
N THR D 270 40.14 24.87 4.57
CA THR D 270 40.79 23.87 3.74
C THR D 270 40.51 22.50 4.35
N LEU D 271 39.81 21.65 3.62
CA LEU D 271 39.40 20.35 4.13
C LEU D 271 40.44 19.28 3.79
N LYS D 272 40.74 18.44 4.78
CA LYS D 272 41.65 17.32 4.61
C LYS D 272 40.83 16.10 4.18
N PHE D 273 40.53 16.05 2.88
CA PHE D 273 39.53 15.11 2.37
C PHE D 273 39.94 13.66 2.64
N HIS D 274 41.22 13.33 2.43
CA HIS D 274 41.64 11.94 2.52
C HIS D 274 41.52 11.38 3.94
N LYS D 275 41.54 12.23 4.97
CA LYS D 275 41.42 11.78 6.35
C LYS D 275 40.28 12.46 7.09
N LEU D 276 39.36 13.10 6.39
CA LEU D 276 38.27 13.81 7.03
C LEU D 276 37.28 12.83 7.66
N VAL D 277 36.93 13.06 8.91
CA VAL D 277 35.90 12.26 9.58
C VAL D 277 34.53 12.90 9.42
N ASN D 278 34.41 14.19 9.71
CA ASN D 278 33.16 14.89 9.41
C ASN D 278 33.38 16.39 9.51
N VAL D 279 32.35 17.14 9.11
CA VAL D 279 32.30 18.59 9.31
C VAL D 279 30.98 18.91 10.00
N THR D 280 31.02 19.85 10.93
CA THR D 280 29.82 20.25 11.66
C THR D 280 29.77 21.77 11.75
N ILE D 281 28.55 22.29 11.71
CA ILE D 281 28.27 23.70 11.94
C ILE D 281 27.27 23.79 13.08
N HIS D 282 27.64 24.50 14.14
CA HIS D 282 26.81 24.66 15.31
C HIS D 282 26.49 26.13 15.52
N PHE D 283 25.21 26.44 15.74
CA PHE D 283 24.85 27.78 16.19
C PHE D 283 23.52 27.70 16.93
N ARG D 284 23.11 28.84 17.49
CA ARG D 284 21.87 28.92 18.25
C ARG D 284 21.10 30.16 17.84
N LEU D 285 19.77 30.03 17.81
CA LEU D 285 18.88 31.12 17.46
C LEU D 285 17.80 31.25 18.52
N LYS D 286 17.50 32.48 18.91
CA LYS D 286 16.46 32.76 19.90
C LYS D 286 15.23 33.32 19.21
N THR D 287 14.06 32.79 19.56
CA THR D 287 12.80 33.26 18.99
C THR D 287 11.73 33.24 20.07
N ILE D 288 10.59 33.86 19.76
CA ILE D 288 9.44 33.92 20.65
C ILE D 288 8.27 33.25 19.96
N ASN D 289 7.60 32.35 20.66
CA ASN D 289 6.47 31.60 20.10
C ASN D 289 5.21 32.45 20.24
N LEU D 290 4.95 33.28 19.23
CA LEU D 290 3.75 34.09 19.23
C LEU D 290 2.50 33.28 18.92
N GLN D 291 2.66 32.07 18.38
CA GLN D 291 1.52 31.22 18.10
C GLN D 291 0.74 30.86 19.36
N SER D 292 1.36 31.01 20.53
CA SER D 292 0.67 30.72 21.78
C SER D 292 -0.48 31.68 22.05
N LEU D 293 -0.49 32.85 21.43
CA LEU D 293 -1.55 33.83 21.69
C LEU D 293 -2.93 33.21 21.47
N ILE D 294 -3.13 32.58 20.31
CA ILE D 294 -4.31 31.75 20.14
C ILE D 294 -4.15 30.51 21.02
N ASN D 295 -5.28 30.02 21.54
CA ASN D 295 -5.36 29.00 22.58
C ASN D 295 -5.09 29.64 23.93
N ASN D 296 -4.92 30.96 23.99
CA ASN D 296 -4.87 31.72 25.24
C ASN D 296 -3.75 31.24 26.16
N GLU D 297 -2.51 31.43 25.69
CA GLU D 297 -1.33 31.20 26.49
C GLU D 297 -0.36 32.35 26.29
N ILE D 298 0.47 32.58 27.29
CA ILE D 298 1.52 33.61 27.21
C ILE D 298 2.65 33.08 26.34
N PRO D 299 3.12 33.82 25.34
CA PRO D 299 4.23 33.34 24.53
C PRO D 299 5.45 33.01 25.38
N ASP D 300 6.14 31.95 25.01
CA ASP D 300 7.37 31.50 25.66
C ASP D 300 8.55 31.70 24.72
N CYS D 301 9.75 31.61 25.29
CA CYS D 301 10.99 31.90 24.58
C CYS D 301 11.69 30.60 24.21
N TYR D 302 11.94 30.42 22.91
CA TYR D 302 12.63 29.24 22.41
C TYR D 302 14.06 29.58 22.06
N THR D 303 14.97 28.66 22.39
CA THR D 303 16.33 28.67 21.86
C THR D 303 16.52 27.40 21.06
N PHE D 304 16.77 27.55 19.76
CA PHE D 304 17.02 26.44 18.87
C PHE D 304 18.53 26.29 18.72
N SER D 305 19.03 25.12 19.09
CA SER D 305 20.42 24.74 18.84
C SER D 305 20.44 23.97 17.52
N VAL D 306 21.02 24.57 16.49
CA VAL D 306 21.06 24.02 15.15
C VAL D 306 22.42 23.39 14.92
N LEU D 307 22.41 22.13 14.49
CA LEU D 307 23.61 21.39 14.11
C LEU D 307 23.44 20.91 12.68
N ILE D 308 24.37 21.29 11.81
CA ILE D 308 24.43 20.81 10.43
C ILE D 308 25.63 19.88 10.32
N THR D 309 25.39 18.66 9.87
CA THR D 309 26.43 17.64 9.80
C THR D 309 26.67 17.23 8.36
N PHE D 310 27.93 17.26 7.94
CA PHE D 310 28.40 16.66 6.70
C PHE D 310 29.22 15.45 7.10
N ASP D 311 28.68 14.26 6.86
CA ASP D 311 29.19 13.02 7.45
C ASP D 311 30.04 12.26 6.45
N ASN D 312 31.27 11.94 6.85
CA ASN D 312 32.20 11.20 6.00
C ASN D 312 32.77 9.99 6.72
N LYS D 313 31.98 9.37 7.60
CA LYS D 313 32.48 8.23 8.37
C LYS D 313 32.58 6.97 7.53
N ALA D 314 31.85 6.88 6.43
CA ALA D 314 31.94 5.72 5.54
C ALA D 314 33.12 5.80 4.59
N HIS D 315 33.60 7.01 4.27
CA HIS D 315 34.69 7.20 3.32
C HIS D 315 34.36 6.54 1.97
N SER D 316 33.11 6.66 1.56
CA SER D 316 32.62 5.99 0.36
C SER D 316 32.49 6.92 -0.84
N GLY D 317 33.01 8.14 -0.74
CA GLY D 317 32.82 9.12 -1.79
C GLY D 317 31.49 9.84 -1.75
N ARG D 318 30.62 9.52 -0.80
CA ARG D 318 29.33 10.14 -0.63
C ARG D 318 29.23 10.67 0.79
N ILE D 319 28.98 11.96 0.93
CA ILE D 319 28.93 12.63 2.22
C ILE D 319 27.50 13.12 2.47
N PRO D 320 26.72 12.41 3.27
CA PRO D 320 25.36 12.87 3.57
C PRO D 320 25.37 14.17 4.38
N ILE D 321 24.35 14.97 4.14
CA ILE D 321 24.18 16.26 4.79
C ILE D 321 22.86 16.25 5.54
N SER D 322 22.89 16.63 6.82
CA SER D 322 21.68 16.66 7.63
C SER D 322 21.67 17.90 8.51
N LEU D 323 20.46 18.31 8.90
CA LEU D 323 20.25 19.42 9.82
C LEU D 323 19.35 18.94 10.95
N GLU D 324 19.75 19.22 12.19
CA GLU D 324 18.98 18.86 13.37
C GLU D 324 18.90 20.04 14.31
N THR D 325 17.81 20.09 15.09
CA THR D 325 17.59 21.16 16.04
C THR D 325 17.22 20.60 17.40
N GLN D 326 17.65 21.29 18.44
CA GLN D 326 17.22 21.03 19.81
C GLN D 326 16.54 22.29 20.34
N ALA D 327 15.34 22.15 20.87
CA ALA D 327 14.58 23.28 21.38
C ALA D 327 14.69 23.31 22.90
N HIS D 328 15.11 24.44 23.45
CA HIS D 328 15.10 24.69 24.89
C HIS D 328 14.14 25.84 25.16
N ILE D 329 13.15 25.59 26.01
CA ILE D 329 12.03 26.50 26.19
C ILE D 329 12.11 27.12 27.58
N GLN D 330 12.01 28.44 27.65
CA GLN D 330 11.98 29.18 28.89
C GLN D 330 10.77 30.09 28.92
N GLU D 331 10.43 30.55 30.12
CA GLU D 331 9.48 31.63 30.27
C GLU D 331 10.16 32.95 29.89
N CYS D 332 9.52 33.71 29.02
CA CYS D 332 10.10 34.97 28.58
C CYS D 332 10.15 35.96 29.72
N LYS D 333 11.27 36.63 29.89
CA LYS D 333 11.41 37.63 30.93
C LYS D 333 10.79 38.94 30.46
N HIS D 334 10.03 39.57 31.34
CA HIS D 334 9.27 40.78 31.00
C HIS D 334 8.24 40.48 29.93
N PRO D 335 7.27 39.60 30.16
CA PRO D 335 6.17 39.42 29.20
C PRO D 335 5.20 40.59 29.30
N SER D 336 4.44 40.78 28.22
CA SER D 336 3.44 41.84 28.17
C SER D 336 2.44 41.52 27.07
N VAL D 337 1.22 41.16 27.46
CA VAL D 337 0.13 40.91 26.53
C VAL D 337 -1.07 41.76 26.96
N PHE D 338 -1.61 42.54 26.04
CA PHE D 338 -2.75 43.38 26.34
C PHE D 338 -3.99 42.53 26.63
N SER D 344 -5.86 30.24 35.09
CA SER D 344 -5.59 29.51 36.32
C SER D 344 -6.25 28.14 36.32
N PHE D 345 -7.10 27.88 35.32
CA PHE D 345 -7.80 26.61 35.21
C PHE D 345 -6.93 25.56 34.49
N ARG D 346 -5.70 25.42 34.97
CA ARG D 346 -4.83 24.35 34.50
C ARG D 346 -4.17 23.65 35.68
N LEU D 347 -3.98 24.38 36.78
CA LEU D 347 -3.42 23.82 37.99
C LEU D 347 -4.49 23.31 38.95
N LEU D 348 -5.63 24.00 39.01
CA LEU D 348 -6.73 23.52 39.84
C LEU D 348 -7.23 22.17 39.34
N PHE D 349 -7.32 22.01 38.02
CA PHE D 349 -7.74 20.72 37.47
C PHE D 349 -6.72 19.64 37.80
N ASP D 350 -5.43 19.97 37.73
CA ASP D 350 -4.40 19.00 38.08
C ASP D 350 -4.51 18.58 39.55
N VAL D 351 -4.76 19.54 40.44
CA VAL D 351 -4.92 19.22 41.85
C VAL D 351 -6.16 18.35 42.05
N VAL D 352 -7.24 18.64 41.31
CA VAL D 352 -8.44 17.82 41.40
C VAL D 352 -8.13 16.39 40.97
N VAL D 353 -7.39 16.24 39.87
CA VAL D 353 -7.04 14.90 39.40
C VAL D 353 -6.21 14.17 40.45
N ILE D 354 -5.23 14.86 41.03
CA ILE D 354 -4.38 14.22 42.03
C ILE D 354 -5.20 13.78 43.24
N LEU D 355 -6.13 14.63 43.68
CA LEU D 355 -6.96 14.28 44.83
C LEU D 355 -7.84 13.08 44.52
N THR D 356 -8.45 13.05 43.34
CA THR D 356 -9.29 11.91 42.96
C THR D 356 -8.48 10.63 42.93
N CYS D 357 -7.29 10.67 42.33
CA CYS D 357 -6.45 9.48 42.27
C CYS D 357 -6.02 9.04 43.66
N SER D 358 -5.69 9.98 44.54
CA SER D 358 -5.28 9.63 45.89
C SER D 358 -6.42 8.96 46.65
N LEU D 359 -7.64 9.49 46.54
CA LEU D 359 -8.77 8.86 47.20
C LEU D 359 -9.03 7.47 46.67
N SER D 360 -8.96 7.30 45.34
CA SER D 360 -9.14 5.98 44.76
C SER D 360 -8.08 5.02 45.27
N PHE D 361 -6.83 5.48 45.35
CA PHE D 361 -5.76 4.64 45.86
C PHE D 361 -6.02 4.22 47.30
N LEU D 362 -6.46 5.15 48.13
CA LEU D 362 -6.73 4.82 49.53
C LEU D 362 -7.83 3.76 49.65
N LEU D 363 -8.92 3.96 48.91
CA LEU D 363 -10.02 3.00 49.00
C LEU D 363 -9.61 1.62 48.48
N CYS D 364 -8.88 1.58 47.36
CA CYS D 364 -8.45 0.30 46.82
C CYS D 364 -7.46 -0.39 47.76
N ALA D 365 -6.57 0.37 48.40
CA ALA D 365 -5.67 -0.22 49.37
C ALA D 365 -6.43 -0.79 50.56
N ARG D 366 -7.46 -0.08 51.02
CA ARG D 366 -8.29 -0.61 52.10
C ARG D 366 -8.95 -1.92 51.69
N SER D 367 -9.49 -1.98 50.47
CA SER D 367 -10.12 -3.21 50.01
C SER D 367 -9.12 -4.35 49.92
N LEU D 368 -7.91 -4.07 49.41
CA LEU D 368 -6.90 -5.11 49.30
C LEU D 368 -6.47 -5.61 50.68
N LEU D 369 -6.34 -4.70 51.65
CA LEU D 369 -6.00 -5.12 53.01
C LEU D 369 -7.10 -5.99 53.60
N ARG D 370 -8.35 -5.61 53.38
CA ARG D 370 -9.46 -6.44 53.86
C ARG D 370 -9.39 -7.83 53.24
N GLY D 371 -9.11 -7.91 51.94
CA GLY D 371 -8.97 -9.21 51.30
C GLY D 371 -7.85 -10.03 51.89
N PHE D 372 -6.72 -9.38 52.17
CA PHE D 372 -5.58 -10.09 52.76
C PHE D 372 -5.95 -10.64 54.14
N LEU D 373 -6.60 -9.83 54.97
CA LEU D 373 -6.97 -10.28 56.30
C LEU D 373 -7.97 -11.43 56.24
N LEU D 374 -8.96 -11.34 55.34
CA LEU D 374 -9.92 -12.42 55.20
C LEU D 374 -9.25 -13.70 54.71
N GLN D 375 -8.28 -13.57 53.79
CA GLN D 375 -7.54 -14.72 53.34
C GLN D 375 -6.77 -15.37 54.49
N ASN D 376 -6.14 -14.56 55.33
CA ASN D 376 -5.43 -15.11 56.47
C ASN D 376 -6.38 -15.84 57.41
N GLU D 377 -7.55 -15.25 57.67
CA GLU D 377 -8.53 -15.91 58.52
C GLU D 377 -8.97 -17.24 57.94
N PHE D 378 -9.24 -17.28 56.63
CA PHE D 378 -9.68 -18.52 56.01
C PHE D 378 -8.60 -19.58 56.07
N VAL D 379 -7.35 -19.20 55.83
CA VAL D 379 -6.26 -20.18 55.90
C VAL D 379 -6.13 -20.72 57.31
N GLY D 380 -6.20 -19.84 58.31
CA GLY D 380 -6.14 -20.30 59.69
C GLY D 380 -7.28 -21.26 60.02
N PHE D 381 -8.49 -20.93 59.57
CA PHE D 381 -9.64 -21.79 59.84
C PHE D 381 -9.47 -23.15 59.18
N MET D 382 -9.00 -23.18 57.94
CA MET D 382 -8.86 -24.45 57.24
C MET D 382 -7.76 -25.30 57.85
N TRP D 383 -6.64 -24.68 58.24
CA TRP D 383 -5.57 -25.45 58.86
C TRP D 383 -6.03 -26.08 60.17
N ARG D 384 -6.77 -25.33 60.98
CA ARG D 384 -7.34 -25.85 62.21
C ARG D 384 -8.37 -26.93 61.90
N LEU D 392 -1.33 -22.10 46.81
CA LEU D 392 -1.19 -20.68 46.51
C LEU D 392 -2.28 -20.22 45.52
N TRP D 393 -2.59 -21.08 44.55
CA TRP D 393 -3.57 -20.72 43.54
C TRP D 393 -4.93 -20.42 44.18
N GLU D 394 -5.30 -21.19 45.20
CA GLU D 394 -6.54 -20.92 45.91
C GLU D 394 -6.42 -19.71 46.83
N ARG D 395 -5.22 -19.42 47.31
CA ARG D 395 -5.03 -18.24 48.15
C ARG D 395 -5.23 -16.95 47.36
N LEU D 396 -4.58 -16.83 46.20
CA LEU D 396 -4.70 -15.62 45.41
C LEU D 396 -6.11 -15.39 44.89
N GLU D 397 -7.03 -16.33 45.13
CA GLU D 397 -8.44 -16.08 44.83
C GLU D 397 -8.98 -14.91 45.64
N PHE D 398 -8.33 -14.56 46.75
CA PHE D 398 -8.74 -13.40 47.53
C PHE D 398 -8.20 -12.09 46.99
N VAL D 399 -7.38 -12.13 45.93
CA VAL D 399 -6.79 -10.93 45.35
C VAL D 399 -7.71 -10.44 44.24
N ASN D 400 -8.02 -9.14 44.27
CA ASN D 400 -8.87 -8.51 43.25
C ASN D 400 -7.96 -7.80 42.25
N GLY D 401 -7.64 -8.50 41.16
CA GLY D 401 -6.73 -7.93 40.17
C GLY D 401 -7.21 -6.61 39.60
N TRP D 402 -8.53 -6.40 39.57
CA TRP D 402 -9.04 -5.12 39.11
C TRP D 402 -8.57 -3.99 40.01
N TYR D 403 -8.51 -4.22 41.32
CA TYR D 403 -8.03 -3.21 42.24
C TYR D 403 -6.52 -3.01 42.13
N ILE D 404 -5.78 -4.06 41.79
CA ILE D 404 -4.36 -3.89 41.49
C ILE D 404 -4.20 -2.98 40.27
N LEU D 405 -5.02 -3.20 39.25
CA LEU D 405 -4.99 -2.34 38.07
C LEU D 405 -5.33 -0.91 38.44
N LEU D 406 -6.34 -0.72 39.29
CA LEU D 406 -6.74 0.63 39.69
C LEU D 406 -5.62 1.33 40.46
N VAL D 407 -4.96 0.60 41.37
CA VAL D 407 -3.86 1.18 42.14
C VAL D 407 -2.72 1.58 41.21
N THR D 408 -2.38 0.71 40.25
CA THR D 408 -1.33 1.04 39.30
C THR D 408 -1.69 2.28 38.50
N SER D 409 -2.94 2.36 38.03
CA SER D 409 -3.36 3.54 37.26
C SER D 409 -3.30 4.80 38.11
N ASP D 410 -3.69 4.71 39.39
CA ASP D 410 -3.63 5.87 40.27
C ASP D 410 -2.20 6.35 40.45
N VAL D 411 -1.27 5.41 40.68
CA VAL D 411 0.13 5.79 40.86
C VAL D 411 0.67 6.44 39.60
N LEU D 412 0.39 5.83 38.44
CA LEU D 412 0.88 6.38 37.18
C LEU D 412 0.30 7.76 36.93
N THR D 413 -0.99 7.95 37.22
CA THR D 413 -1.61 9.25 36.98
C THR D 413 -1.05 10.32 37.89
N ILE D 414 -0.83 9.98 39.17
CA ILE D 414 -0.27 10.97 40.09
C ILE D 414 1.13 11.37 39.66
N SER D 415 1.96 10.39 39.29
CA SER D 415 3.31 10.70 38.83
C SER D 415 3.28 11.56 37.57
N GLY D 416 2.45 11.19 36.61
CA GLY D 416 2.36 11.96 35.38
C GLY D 416 1.83 13.36 35.61
N THR D 417 0.90 13.51 36.55
CA THR D 417 0.36 14.84 36.86
C THR D 417 1.42 15.73 37.50
N ILE D 418 2.22 15.17 38.42
CA ILE D 418 3.30 15.96 39.00
C ILE D 418 4.30 16.37 37.93
N MET D 419 4.66 15.43 37.05
CA MET D 419 5.60 15.76 35.98
C MET D 419 5.02 16.82 35.05
N LYS D 420 3.72 16.72 34.76
CA LYS D 420 3.07 17.70 33.88
C LYS D 420 3.03 19.08 34.53
N ILE D 421 2.76 19.14 35.83
CA ILE D 421 2.80 20.43 36.53
C ILE D 421 4.18 21.03 36.43
N GLY D 422 5.22 20.20 36.66
CA GLY D 422 6.58 20.71 36.50
C GLY D 422 6.87 21.20 35.10
N ILE D 423 6.42 20.45 34.09
CA ILE D 423 6.70 20.80 32.71
C ILE D 423 6.04 22.12 32.34
N GLU D 424 4.77 22.28 32.71
CA GLU D 424 4.01 23.46 32.29
C GLU D 424 4.48 24.73 32.99
N ALA D 425 5.27 24.62 34.04
CA ALA D 425 5.92 25.77 34.66
C ALA D 425 7.32 26.01 34.11
N LYS D 426 7.75 25.22 33.13
CA LYS D 426 9.06 25.30 32.47
C LYS D 426 10.19 24.81 33.38
N ASN D 427 9.87 24.12 34.48
CA ASN D 427 10.89 23.56 35.34
C ASN D 427 11.33 22.16 34.92
N LEU D 428 10.65 21.55 33.96
CA LEU D 428 10.98 20.22 33.49
C LEU D 428 10.85 20.18 31.98
N ALA D 429 11.53 19.19 31.37
CA ALA D 429 11.50 19.04 29.92
C ALA D 429 11.34 17.59 29.49
N SER D 430 10.88 16.71 30.39
CA SER D 430 10.73 15.29 30.09
C SER D 430 9.30 15.04 29.61
N TYR D 431 9.05 15.45 28.36
CA TYR D 431 7.70 15.29 27.80
C TYR D 431 7.40 13.83 27.48
N ASP D 432 8.41 13.08 27.05
CA ASP D 432 8.17 11.69 26.67
C ASP D 432 7.72 10.85 27.86
N VAL D 433 8.43 10.98 28.99
CA VAL D 433 8.09 10.18 30.17
C VAL D 433 6.70 10.56 30.69
N CYS D 434 6.41 11.86 30.77
CA CYS D 434 5.10 12.29 31.25
C CYS D 434 4.00 11.78 30.33
N SER D 435 4.19 11.90 29.01
CA SER D 435 3.19 11.44 28.08
C SER D 435 2.97 9.94 28.19
N ILE D 436 4.06 9.18 28.34
CA ILE D 436 3.93 7.73 28.46
C ILE D 436 3.16 7.38 29.72
N LEU D 437 3.49 8.03 30.84
CA LEU D 437 2.79 7.74 32.09
C LEU D 437 1.31 8.04 31.97
N LEU D 438 0.97 9.22 31.47
CA LEU D 438 -0.43 9.61 31.39
C LEU D 438 -1.20 8.74 30.41
N GLY D 439 -0.61 8.43 29.26
CA GLY D 439 -1.29 7.57 28.30
C GLY D 439 -1.51 6.16 28.82
N THR D 440 -0.50 5.60 29.49
CA THR D 440 -0.66 4.28 30.07
C THR D 440 -1.74 4.26 31.14
N SER D 441 -1.77 5.29 31.99
CA SER D 441 -2.81 5.34 33.02
C SER D 441 -4.19 5.49 32.40
N THR D 442 -4.33 6.30 31.35
CA THR D 442 -5.62 6.44 30.69
C THR D 442 -6.06 5.13 30.06
N LEU D 443 -5.14 4.43 29.40
CA LEU D 443 -5.46 3.12 28.85
C LEU D 443 -5.92 2.17 29.94
N LEU D 444 -5.24 2.16 31.09
CA LEU D 444 -5.61 1.26 32.17
C LEU D 444 -6.99 1.59 32.72
N VAL D 445 -7.29 2.87 32.94
CA VAL D 445 -8.58 3.22 33.51
C VAL D 445 -9.70 2.89 32.51
N TRP D 446 -9.45 3.06 31.22
CA TRP D 446 -10.47 2.71 30.24
C TRP D 446 -10.65 1.19 30.12
N VAL D 447 -9.57 0.43 30.29
CA VAL D 447 -9.69 -1.03 30.29
C VAL D 447 -10.42 -1.52 31.53
N GLY D 448 -10.31 -0.78 32.64
CA GLY D 448 -10.97 -1.18 33.87
C GLY D 448 -12.48 -1.21 33.80
N VAL D 449 -13.08 -0.61 32.76
CA VAL D 449 -14.53 -0.60 32.64
C VAL D 449 -15.09 -2.00 32.39
N ILE D 450 -14.26 -2.95 31.93
CA ILE D 450 -14.73 -4.31 31.67
C ILE D 450 -15.22 -4.96 32.95
N ARG D 451 -14.72 -4.51 34.11
CA ARG D 451 -15.18 -5.08 35.37
C ARG D 451 -16.67 -4.90 35.53
N TYR D 452 -17.20 -3.72 35.17
CA TYR D 452 -18.63 -3.47 35.30
C TYR D 452 -19.43 -4.34 34.34
N LEU D 453 -18.90 -4.58 33.14
CA LEU D 453 -19.60 -5.43 32.19
C LEU D 453 -19.60 -6.89 32.64
N THR D 454 -18.60 -7.31 33.41
CA THR D 454 -18.57 -8.70 33.86
C THR D 454 -19.72 -9.02 34.82
N PHE D 455 -20.42 -8.01 35.34
CA PHE D 455 -21.53 -8.26 36.25
C PHE D 455 -22.83 -8.60 35.52
N PHE D 456 -22.84 -8.57 34.20
CA PHE D 456 -24.02 -8.90 33.40
C PHE D 456 -23.74 -10.15 32.60
N HIS D 457 -24.69 -11.08 32.61
CA HIS D 457 -24.43 -12.43 32.12
C HIS D 457 -24.06 -12.43 30.64
N ASN D 458 -24.78 -11.65 29.82
CA ASN D 458 -24.57 -11.70 28.37
C ASN D 458 -23.18 -11.20 28.00
N TYR D 459 -22.72 -10.14 28.65
CA TYR D 459 -21.37 -9.62 28.38
C TYR D 459 -20.30 -10.50 29.04
N ASN D 460 -20.61 -11.01 30.24
CA ASN D 460 -19.69 -11.90 30.92
C ASN D 460 -19.42 -13.16 30.10
N ILE D 461 -20.38 -13.59 29.29
CA ILE D 461 -20.15 -14.75 28.44
C ILE D 461 -18.94 -14.49 27.52
N LEU D 462 -18.94 -13.35 26.84
CA LEU D 462 -17.85 -13.04 25.93
C LEU D 462 -16.53 -12.80 26.67
N ILE D 463 -16.60 -12.07 27.79
CA ILE D 463 -15.38 -11.80 28.55
C ILE D 463 -14.76 -13.11 29.05
N ALA D 464 -15.59 -14.02 29.56
CA ALA D 464 -15.11 -15.31 30.02
C ALA D 464 -14.60 -16.16 28.87
N THR D 465 -15.21 -16.04 27.68
CA THR D 465 -14.66 -16.73 26.51
C THR D 465 -13.21 -16.30 26.28
N LEU D 466 -12.96 -14.99 26.26
CA LEU D 466 -11.60 -14.52 26.07
C LEU D 466 -10.68 -14.99 27.20
N ARG D 467 -11.16 -14.93 28.44
CA ARG D 467 -10.33 -15.33 29.57
C ARG D 467 -9.94 -16.79 29.50
N VAL D 468 -10.87 -17.67 29.14
N VAL D 468 -10.89 -17.66 29.15
CA VAL D 468 -10.53 -19.09 29.07
CA VAL D 468 -10.61 -19.09 29.03
C VAL D 468 -9.74 -19.42 27.81
C VAL D 468 -9.72 -19.38 27.83
N ALA D 469 -9.84 -18.59 26.76
CA ALA D 469 -9.01 -18.81 25.59
C ALA D 469 -7.56 -18.42 25.83
N LEU D 470 -7.31 -17.40 26.66
CA LEU D 470 -5.98 -16.81 26.76
C LEU D 470 -4.85 -17.82 27.03
N PRO D 471 -4.97 -18.78 27.96
CA PRO D 471 -3.82 -19.64 28.27
C PRO D 471 -3.33 -20.47 27.09
N SER D 472 -4.24 -21.14 26.38
CA SER D 472 -3.83 -21.92 25.22
C SER D 472 -3.29 -21.02 24.11
N VAL D 473 -3.83 -19.81 23.99
CA VAL D 473 -3.30 -18.85 23.02
C VAL D 473 -1.85 -18.52 23.33
N MET D 474 -1.55 -18.30 24.61
CA MET D 474 -0.17 -17.98 24.99
C MET D 474 0.76 -19.18 24.79
N ARG D 475 0.28 -20.39 25.10
CA ARG D 475 1.10 -21.57 24.85
C ARG D 475 1.39 -21.74 23.35
N PHE D 476 0.38 -21.51 22.51
CA PHE D 476 0.62 -21.59 21.07
C PHE D 476 1.57 -20.49 20.61
N CYS D 477 1.50 -19.31 21.23
CA CYS D 477 2.49 -18.27 20.94
C CYS D 477 3.89 -18.74 21.28
N CYS D 478 4.04 -19.44 22.41
CA CYS D 478 5.34 -20.01 22.75
C CYS D 478 5.81 -20.98 21.68
N CYS D 479 4.89 -21.83 21.20
CA CYS D 479 5.26 -22.77 20.14
C CYS D 479 5.68 -22.05 18.87
N VAL D 480 4.98 -20.98 18.51
CA VAL D 480 5.21 -20.29 17.24
C VAL D 480 6.43 -19.38 17.28
N ALA D 481 6.85 -18.95 18.47
CA ALA D 481 7.93 -17.96 18.57
C ALA D 481 9.24 -18.51 18.04
N VAL D 482 9.52 -19.80 18.27
CA VAL D 482 10.79 -20.36 17.83
C VAL D 482 10.87 -20.38 16.30
N ILE D 483 9.78 -20.79 15.64
CA ILE D 483 9.75 -20.77 14.18
C ILE D 483 9.89 -19.35 13.68
N TYR D 484 9.18 -18.41 14.31
CA TYR D 484 9.27 -17.02 13.89
C TYR D 484 10.69 -16.49 14.02
N LEU D 485 11.36 -16.81 15.11
CA LEU D 485 12.73 -16.32 15.32
C LEU D 485 13.70 -16.95 14.33
N GLY D 486 13.55 -18.25 14.07
CA GLY D 486 14.39 -18.87 13.06
C GLY D 486 14.24 -18.21 11.70
N TYR D 487 13.00 -17.95 11.31
CA TYR D 487 12.76 -17.25 10.05
C TYR D 487 13.36 -15.86 10.07
N CYS D 488 13.23 -15.15 11.20
CA CYS D 488 13.81 -13.80 11.30
C CYS D 488 15.31 -13.83 11.07
N PHE D 489 16.02 -14.72 11.77
CA PHE D 489 17.47 -14.80 11.62
C PHE D 489 17.86 -15.18 10.19
N CYS D 490 17.18 -16.18 9.63
CA CYS D 490 17.51 -16.61 8.27
C CYS D 490 17.30 -15.47 7.26
N GLY D 491 16.16 -14.79 7.36
CA GLY D 491 15.90 -13.71 6.43
C GLY D 491 16.88 -12.56 6.60
N TRP D 492 17.22 -12.22 7.83
CA TRP D 492 18.20 -11.16 8.05
C TRP D 492 19.54 -11.51 7.44
N ILE D 493 20.01 -12.74 7.63
CA ILE D 493 21.35 -13.09 7.16
C ILE D 493 21.38 -13.22 5.65
N VAL D 494 20.32 -13.76 5.04
CA VAL D 494 20.35 -14.04 3.60
C VAL D 494 19.91 -12.84 2.79
N LEU D 495 18.75 -12.26 3.11
CA LEU D 495 18.17 -11.19 2.30
C LEU D 495 18.61 -9.80 2.73
N GLY D 496 19.31 -9.67 3.85
CA GLY D 496 19.72 -8.38 4.34
C GLY D 496 20.55 -7.60 3.36
N PRO D 497 21.54 -8.25 2.74
CA PRO D 497 22.36 -7.55 1.74
C PRO D 497 21.58 -7.04 0.55
N TYR D 498 20.45 -7.66 0.20
CA TYR D 498 19.76 -7.37 -1.04
C TYR D 498 18.43 -6.67 -0.87
N HIS D 499 17.81 -6.74 0.30
CA HIS D 499 16.47 -6.21 0.52
C HIS D 499 16.52 -5.08 1.53
N VAL D 500 15.93 -3.94 1.17
CA VAL D 500 15.94 -2.79 2.06
C VAL D 500 15.14 -3.07 3.33
N LYS D 501 14.15 -3.95 3.25
CA LYS D 501 13.30 -4.26 4.39
C LYS D 501 13.90 -5.31 5.32
N PHE D 502 15.07 -5.85 5.00
CA PHE D 502 15.72 -6.88 5.82
C PHE D 502 17.06 -6.41 6.37
N ARG D 503 17.26 -5.11 6.52
CA ARG D 503 18.56 -4.59 6.90
C ARG D 503 18.85 -4.78 8.39
N SER D 504 17.83 -4.77 9.23
CA SER D 504 17.99 -4.95 10.67
C SER D 504 16.98 -5.96 11.17
N LEU D 505 17.34 -6.64 12.26
CA LEU D 505 16.48 -7.69 12.79
C LEU D 505 15.11 -7.15 13.22
N SER D 506 15.08 -5.96 13.82
CA SER D 506 13.80 -5.35 14.14
C SER D 506 13.01 -5.05 12.87
N MET D 507 13.68 -4.55 11.83
CA MET D 507 13.00 -4.33 10.55
C MET D 507 12.53 -5.66 9.95
N VAL D 508 13.33 -6.71 10.07
CA VAL D 508 12.92 -8.02 9.56
C VAL D 508 11.67 -8.50 10.29
N SER D 509 11.64 -8.33 11.61
CA SER D 509 10.48 -8.75 12.38
C SER D 509 9.25 -7.94 11.99
N GLU D 510 9.41 -6.64 11.79
CA GLU D 510 8.27 -5.81 11.37
C GLU D 510 7.75 -6.25 10.01
N CYS D 511 8.67 -6.51 9.07
CA CYS D 511 8.27 -6.96 7.74
C CYS D 511 7.54 -8.30 7.81
N LEU D 512 8.06 -9.24 8.57
CA LEU D 512 7.43 -10.56 8.66
C LEU D 512 6.06 -10.46 9.34
N PHE D 513 5.95 -9.65 10.38
CA PHE D 513 4.67 -9.48 11.06
C PHE D 513 3.64 -8.85 10.13
N SER D 514 4.05 -7.86 9.33
CA SER D 514 3.13 -7.27 8.37
C SER D 514 2.74 -8.28 7.30
N LEU D 515 3.69 -9.12 6.87
CA LEU D 515 3.37 -10.14 5.88
C LEU D 515 2.35 -11.13 6.42
N ILE D 516 2.49 -11.53 7.69
CA ILE D 516 1.56 -12.47 8.27
C ILE D 516 0.14 -11.95 8.21
N ASN D 517 -0.03 -10.62 8.25
CA ASN D 517 -1.34 -9.99 8.25
C ASN D 517 -1.73 -9.45 6.88
N GLY D 518 -1.03 -9.88 5.82
CA GLY D 518 -1.39 -9.50 4.48
C GLY D 518 -1.16 -8.05 4.13
N ASP D 519 0.01 -7.51 4.46
CA ASP D 519 0.35 -6.13 4.14
C ASP D 519 1.72 -6.09 3.49
N ASP D 520 1.83 -5.34 2.39
CA ASP D 520 3.10 -5.08 1.71
C ASP D 520 3.72 -6.35 1.14
N MET D 521 2.89 -7.31 0.74
CA MET D 521 3.40 -8.56 0.19
C MET D 521 4.04 -8.35 -1.18
N PHE D 522 3.34 -7.66 -2.07
CA PHE D 522 3.81 -7.58 -3.46
C PHE D 522 5.07 -6.75 -3.57
N VAL D 523 5.19 -5.67 -2.80
CA VAL D 523 6.41 -4.88 -2.84
C VAL D 523 7.59 -5.70 -2.33
N THR D 524 7.35 -6.52 -1.32
CA THR D 524 8.41 -7.41 -0.83
C THR D 524 8.85 -8.37 -1.91
N PHE D 525 7.91 -8.96 -2.65
CA PHE D 525 8.28 -9.84 -3.74
C PHE D 525 9.00 -9.09 -4.86
N ALA D 526 8.53 -7.88 -5.17
CA ALA D 526 9.07 -7.14 -6.31
C ALA D 526 10.46 -6.61 -6.04
N ALA D 527 10.78 -6.28 -4.80
CA ALA D 527 12.14 -5.85 -4.48
C ALA D 527 13.14 -6.94 -4.83
N MET D 528 12.81 -8.20 -4.54
CA MET D 528 13.68 -9.31 -4.94
C MET D 528 13.61 -9.55 -6.43
N GLN D 529 12.43 -9.41 -7.03
CA GLN D 529 12.31 -9.56 -8.47
C GLN D 529 13.23 -8.61 -9.22
N ALA D 530 13.44 -7.41 -8.66
CA ALA D 530 14.27 -6.41 -9.31
C ALA D 530 15.73 -6.84 -9.44
N GLN D 531 16.12 -7.99 -8.87
CA GLN D 531 17.49 -8.47 -8.95
C GLN D 531 17.53 -9.97 -9.21
N GLN D 532 16.56 -10.49 -9.96
CA GLN D 532 16.56 -11.92 -10.28
C GLN D 532 17.77 -12.30 -11.11
N GLY D 533 18.10 -11.50 -12.13
CA GLY D 533 19.20 -11.86 -13.01
C GLY D 533 20.55 -11.88 -12.32
N ARG D 534 20.75 -10.95 -11.38
CA ARG D 534 22.05 -10.84 -10.71
C ARG D 534 22.44 -12.16 -10.06
N SER D 535 21.66 -12.60 -9.07
CA SER D 535 21.92 -13.84 -8.34
C SER D 535 20.69 -14.72 -8.42
N SER D 536 20.76 -15.78 -9.22
CA SER D 536 19.63 -16.70 -9.35
C SER D 536 19.43 -17.52 -8.09
N LEU D 537 20.53 -17.91 -7.43
CA LEU D 537 20.43 -18.70 -6.21
C LEU D 537 19.71 -17.92 -5.12
N VAL D 538 20.09 -16.65 -4.95
CA VAL D 538 19.46 -15.82 -3.93
C VAL D 538 17.99 -15.61 -4.25
N TRP D 539 17.66 -15.42 -5.54
CA TRP D 539 16.27 -15.22 -5.92
C TRP D 539 15.44 -16.47 -5.64
N LEU D 540 15.96 -17.64 -5.98
CA LEU D 540 15.23 -18.88 -5.69
C LEU D 540 15.05 -19.08 -4.20
N PHE D 541 16.10 -18.80 -3.42
CA PHE D 541 15.98 -18.91 -1.97
C PHE D 541 14.93 -17.96 -1.43
N SER D 542 14.90 -16.72 -1.94
CA SER D 542 13.91 -15.76 -1.48
C SER D 542 12.50 -16.22 -1.84
N GLN D 543 12.31 -16.78 -3.03
CA GLN D 543 11.02 -17.32 -3.41
C GLN D 543 10.57 -18.38 -2.42
N LEU D 544 11.42 -19.38 -2.18
CA LEU D 544 11.06 -20.45 -1.26
C LEU D 544 10.78 -19.90 0.13
N TYR D 545 11.64 -19.02 0.61
CA TYR D 545 11.53 -18.46 1.95
C TYR D 545 10.20 -17.72 2.13
N LEU D 546 9.92 -16.77 1.23
CA LEU D 546 8.72 -15.96 1.37
C LEU D 546 7.46 -16.81 1.23
N TYR D 547 7.41 -17.67 0.21
CA TYR D 547 6.23 -18.47 0.01
C TYR D 547 5.96 -19.38 1.20
N SER D 548 6.99 -20.09 1.66
CA SER D 548 6.80 -21.02 2.77
C SER D 548 6.36 -20.28 4.03
N PHE D 549 7.02 -19.16 4.35
CA PHE D 549 6.67 -18.44 5.56
C PHE D 549 5.24 -17.95 5.51
N ILE D 550 4.86 -17.28 4.42
CA ILE D 550 3.51 -16.71 4.35
C ILE D 550 2.46 -17.81 4.40
N SER D 551 2.66 -18.88 3.63
CA SER D 551 1.68 -19.96 3.63
C SER D 551 1.54 -20.59 5.01
N LEU D 552 2.67 -20.93 5.65
CA LEU D 552 2.62 -21.57 6.95
C LEU D 552 1.92 -20.68 7.98
N PHE D 553 2.26 -19.40 8.00
CA PHE D 553 1.73 -18.56 9.07
C PHE D 553 0.30 -18.09 8.82
N ILE D 554 -0.14 -17.99 7.56
CA ILE D 554 -1.51 -17.54 7.30
C ILE D 554 -2.48 -18.72 7.29
N TYR D 555 -2.13 -19.83 6.65
CA TYR D 555 -3.09 -20.91 6.46
C TYR D 555 -3.09 -21.93 7.59
N MET D 556 -2.16 -21.86 8.53
CA MET D 556 -2.11 -22.83 9.62
C MET D 556 -2.07 -22.22 11.01
N VAL D 557 -1.37 -21.09 11.18
CA VAL D 557 -1.22 -20.51 12.51
C VAL D 557 -2.43 -19.68 12.89
N LEU D 558 -2.83 -18.75 12.00
CA LEU D 558 -4.02 -17.95 12.27
C LEU D 558 -5.26 -18.83 12.32
N SER D 559 -5.30 -19.87 11.49
CA SER D 559 -6.41 -20.82 11.56
C SER D 559 -6.48 -21.48 12.93
N LEU D 560 -5.33 -21.83 13.50
CA LEU D 560 -5.34 -22.44 14.81
C LEU D 560 -5.72 -21.45 15.91
N PHE D 561 -5.35 -20.18 15.76
CA PHE D 561 -5.84 -19.17 16.69
C PHE D 561 -7.37 -19.10 16.64
N ILE D 562 -7.93 -19.09 15.43
CA ILE D 562 -9.38 -19.05 15.27
C ILE D 562 -10.00 -20.29 15.92
N ALA D 563 -9.39 -21.46 15.71
CA ALA D 563 -9.93 -22.69 16.27
C ALA D 563 -9.89 -22.67 17.79
N LEU D 564 -8.82 -22.14 18.37
CA LEU D 564 -8.73 -22.04 19.82
C LEU D 564 -9.82 -21.15 20.38
N ILE D 565 -10.04 -20.00 19.75
CA ILE D 565 -11.09 -19.09 20.22
C ILE D 565 -12.46 -19.74 20.08
N THR D 566 -12.69 -20.43 18.96
CA THR D 566 -13.97 -21.09 18.75
C THR D 566 -14.22 -22.19 19.78
N GLY D 567 -13.19 -22.97 20.10
CA GLY D 567 -13.33 -23.98 21.12
C GLY D 567 -13.62 -23.40 22.49
N ALA D 568 -12.93 -22.30 22.84
CA ALA D 568 -13.21 -21.64 24.10
C ALA D 568 -14.66 -21.15 24.16
N TYR D 569 -15.13 -20.53 23.08
CA TYR D 569 -16.51 -20.07 23.05
C TYR D 569 -17.50 -21.22 23.18
N ASP D 570 -17.21 -22.33 22.49
CA ASP D 570 -18.11 -23.49 22.57
C ASP D 570 -18.16 -24.04 23.99
N THR D 571 -17.01 -24.12 24.66
CA THR D 571 -16.99 -24.61 26.03
C THR D 571 -17.75 -23.68 26.96
N ILE D 572 -17.62 -22.37 26.76
CA ILE D 572 -18.31 -21.43 27.65
C ILE D 572 -19.81 -21.54 27.50
N LYS D 573 -20.31 -21.81 26.29
CA LYS D 573 -21.74 -21.91 26.03
C LYS D 573 -22.34 -23.22 26.50
N HIS D 574 -21.63 -24.00 27.30
CA HIS D 574 -22.13 -25.27 27.81
C HIS D 574 -21.73 -25.45 29.27
#